data_4OL8
#
_entry.id   4OL8
#
_cell.length_a   320.700
_cell.length_b   75.062
_cell.length_c   108.350
_cell.angle_alpha   90.00
_cell.angle_beta   90.00
_cell.angle_gamma   90.00
#
_symmetry.space_group_name_H-M   'P 21 21 2'
#
loop_
_entity.id
_entity.type
_entity.pdbx_description
1 polymer 'Reverse transcriptase/ribonuclease H'
2 polymer "5'-R(*CP*UP*GP*AP*GP*AP*GP*AP*GP*AP*GP*GP*AP*AP*GP*AP*UP*G)-3'"
3 polymer "5'-D(*CP*AP*TP*CP*TP*TP*CP*CP*TP*CP*TP*CP*TP*CP*TP*C)-3'"
4 non-polymer 'SULFATE ION'
5 water water
#
loop_
_entity_poly.entity_id
_entity_poly.type
_entity_poly.pdbx_seq_one_letter_code
_entity_poly.pdbx_strand_id
1 'polypeptide(L)'
;GPTIQSVEPNATDHSNKDTFCTLPVWLQQKYREIIRNDLPPRPADINNIPVKHDIEIKPGARLPRLQPYHVTEKNEQEIN
KIVQKLLDNKFIVPSKSPCSSPVVLVPKKDGTFRLCVDYRTLNKATISDPFPLPRIDNLLSRIGNAQIFTTLDLHSGYHQ
IP(MSE)EPKDRYKTAFVTPSGKYEYTV(MSE)PFGLVNAPSTFARY(MSE)ADTFRDLRFVNVYLDDILIFSESPEEHW
KHLDTVLERLKNENLIVKKKKCKFASEETEFLGYSIGIQKIAPLQHKCAAIRDFPTPKTVKQAQRFLG(MSE)INYYRRF
IPNCSKIAQPIQLFICDKSQWTEKQDKAIDKLKDALCNSPVLVPFNNKANYRLTTDASKDGIGAVLEEVDNKNKLVGVVG
YFSKSLESAQKNYPAGELELLGIIKALHHFRY(MSE)LHGKHFTLRTNHISLLSLQNKNEPARRVQRWLDDLATYDFTLE
YLAGPKNVVADAISRAVY
;
A,B,F,E
2 'polyribonucleotide' CUGAGAGAGAGGAAGAUG C,G
3 'polydeoxyribonucleotide' (DC)(DA)(DT)(DC)(DT)(DT)(DC)(DC)(DT)(DC)(DT)(DC)(DT)(DC)(DT)(DC) D,H
#
loop_
_chem_comp.id
_chem_comp.type
_chem_comp.name
_chem_comp.formula
A RNA linking ADENOSINE-5'-MONOPHOSPHATE 'C10 H14 N5 O7 P'
C RNA linking CYTIDINE-5'-MONOPHOSPHATE 'C9 H14 N3 O8 P'
DA DNA linking 2'-DEOXYADENOSINE-5'-MONOPHOSPHATE 'C10 H14 N5 O6 P'
DC DNA linking 2'-DEOXYCYTIDINE-5'-MONOPHOSPHATE 'C9 H14 N3 O7 P'
DT DNA linking THYMIDINE-5'-MONOPHOSPHATE 'C10 H15 N2 O8 P'
G RNA linking GUANOSINE-5'-MONOPHOSPHATE 'C10 H14 N5 O8 P'
SO4 non-polymer 'SULFATE ION' 'O4 S -2'
U RNA linking URIDINE-5'-MONOPHOSPHATE 'C9 H13 N2 O9 P'
#
# COMPACT_ATOMS: atom_id res chain seq x y z
N PRO A 24 -57.02 42.83 -25.74
CA PRO A 24 -55.79 43.17 -26.47
C PRO A 24 -55.92 44.51 -27.17
N VAL A 25 -56.77 45.38 -26.63
CA VAL A 25 -57.06 46.66 -27.27
C VAL A 25 -55.87 47.64 -27.19
N TRP A 26 -55.43 47.96 -25.97
CA TRP A 26 -54.36 48.95 -25.80
C TRP A 26 -52.98 48.43 -26.20
N LEU A 27 -52.69 47.19 -25.82
CA LEU A 27 -51.41 46.55 -26.11
C LEU A 27 -51.12 46.58 -27.59
N GLN A 28 -52.17 46.40 -28.38
CA GLN A 28 -52.08 46.39 -29.83
C GLN A 28 -51.54 47.71 -30.33
N GLN A 29 -51.92 48.80 -29.65
CA GLN A 29 -51.42 50.11 -30.01
C GLN A 29 -49.96 50.28 -29.59
N LYS A 30 -49.66 49.93 -28.34
CA LYS A 30 -48.35 50.17 -27.75
C LYS A 30 -47.18 49.43 -28.41
N TYR A 31 -47.31 48.11 -28.54
CA TYR A 31 -46.16 47.30 -28.97
C TYR A 31 -46.25 46.78 -30.41
N ARG A 32 -47.14 47.39 -31.20
CA ARG A 32 -47.23 47.08 -32.63
C ARG A 32 -45.91 47.42 -33.31
N GLU A 33 -45.16 48.33 -32.67
CA GLU A 33 -43.84 48.73 -33.15
C GLU A 33 -42.81 47.61 -33.00
N ILE A 34 -43.04 46.69 -32.06
CA ILE A 34 -42.09 45.61 -31.80
C ILE A 34 -42.66 44.23 -32.10
N ILE A 35 -43.98 44.14 -32.21
CA ILE A 35 -44.65 42.89 -32.59
C ILE A 35 -44.85 42.88 -34.12
N ARG A 36 -43.75 43.08 -34.83
CA ARG A 36 -43.79 43.39 -36.25
C ARG A 36 -42.85 42.53 -37.07
N ASN A 37 -43.40 41.65 -37.91
CA ASN A 37 -42.60 40.83 -38.84
C ASN A 37 -41.62 41.60 -39.70
N ASP A 38 -40.44 41.00 -39.89
CA ASP A 38 -39.23 41.66 -40.41
C ASP A 38 -38.62 42.64 -39.39
N LEU A 39 -37.30 42.75 -39.42
CA LEU A 39 -36.58 43.53 -38.41
C LEU A 39 -36.22 44.93 -38.92
N PRO A 40 -36.84 45.97 -38.33
CA PRO A 40 -36.45 47.35 -38.63
C PRO A 40 -35.02 47.65 -38.21
N PRO A 41 -34.28 48.41 -39.05
CA PRO A 41 -32.88 48.81 -38.82
C PRO A 41 -32.63 49.43 -37.43
N PRO A 50 -27.14 48.70 -24.96
CA PRO A 50 -27.20 47.59 -25.92
C PRO A 50 -26.29 46.43 -25.52
N VAL A 51 -26.66 45.22 -25.90
CA VAL A 51 -25.82 44.05 -25.72
C VAL A 51 -25.14 43.71 -27.04
N LYS A 52 -23.83 43.53 -26.99
CA LYS A 52 -23.11 43.12 -28.19
C LYS A 52 -22.25 41.92 -27.83
N HIS A 53 -22.21 40.93 -28.72
CA HIS A 53 -21.45 39.73 -28.42
C HIS A 53 -19.95 39.96 -28.59
N ASP A 54 -19.18 39.36 -27.70
CA ASP A 54 -17.74 39.55 -27.69
C ASP A 54 -17.04 38.21 -27.86
N ILE A 55 -15.89 38.24 -28.51
CA ILE A 55 -15.12 37.04 -28.76
C ILE A 55 -13.66 37.28 -28.40
N GLU A 56 -13.28 36.87 -27.19
CA GLU A 56 -11.95 37.12 -26.70
C GLU A 56 -11.02 35.92 -26.85
N ILE A 57 -9.88 36.14 -27.49
CA ILE A 57 -8.95 35.06 -27.78
C ILE A 57 -7.96 34.83 -26.65
N LYS A 58 -7.89 33.59 -26.18
CA LYS A 58 -6.87 33.18 -25.20
C LYS A 58 -5.52 33.58 -25.74
N PRO A 59 -4.67 34.13 -24.86
CA PRO A 59 -3.38 34.75 -25.17
C PRO A 59 -2.51 33.96 -26.15
N GLY A 60 -2.19 32.72 -25.83
CA GLY A 60 -1.37 31.93 -26.73
C GLY A 60 -1.96 31.74 -28.11
N ALA A 61 -3.29 31.74 -28.18
CA ALA A 61 -4.02 31.19 -29.33
C ALA A 61 -3.85 31.93 -30.64
N ARG A 62 -3.98 31.18 -31.73
CA ARG A 62 -4.03 31.76 -33.06
C ARG A 62 -5.43 31.55 -33.67
N LEU A 63 -5.84 32.47 -34.53
CA LEU A 63 -7.16 32.40 -35.16
C LEU A 63 -7.19 31.47 -36.38
N PRO A 64 -8.37 30.93 -36.72
CA PRO A 64 -8.40 29.95 -37.81
C PRO A 64 -8.35 30.56 -39.21
N ARG A 65 -7.46 30.02 -40.04
CA ARG A 65 -7.39 30.38 -41.45
C ARG A 65 -7.68 29.12 -42.25
N LEU A 66 -8.89 28.61 -42.12
CA LEU A 66 -9.25 27.29 -42.65
C LEU A 66 -9.80 27.31 -44.08
N GLN A 67 -9.59 26.20 -44.79
CA GLN A 67 -10.09 26.03 -46.16
C GLN A 67 -11.50 25.49 -46.09
N PRO A 68 -12.33 25.76 -47.12
CA PRO A 68 -13.75 25.39 -47.05
C PRO A 68 -14.00 23.89 -47.17
N TYR A 69 -15.18 23.44 -46.74
CA TYR A 69 -15.58 22.05 -46.91
C TYR A 69 -16.01 21.82 -48.35
N HIS A 70 -15.73 20.62 -48.85
CA HIS A 70 -16.21 20.21 -50.16
C HIS A 70 -17.74 20.33 -50.23
N VAL A 71 -18.27 20.70 -51.40
CA VAL A 71 -19.71 20.80 -51.60
C VAL A 71 -20.13 20.28 -52.96
N THR A 72 -21.32 19.71 -53.05
CA THR A 72 -21.85 19.26 -54.34
C THR A 72 -22.31 20.47 -55.16
N GLU A 73 -22.57 20.24 -56.45
CA GLU A 73 -23.02 21.32 -57.32
C GLU A 73 -24.39 21.85 -56.90
N LYS A 74 -25.17 20.99 -56.23
CA LYS A 74 -26.51 21.33 -55.81
C LYS A 74 -26.58 21.74 -54.34
N ASN A 75 -25.56 21.37 -53.58
CA ASN A 75 -25.42 21.88 -52.22
C ASN A 75 -24.95 23.32 -52.26
N GLU A 76 -23.98 23.60 -53.12
CA GLU A 76 -23.40 24.93 -53.27
C GLU A 76 -24.47 25.92 -53.68
N GLN A 77 -25.53 25.42 -54.31
CA GLN A 77 -26.62 26.27 -54.73
C GLN A 77 -27.48 26.63 -53.53
N GLU A 78 -27.66 25.67 -52.64
CA GLU A 78 -28.42 25.88 -51.41
C GLU A 78 -27.67 26.78 -50.43
N ILE A 79 -26.34 26.68 -50.46
CA ILE A 79 -25.48 27.57 -49.70
C ILE A 79 -25.59 29.00 -50.22
N ASN A 80 -25.48 29.15 -51.54
CA ASN A 80 -25.49 30.46 -52.18
C ASN A 80 -26.81 31.18 -52.07
N LYS A 81 -27.89 30.42 -51.92
CA LYS A 81 -29.22 30.99 -51.81
C LYS A 81 -29.42 31.60 -50.43
N ILE A 82 -28.75 31.02 -49.43
CA ILE A 82 -28.81 31.51 -48.05
C ILE A 82 -27.83 32.67 -47.82
N VAL A 83 -26.63 32.55 -48.36
CA VAL A 83 -25.63 33.61 -48.26
C VAL A 83 -26.19 34.92 -48.79
N GLN A 84 -27.07 34.84 -49.78
CA GLN A 84 -27.75 36.04 -50.28
C GLN A 84 -28.81 36.51 -49.29
N LYS A 85 -29.55 35.57 -48.73
CA LYS A 85 -30.60 35.88 -47.75
C LYS A 85 -30.00 36.55 -46.51
N LEU A 86 -28.79 36.12 -46.16
CA LEU A 86 -28.04 36.73 -45.07
C LEU A 86 -27.61 38.13 -45.47
N LEU A 87 -27.04 38.25 -46.67
CA LEU A 87 -26.69 39.55 -47.24
C LEU A 87 -27.91 40.44 -47.36
N ASP A 88 -29.06 39.80 -47.56
CA ASP A 88 -30.32 40.52 -47.74
C ASP A 88 -30.72 41.32 -46.51
N ASN A 89 -30.87 40.64 -45.37
CA ASN A 89 -31.28 41.31 -44.14
C ASN A 89 -30.11 42.06 -43.51
N LYS A 90 -28.98 42.08 -44.22
CA LYS A 90 -27.77 42.74 -43.78
C LYS A 90 -27.26 42.15 -42.46
N PHE A 91 -27.12 40.83 -42.44
CA PHE A 91 -26.57 40.10 -41.29
C PHE A 91 -25.10 39.77 -41.52
N ILE A 92 -24.70 39.62 -42.78
CA ILE A 92 -23.29 39.46 -43.12
C ILE A 92 -22.82 40.42 -44.19
N VAL A 93 -21.52 40.66 -44.22
CA VAL A 93 -20.91 41.50 -45.23
C VAL A 93 -19.69 40.81 -45.79
N PRO A 94 -19.49 40.90 -47.11
CA PRO A 94 -18.29 40.27 -47.66
C PRO A 94 -17.06 41.04 -47.26
N SER A 95 -16.20 40.44 -46.44
CA SER A 95 -14.98 41.12 -46.03
C SER A 95 -13.76 40.20 -45.97
N LYS A 96 -12.61 40.73 -46.40
CA LYS A 96 -11.35 40.00 -46.42
C LYS A 96 -10.67 40.11 -45.08
N SER A 97 -11.19 39.39 -44.09
CA SER A 97 -10.53 39.24 -42.82
C SER A 97 -9.40 38.24 -43.00
N PRO A 98 -8.39 38.26 -42.11
CA PRO A 98 -7.38 37.21 -42.18
C PRO A 98 -7.97 35.87 -41.77
N CYS A 99 -8.93 35.92 -40.84
CA CYS A 99 -9.54 34.72 -40.27
C CYS A 99 -10.44 34.02 -41.29
N SER A 100 -10.52 32.68 -41.21
CA SER A 100 -11.34 31.91 -42.15
C SER A 100 -11.85 30.62 -41.55
N SER A 101 -13.14 30.56 -41.24
CA SER A 101 -13.75 29.33 -40.75
C SER A 101 -14.61 28.74 -41.88
N PRO A 102 -14.71 27.39 -41.95
CA PRO A 102 -15.53 26.75 -42.99
C PRO A 102 -17.02 26.71 -42.64
N VAL A 103 -17.86 26.40 -43.62
CA VAL A 103 -19.31 26.54 -43.46
C VAL A 103 -20.01 25.17 -43.50
N VAL A 104 -21.19 25.04 -42.89
CA VAL A 104 -21.95 23.79 -42.95
C VAL A 104 -23.41 23.99 -43.39
N LEU A 105 -23.86 23.14 -44.31
CA LEU A 105 -25.23 23.19 -44.82
C LEU A 105 -26.11 22.11 -44.19
N VAL A 106 -27.04 22.51 -43.32
CA VAL A 106 -27.85 21.56 -42.56
C VAL A 106 -29.24 21.27 -43.13
N PRO A 107 -29.55 19.98 -43.32
CA PRO A 107 -30.83 19.47 -43.80
C PRO A 107 -31.90 19.44 -42.72
N LYS A 108 -33.17 19.40 -43.14
CA LYS A 108 -34.30 19.31 -42.22
C LYS A 108 -35.33 18.29 -42.69
N THR A 112 -36.44 22.43 -46.70
CA THR A 112 -35.72 23.50 -46.00
C THR A 112 -34.26 23.12 -45.77
N PHE A 113 -33.43 24.13 -45.46
CA PHE A 113 -32.01 23.92 -45.23
C PHE A 113 -31.32 25.15 -44.62
N ARG A 114 -30.98 25.09 -43.34
CA ARG A 114 -30.34 26.22 -42.68
C ARG A 114 -28.83 26.22 -42.84
N LEU A 115 -28.19 27.34 -42.51
CA LEU A 115 -26.75 27.45 -42.61
C LEU A 115 -26.10 27.57 -41.21
N CYS A 116 -25.00 26.85 -41.00
CA CYS A 116 -24.21 26.97 -39.78
C CYS A 116 -22.74 27.02 -40.17
N VAL A 117 -22.02 27.97 -39.61
CA VAL A 117 -20.57 27.98 -39.76
C VAL A 117 -19.93 27.06 -38.70
N ASP A 118 -18.99 26.22 -39.14
CA ASP A 118 -18.20 25.41 -38.22
C ASP A 118 -17.28 26.39 -37.54
N TYR A 119 -17.46 26.55 -36.24
CA TYR A 119 -16.67 27.50 -35.50
C TYR A 119 -15.81 26.78 -34.46
N ARG A 120 -15.62 25.49 -34.64
CA ARG A 120 -14.97 24.70 -33.59
C ARG A 120 -13.52 25.11 -33.39
N THR A 121 -12.83 25.49 -34.46
CA THR A 121 -11.43 25.90 -34.31
C THR A 121 -11.34 27.29 -33.68
N LEU A 122 -12.26 28.16 -34.07
CA LEU A 122 -12.38 29.50 -33.50
C LEU A 122 -12.58 29.40 -32.00
N ASN A 123 -13.62 28.65 -31.62
CA ASN A 123 -14.00 28.49 -30.21
C ASN A 123 -12.85 28.03 -29.30
N LYS A 124 -12.04 27.09 -29.77
CA LYS A 124 -10.93 26.57 -28.96
C LYS A 124 -9.81 27.60 -28.76
N ALA A 125 -9.96 28.75 -29.39
CA ALA A 125 -9.01 29.84 -29.24
C ALA A 125 -9.65 30.95 -28.42
N THR A 126 -10.94 30.83 -28.13
CA THR A 126 -11.63 31.85 -27.34
C THR A 126 -11.88 31.42 -25.89
N ILE A 127 -11.67 32.37 -24.98
CA ILE A 127 -11.98 32.18 -23.56
C ILE A 127 -13.45 31.87 -23.40
N SER A 128 -13.77 30.88 -22.58
CA SER A 128 -15.16 30.50 -22.35
C SER A 128 -15.87 31.48 -21.42
N ASP A 129 -17.15 31.21 -21.15
CA ASP A 129 -17.99 32.11 -20.41
C ASP A 129 -19.29 31.41 -20.03
N PRO A 130 -19.24 30.53 -19.03
CA PRO A 130 -20.35 29.65 -18.68
C PRO A 130 -21.46 30.37 -17.96
N PHE A 131 -22.61 30.52 -18.60
CA PHE A 131 -23.77 31.06 -17.92
C PHE A 131 -24.83 29.96 -17.82
N PRO A 132 -25.53 29.89 -16.69
CA PRO A 132 -26.66 28.96 -16.53
C PRO A 132 -27.79 29.17 -17.57
N LEU A 133 -28.41 28.08 -18.04
CA LEU A 133 -29.66 28.16 -18.82
C LEU A 133 -30.76 27.62 -17.95
N PRO A 134 -31.95 28.23 -17.97
CA PRO A 134 -33.03 27.79 -17.09
C PRO A 134 -33.26 26.29 -17.19
N ARG A 135 -33.50 25.64 -16.06
CA ARG A 135 -33.71 24.19 -16.05
C ARG A 135 -35.12 23.96 -16.53
N ILE A 136 -35.31 22.90 -17.30
CA ILE A 136 -36.61 22.71 -17.94
C ILE A 136 -37.61 22.15 -16.95
N ASP A 137 -37.13 21.21 -16.13
CA ASP A 137 -37.91 20.68 -15.04
C ASP A 137 -38.38 21.84 -14.19
N ASN A 138 -37.52 22.85 -14.15
CA ASN A 138 -37.74 23.99 -13.28
C ASN A 138 -38.73 24.99 -13.81
N LEU A 139 -38.90 25.04 -15.13
CA LEU A 139 -39.88 25.97 -15.69
C LEU A 139 -41.28 25.38 -15.61
N LEU A 140 -41.44 24.13 -16.03
CA LEU A 140 -42.70 23.42 -15.93
C LEU A 140 -43.25 23.41 -14.51
N SER A 141 -42.36 23.45 -13.51
CA SER A 141 -42.80 23.40 -12.12
C SER A 141 -43.22 24.76 -11.58
N ARG A 142 -42.94 25.84 -12.32
CA ARG A 142 -43.32 27.18 -11.85
C ARG A 142 -44.75 27.57 -12.21
N ILE A 143 -45.27 26.97 -13.28
CA ILE A 143 -46.52 27.44 -13.88
C ILE A 143 -47.72 27.46 -12.91
N GLY A 144 -47.69 26.60 -11.89
CA GLY A 144 -48.74 26.56 -10.90
C GLY A 144 -50.09 26.27 -11.52
N ASN A 145 -51.17 26.78 -10.94
CA ASN A 145 -52.49 26.62 -11.55
C ASN A 145 -52.91 27.83 -12.40
N ALA A 146 -51.96 28.32 -13.19
CA ALA A 146 -52.19 29.45 -14.07
C ALA A 146 -53.13 29.07 -15.20
N GLN A 147 -53.96 30.03 -15.61
CA GLN A 147 -55.09 29.76 -16.50
C GLN A 147 -54.84 30.08 -17.97
N ILE A 148 -54.50 31.33 -18.27
CA ILE A 148 -54.34 31.75 -19.66
C ILE A 148 -52.91 32.14 -19.98
N PHE A 149 -52.31 31.42 -20.94
CA PHE A 149 -50.91 31.62 -21.26
C PHE A 149 -50.73 32.27 -22.63
N THR A 150 -50.06 33.42 -22.68
CA THR A 150 -49.61 33.96 -23.95
C THR A 150 -48.20 33.43 -24.27
N THR A 151 -47.73 33.65 -25.49
CA THR A 151 -46.40 33.20 -25.92
C THR A 151 -45.74 34.28 -26.76
N LEU A 152 -44.46 34.55 -26.52
CA LEU A 152 -43.72 35.41 -27.42
C LEU A 152 -42.56 34.66 -28.06
N ASP A 153 -42.29 34.99 -29.31
CA ASP A 153 -41.21 34.39 -30.07
C ASP A 153 -40.28 35.50 -30.54
N LEU A 154 -39.08 35.58 -29.97
CA LEU A 154 -38.15 36.63 -30.35
C LEU A 154 -37.76 36.48 -31.82
N HIS A 155 -38.12 37.47 -32.63
CA HIS A 155 -37.99 37.44 -34.10
C HIS A 155 -36.57 37.27 -34.61
N SER A 156 -36.30 36.08 -35.16
CA SER A 156 -34.98 35.74 -35.71
C SER A 156 -33.87 35.62 -34.65
N GLY A 157 -34.21 35.08 -33.48
CA GLY A 157 -33.27 34.68 -32.44
C GLY A 157 -32.01 35.50 -32.21
N TYR A 158 -30.84 34.85 -32.32
CA TYR A 158 -29.57 35.51 -32.04
C TYR A 158 -29.28 36.65 -33.02
N HIS A 159 -30.03 36.69 -34.11
CA HIS A 159 -29.78 37.67 -35.17
C HIS A 159 -30.19 39.08 -34.77
N GLN A 160 -30.83 39.21 -33.63
CA GLN A 160 -31.18 40.50 -33.06
C GLN A 160 -30.13 40.92 -32.03
N ILE A 161 -28.98 40.26 -32.07
CA ILE A 161 -27.87 40.60 -31.19
C ILE A 161 -26.66 41.01 -32.03
N PRO A 162 -26.35 42.30 -32.07
CA PRO A 162 -25.25 42.80 -32.88
C PRO A 162 -23.91 42.23 -32.46
N MSE A 163 -22.91 42.36 -33.32
CA MSE A 163 -21.55 41.90 -33.01
C MSE A 163 -20.67 43.09 -32.67
O MSE A 163 -20.81 44.15 -33.28
CB MSE A 163 -20.96 41.13 -34.19
CG MSE A 163 -21.29 39.64 -34.23
SE MSE A 163 -19.94 38.51 -33.37
CE MSE A 163 -21.14 37.27 -32.51
N GLU A 164 -19.77 42.93 -31.73
CA GLU A 164 -18.80 43.98 -31.41
C GLU A 164 -17.82 44.03 -32.56
N PRO A 165 -17.73 45.19 -33.22
CA PRO A 165 -17.02 45.35 -34.50
C PRO A 165 -15.56 44.89 -34.41
N LYS A 166 -14.94 45.14 -33.27
CA LYS A 166 -13.55 44.77 -33.04
C LYS A 166 -13.38 43.26 -33.21
N ASP A 167 -14.43 42.52 -32.87
CA ASP A 167 -14.39 41.06 -32.88
C ASP A 167 -15.14 40.46 -34.04
N ARG A 168 -15.61 41.32 -34.94
CA ARG A 168 -16.40 40.90 -36.07
C ARG A 168 -15.61 40.02 -37.02
N TYR A 169 -14.38 40.44 -37.30
CA TYR A 169 -13.58 39.80 -38.33
C TYR A 169 -13.19 38.36 -37.99
N LYS A 170 -13.46 37.94 -36.77
CA LYS A 170 -13.10 36.60 -36.35
C LYS A 170 -14.14 35.60 -36.84
N THR A 171 -15.38 36.08 -36.97
CA THR A 171 -16.48 35.25 -37.45
C THR A 171 -16.39 34.95 -38.96
N ALA A 172 -15.40 35.54 -39.61
CA ALA A 172 -15.17 35.42 -41.05
C ALA A 172 -15.13 33.99 -41.57
N PHE A 173 -15.88 33.74 -42.64
CA PHE A 173 -16.00 32.39 -43.16
C PHE A 173 -15.92 32.28 -44.68
N VAL A 174 -15.18 31.29 -45.16
CA VAL A 174 -15.04 31.04 -46.58
C VAL A 174 -16.06 30.03 -47.08
N THR A 175 -16.88 30.47 -48.03
CA THR A 175 -17.73 29.61 -48.81
C THR A 175 -16.95 29.43 -50.12
N PRO A 176 -17.38 28.51 -51.01
CA PRO A 176 -16.64 28.41 -52.27
C PRO A 176 -16.58 29.72 -53.05
N SER A 177 -17.66 30.49 -53.01
CA SER A 177 -17.73 31.76 -53.73
C SER A 177 -16.69 32.76 -53.22
N GLY A 178 -16.88 33.27 -52.01
CA GLY A 178 -15.97 34.22 -51.40
C GLY A 178 -16.08 34.24 -49.89
N LYS A 179 -15.43 35.21 -49.24
CA LYS A 179 -15.42 35.29 -47.78
C LYS A 179 -16.42 36.33 -47.23
N TYR A 180 -17.04 36.01 -46.10
CA TYR A 180 -18.04 36.90 -45.48
C TYR A 180 -17.75 37.13 -43.99
N GLU A 181 -18.56 37.95 -43.34
CA GLU A 181 -18.37 38.25 -41.91
C GLU A 181 -19.71 38.49 -41.24
N TYR A 182 -19.99 37.79 -40.17
CA TYR A 182 -21.25 38.01 -39.47
C TYR A 182 -21.26 39.39 -38.81
N THR A 183 -22.33 40.15 -39.00
CA THR A 183 -22.47 41.46 -38.34
C THR A 183 -23.37 41.33 -37.12
N VAL A 184 -23.77 40.11 -36.84
CA VAL A 184 -24.83 39.83 -35.91
C VAL A 184 -24.56 38.42 -35.37
N MSE A 185 -24.95 38.13 -34.14
CA MSE A 185 -24.52 36.89 -33.46
C MSE A 185 -24.93 35.58 -34.13
O MSE A 185 -26.10 35.22 -34.16
CB MSE A 185 -24.97 36.90 -32.00
CG MSE A 185 -24.34 35.81 -31.15
SE MSE A 185 -24.71 36.03 -29.22
CE MSE A 185 -26.61 35.65 -29.13
N PRO A 186 -23.94 34.84 -34.67
CA PRO A 186 -24.28 33.57 -35.30
C PRO A 186 -24.35 32.47 -34.26
N PHE A 187 -25.21 31.49 -34.53
CA PHE A 187 -25.39 30.30 -33.72
C PHE A 187 -24.12 29.47 -33.81
N GLY A 188 -23.70 28.88 -32.71
CA GLY A 188 -22.58 27.97 -32.79
C GLY A 188 -21.24 28.62 -32.52
N LEU A 189 -21.22 29.57 -31.59
CA LEU A 189 -20.00 30.04 -30.96
C LEU A 189 -20.14 29.58 -29.51
N VAL A 190 -19.02 29.32 -28.81
CA VAL A 190 -19.12 28.82 -27.43
C VAL A 190 -20.04 29.66 -26.56
N ASN A 191 -19.73 30.95 -26.45
CA ASN A 191 -20.43 31.81 -25.54
C ASN A 191 -21.72 32.41 -26.10
N ALA A 192 -22.09 31.98 -27.30
CA ALA A 192 -23.31 32.48 -27.91
C ALA A 192 -24.54 32.21 -27.05
N PRO A 193 -24.71 30.98 -26.53
CA PRO A 193 -25.92 30.86 -25.71
C PRO A 193 -25.85 31.72 -24.46
N SER A 194 -24.67 31.84 -23.86
CA SER A 194 -24.51 32.62 -22.63
C SER A 194 -24.76 34.12 -22.84
N THR A 195 -24.31 34.66 -23.96
CA THR A 195 -24.58 36.05 -24.32
C THR A 195 -26.06 36.36 -24.27
N PHE A 196 -26.84 35.50 -24.90
CA PHE A 196 -28.28 35.66 -24.97
C PHE A 196 -28.99 35.21 -23.68
N ALA A 197 -28.44 34.19 -23.03
CA ALA A 197 -29.07 33.65 -21.83
C ALA A 197 -28.91 34.58 -20.64
N ARG A 198 -27.79 35.30 -20.63
CA ARG A 198 -27.57 36.32 -19.64
C ARG A 198 -28.65 37.35 -19.86
N TYR A 199 -28.48 38.17 -20.91
CA TYR A 199 -29.44 39.19 -21.38
C TYR A 199 -30.91 38.87 -21.09
N MSE A 200 -31.32 37.66 -21.39
CA MSE A 200 -32.67 37.25 -21.06
C MSE A 200 -32.86 37.15 -19.55
O MSE A 200 -33.86 37.61 -19.01
CB MSE A 200 -33.02 35.94 -21.74
CG MSE A 200 -33.34 36.08 -23.22
SE MSE A 200 -34.53 37.58 -23.58
CE MSE A 200 -33.22 38.84 -24.31
N ALA A 201 -31.88 36.56 -18.89
CA ALA A 201 -31.96 36.34 -17.46
C ALA A 201 -32.05 37.67 -16.74
N ASP A 202 -31.22 38.61 -17.15
CA ASP A 202 -31.24 39.91 -16.54
C ASP A 202 -32.57 40.62 -16.75
N THR A 203 -33.10 40.56 -17.97
CA THR A 203 -34.33 41.28 -18.27
C THR A 203 -35.56 40.67 -17.61
N PHE A 204 -35.60 39.35 -17.45
CA PHE A 204 -36.83 38.70 -17.00
C PHE A 204 -36.72 37.81 -15.76
N ARG A 205 -35.69 38.04 -14.94
CA ARG A 205 -35.43 37.17 -13.81
C ARG A 205 -36.42 37.37 -12.66
N ASP A 206 -37.04 38.54 -12.63
CA ASP A 206 -37.77 38.96 -11.45
C ASP A 206 -39.25 39.03 -11.70
N LEU A 207 -39.69 38.33 -12.73
CA LEU A 207 -41.11 38.21 -13.00
C LEU A 207 -41.51 36.76 -12.77
N ARG A 208 -42.28 36.53 -11.72
CA ARG A 208 -42.63 35.18 -11.30
C ARG A 208 -43.63 34.53 -12.25
N PHE A 209 -44.07 35.27 -13.26
CA PHE A 209 -45.07 34.80 -14.20
C PHE A 209 -44.50 34.57 -15.61
N VAL A 210 -43.21 34.84 -15.78
CA VAL A 210 -42.55 34.72 -17.07
C VAL A 210 -41.41 33.69 -17.08
N ASN A 211 -41.56 32.66 -17.91
CA ASN A 211 -40.49 31.73 -18.22
C ASN A 211 -39.86 32.11 -19.56
N VAL A 212 -38.59 32.51 -19.55
CA VAL A 212 -37.89 32.85 -20.78
C VAL A 212 -36.72 31.90 -21.05
N TYR A 213 -36.91 30.98 -21.99
CA TYR A 213 -35.85 30.05 -22.36
C TYR A 213 -35.23 30.48 -23.67
N LEU A 214 -34.15 31.25 -23.59
CA LEU A 214 -33.51 31.83 -24.77
C LEU A 214 -34.46 32.71 -25.59
N ASP A 215 -34.78 32.30 -26.82
CA ASP A 215 -35.68 33.13 -27.63
C ASP A 215 -37.15 32.84 -27.39
N ASP A 216 -37.48 31.70 -26.81
CA ASP A 216 -38.86 31.49 -26.41
C ASP A 216 -39.20 32.13 -25.06
N ILE A 217 -40.34 32.82 -25.00
CA ILE A 217 -40.83 33.46 -23.78
C ILE A 217 -42.28 33.08 -23.47
N LEU A 218 -42.49 32.27 -22.46
CA LEU A 218 -43.84 31.98 -22.00
C LEU A 218 -44.23 33.01 -20.94
N ILE A 219 -45.52 33.30 -20.84
CA ILE A 219 -46.01 34.08 -19.72
C ILE A 219 -47.34 33.48 -19.24
N PHE A 220 -47.44 33.24 -17.94
CA PHE A 220 -48.58 32.52 -17.37
C PHE A 220 -49.28 33.29 -16.24
N SER A 221 -50.59 33.39 -16.33
CA SER A 221 -51.37 34.18 -15.36
C SER A 221 -52.55 33.42 -14.78
N GLU A 222 -53.24 34.04 -13.84
CA GLU A 222 -54.41 33.44 -13.24
C GLU A 222 -55.67 34.00 -13.88
N SER A 223 -55.85 35.32 -13.78
CA SER A 223 -57.02 35.97 -14.36
C SER A 223 -56.64 36.67 -15.67
N PRO A 224 -57.63 36.84 -16.58
CA PRO A 224 -57.36 37.60 -17.80
C PRO A 224 -56.96 39.03 -17.45
N GLU A 225 -57.60 39.57 -16.42
CA GLU A 225 -57.29 40.90 -15.91
C GLU A 225 -55.82 40.98 -15.53
N GLU A 226 -55.34 39.99 -14.79
CA GLU A 226 -53.95 39.96 -14.35
C GLU A 226 -52.97 39.69 -15.50
N HIS A 227 -53.44 38.99 -16.53
CA HIS A 227 -52.58 38.69 -17.69
C HIS A 227 -52.30 39.92 -18.54
N TRP A 228 -53.21 40.88 -18.53
CA TRP A 228 -52.99 42.12 -19.26
C TRP A 228 -51.84 42.92 -18.65
N LYS A 229 -51.90 43.16 -17.34
CA LYS A 229 -50.87 43.89 -16.64
C LYS A 229 -49.53 43.17 -16.79
N HIS A 230 -49.58 41.84 -16.80
CA HIS A 230 -48.39 41.02 -17.02
C HIS A 230 -47.84 41.21 -18.42
N LEU A 231 -48.68 41.03 -19.44
CA LEU A 231 -48.28 41.19 -20.83
C LEU A 231 -47.66 42.56 -21.10
N ASP A 232 -48.24 43.60 -20.52
CA ASP A 232 -47.72 44.95 -20.64
C ASP A 232 -46.28 45.01 -20.14
N THR A 233 -46.10 44.57 -18.90
CA THR A 233 -44.80 44.56 -18.23
C THR A 233 -43.67 43.95 -19.07
N VAL A 234 -43.90 42.76 -19.61
CA VAL A 234 -42.86 42.09 -20.39
C VAL A 234 -42.69 42.77 -21.76
N LEU A 235 -43.80 43.25 -22.31
CA LEU A 235 -43.77 43.93 -23.61
C LEU A 235 -43.11 45.29 -23.51
N GLU A 236 -43.28 45.95 -22.36
CA GLU A 236 -42.47 47.10 -22.02
C GLU A 236 -40.99 46.77 -22.20
N ARG A 237 -40.52 45.79 -21.43
CA ARG A 237 -39.11 45.44 -21.42
C ARG A 237 -38.60 45.02 -22.78
N LEU A 238 -39.42 44.30 -23.53
CA LEU A 238 -39.04 43.94 -24.89
C LEU A 238 -38.98 45.20 -25.76
N LYS A 239 -39.87 46.15 -25.46
CA LYS A 239 -39.91 47.41 -26.19
C LYS A 239 -38.74 48.30 -25.77
N ASN A 240 -38.41 48.24 -24.49
CA ASN A 240 -37.35 49.06 -23.93
C ASN A 240 -35.98 48.67 -24.50
N GLU A 241 -35.89 47.44 -24.99
CA GLU A 241 -34.64 46.93 -25.52
C GLU A 241 -34.67 46.91 -27.04
N ASN A 242 -35.80 47.33 -27.59
CA ASN A 242 -36.04 47.28 -29.03
C ASN A 242 -35.81 45.89 -29.58
N LEU A 243 -36.22 44.89 -28.80
CA LEU A 243 -36.22 43.51 -29.28
C LEU A 243 -37.56 43.31 -29.96
N ILE A 244 -37.59 42.46 -30.96
CA ILE A 244 -38.79 42.30 -31.78
C ILE A 244 -39.36 40.88 -31.75
N VAL A 245 -40.67 40.81 -31.56
CA VAL A 245 -41.39 39.55 -31.62
C VAL A 245 -41.80 39.31 -33.07
N LYS A 246 -41.62 38.07 -33.54
CA LYS A 246 -42.14 37.68 -34.86
C LYS A 246 -43.59 37.25 -34.69
N LYS A 247 -44.50 38.22 -34.76
CA LYS A 247 -45.90 38.03 -34.44
C LYS A 247 -46.51 36.76 -35.03
N LYS A 248 -46.09 36.43 -36.26
CA LYS A 248 -46.58 35.25 -36.94
C LYS A 248 -46.27 33.99 -36.13
N LYS A 249 -45.13 34.01 -35.44
CA LYS A 249 -44.60 32.81 -34.79
C LYS A 249 -44.99 32.60 -33.33
N CYS A 250 -45.97 33.35 -32.83
CA CYS A 250 -46.39 33.19 -31.43
C CYS A 250 -47.90 33.22 -31.21
N LYS A 251 -48.35 32.84 -30.02
CA LYS A 251 -49.78 32.65 -29.72
C LYS A 251 -50.23 33.44 -28.47
N PHE A 252 -51.40 34.09 -28.54
CA PHE A 252 -51.90 34.96 -27.47
C PHE A 252 -53.25 34.52 -26.92
N GLU A 255 -55.41 30.36 -23.90
CA GLU A 255 -55.89 29.35 -22.97
C GLU A 255 -55.19 28.00 -23.19
N GLU A 256 -54.33 27.92 -24.20
CA GLU A 256 -53.43 26.79 -24.34
C GLU A 256 -52.35 27.02 -25.39
N THR A 257 -51.08 26.85 -24.99
CA THR A 257 -49.97 26.94 -25.93
C THR A 257 -49.11 25.70 -25.87
N GLU A 258 -48.05 25.72 -26.68
CA GLU A 258 -47.00 24.72 -26.61
C GLU A 258 -45.71 25.44 -26.23
N PHE A 259 -44.76 24.72 -25.65
CA PHE A 259 -43.59 25.36 -25.06
C PHE A 259 -42.54 24.34 -24.64
N LEU A 260 -41.30 24.58 -25.04
CA LEU A 260 -40.17 23.70 -24.72
C LEU A 260 -40.42 22.26 -25.12
N GLY A 261 -41.23 22.07 -26.16
CA GLY A 261 -41.54 20.74 -26.66
C GLY A 261 -42.69 20.08 -25.93
N TYR A 262 -43.21 20.77 -24.92
CA TYR A 262 -44.37 20.29 -24.17
C TYR A 262 -45.59 21.05 -24.64
N SER A 263 -46.75 20.66 -24.12
CA SER A 263 -47.96 21.43 -24.31
C SER A 263 -48.56 21.76 -22.95
N ILE A 264 -48.40 23.01 -22.52
CA ILE A 264 -48.96 23.44 -21.25
C ILE A 264 -50.43 23.75 -21.41
N GLY A 265 -51.27 22.88 -20.84
CA GLY A 265 -52.70 23.08 -20.84
C GLY A 265 -53.12 23.92 -19.66
N ILE A 266 -54.41 24.24 -19.57
CA ILE A 266 -54.95 25.04 -18.48
C ILE A 266 -54.60 24.46 -17.11
N GLN A 267 -55.12 23.28 -16.81
CA GLN A 267 -54.79 22.63 -15.56
C GLN A 267 -53.92 21.42 -15.79
N LYS A 268 -53.15 21.42 -16.88
CA LYS A 268 -52.42 20.23 -17.30
C LYS A 268 -51.10 20.51 -18.01
N ILE A 269 -50.20 19.52 -17.95
CA ILE A 269 -49.04 19.48 -18.83
C ILE A 269 -48.95 18.09 -19.43
N ALA A 270 -48.75 18.03 -20.75
CA ALA A 270 -48.74 16.76 -21.45
C ALA A 270 -47.89 16.87 -22.71
N PRO A 271 -47.31 15.74 -23.15
CA PRO A 271 -46.42 15.88 -24.32
C PRO A 271 -47.27 16.04 -25.57
N LEU A 272 -46.83 16.93 -26.45
CA LEU A 272 -47.62 17.26 -27.62
C LEU A 272 -47.72 16.09 -28.61
N GLN A 273 -48.71 16.16 -29.50
CA GLN A 273 -48.94 15.12 -30.48
C GLN A 273 -47.94 15.20 -31.62
N HIS A 274 -47.19 16.29 -31.69
CA HIS A 274 -46.16 16.44 -32.69
C HIS A 274 -45.13 15.32 -32.56
N LYS A 275 -44.61 15.15 -31.34
CA LYS A 275 -43.59 14.14 -31.04
C LYS A 275 -44.18 12.79 -30.65
N CYS A 276 -45.47 12.77 -30.33
CA CYS A 276 -46.15 11.53 -29.99
C CYS A 276 -46.50 10.72 -31.24
N ALA A 277 -46.72 11.41 -32.35
CA ALA A 277 -47.10 10.75 -33.61
C ALA A 277 -45.89 10.27 -34.40
N ALA A 278 -44.70 10.45 -33.83
CA ALA A 278 -43.49 9.89 -34.41
C ALA A 278 -42.97 8.83 -33.46
N ILE A 279 -43.73 8.60 -32.39
CA ILE A 279 -43.36 7.62 -31.37
C ILE A 279 -44.06 6.27 -31.61
N ARG A 280 -45.36 6.31 -31.88
CA ARG A 280 -46.07 5.09 -32.26
C ARG A 280 -45.61 4.65 -33.64
N ASP A 281 -45.44 5.63 -34.53
CA ASP A 281 -45.07 5.37 -35.92
C ASP A 281 -43.56 5.30 -36.11
N PHE A 282 -42.84 4.93 -35.05
CA PHE A 282 -41.41 4.66 -35.18
C PHE A 282 -41.23 3.15 -35.34
N PRO A 283 -40.49 2.73 -36.38
CA PRO A 283 -40.26 1.33 -36.72
C PRO A 283 -39.62 0.53 -35.57
N THR A 284 -40.28 -0.57 -35.20
CA THR A 284 -39.78 -1.51 -34.19
C THR A 284 -38.28 -1.78 -34.33
N PRO A 285 -37.54 -1.70 -33.21
CA PRO A 285 -36.08 -1.90 -33.23
C PRO A 285 -35.66 -3.22 -33.86
N LYS A 286 -34.72 -3.14 -34.81
CA LYS A 286 -34.12 -4.32 -35.41
C LYS A 286 -32.60 -4.24 -35.28
N THR A 287 -32.09 -3.02 -35.11
CA THR A 287 -30.65 -2.80 -34.97
C THR A 287 -30.25 -2.39 -33.55
N VAL A 288 -28.94 -2.28 -33.33
CA VAL A 288 -28.39 -1.96 -32.01
C VAL A 288 -28.72 -0.53 -31.61
N LYS A 289 -28.40 0.41 -32.49
CA LYS A 289 -28.75 1.82 -32.27
C LYS A 289 -30.25 1.98 -32.12
N GLN A 290 -31.03 1.31 -32.98
CA GLN A 290 -32.49 1.42 -32.95
C GLN A 290 -33.07 1.01 -31.60
N ALA A 291 -32.37 0.12 -30.90
CA ALA A 291 -32.76 -0.29 -29.56
C ALA A 291 -32.43 0.81 -28.56
N GLN A 292 -31.40 1.59 -28.88
CA GLN A 292 -31.01 2.72 -28.06
C GLN A 292 -31.70 3.99 -28.55
N ARG A 293 -31.90 4.08 -29.86
CA ARG A 293 -32.52 5.24 -30.48
C ARG A 293 -34.00 5.31 -30.12
N PHE A 294 -34.53 4.24 -29.54
CA PHE A 294 -35.93 4.19 -29.16
C PHE A 294 -36.11 4.50 -27.68
N LEU A 295 -35.26 3.90 -26.86
CA LEU A 295 -35.26 4.20 -25.44
C LEU A 295 -34.87 5.67 -25.28
N GLY A 296 -34.06 6.15 -26.22
CA GLY A 296 -33.56 7.51 -26.20
C GLY A 296 -34.59 8.61 -26.39
N MSE A 297 -35.53 8.41 -27.30
CA MSE A 297 -36.53 9.44 -27.56
C MSE A 297 -37.68 9.37 -26.57
O MSE A 297 -38.24 10.40 -26.18
CB MSE A 297 -37.03 9.39 -29.00
CG MSE A 297 -37.23 7.99 -29.54
SE MSE A 297 -37.23 8.01 -31.48
CE MSE A 297 -39.03 8.65 -31.80
N ILE A 298 -38.02 8.16 -26.13
CA ILE A 298 -39.07 8.00 -25.13
C ILE A 298 -38.54 8.42 -23.77
N ASN A 299 -37.23 8.62 -23.70
CA ASN A 299 -36.58 9.09 -22.48
C ASN A 299 -37.07 10.47 -22.05
N TYR A 300 -36.91 11.47 -22.92
CA TYR A 300 -37.28 12.85 -22.60
C TYR A 300 -38.70 12.97 -22.02
N TYR A 301 -39.52 11.96 -22.26
CA TYR A 301 -40.88 11.93 -21.75
C TYR A 301 -41.07 10.89 -20.65
N ARG A 302 -39.99 10.52 -19.95
CA ARG A 302 -40.05 9.52 -18.87
C ARG A 302 -41.08 9.93 -17.82
N ARG A 303 -41.24 11.23 -17.65
CA ARG A 303 -42.16 11.80 -16.66
C ARG A 303 -43.55 11.16 -16.71
N PHE A 304 -44.03 10.85 -17.90
CA PHE A 304 -45.40 10.35 -18.03
C PHE A 304 -45.51 8.83 -17.85
N ILE A 305 -44.58 8.08 -18.44
CA ILE A 305 -44.57 6.61 -18.38
C ILE A 305 -44.33 6.08 -16.97
N PRO A 306 -45.38 5.55 -16.31
CA PRO A 306 -45.14 4.91 -15.00
C PRO A 306 -44.27 3.67 -15.16
N ASN A 307 -43.50 3.31 -14.14
CA ASN A 307 -42.58 2.17 -14.16
C ASN A 307 -41.77 2.00 -15.45
N CYS A 308 -41.52 3.12 -16.12
CA CYS A 308 -40.81 3.17 -17.40
C CYS A 308 -39.54 2.34 -17.43
N SER A 309 -38.58 2.68 -16.58
CA SER A 309 -37.28 2.01 -16.56
C SER A 309 -37.38 0.50 -16.29
N LYS A 310 -38.49 0.10 -15.68
CA LYS A 310 -38.70 -1.30 -15.31
C LYS A 310 -39.28 -2.08 -16.46
N ILE A 311 -39.94 -1.39 -17.39
CA ILE A 311 -40.56 -2.06 -18.53
C ILE A 311 -39.60 -2.20 -19.71
N ALA A 312 -38.46 -1.53 -19.64
CA ALA A 312 -37.47 -1.62 -20.72
C ALA A 312 -36.39 -2.65 -20.40
N GLN A 313 -36.63 -3.47 -19.39
CA GLN A 313 -35.64 -4.45 -18.90
C GLN A 313 -35.07 -5.40 -19.96
N PRO A 314 -35.89 -5.83 -20.94
CA PRO A 314 -35.25 -6.57 -22.03
C PRO A 314 -34.31 -5.70 -22.86
N ILE A 315 -34.78 -4.50 -23.20
CA ILE A 315 -34.01 -3.58 -24.05
C ILE A 315 -32.90 -2.91 -23.26
N THR A 326 -35.10 -12.65 -28.53
CA THR A 326 -35.72 -11.46 -27.97
C THR A 326 -37.17 -11.30 -28.43
N GLU A 327 -38.03 -12.23 -28.02
CA GLU A 327 -39.46 -12.15 -28.29
C GLU A 327 -40.12 -11.27 -27.23
N LYS A 328 -39.39 -11.02 -26.15
CA LYS A 328 -39.89 -10.22 -25.03
C LYS A 328 -39.59 -8.73 -25.18
N GLN A 329 -38.87 -8.36 -26.24
CA GLN A 329 -38.63 -6.94 -26.55
C GLN A 329 -39.91 -6.32 -27.12
N ASP A 330 -40.73 -7.17 -27.74
CA ASP A 330 -41.93 -6.71 -28.45
C ASP A 330 -43.01 -6.23 -27.50
N LYS A 331 -43.26 -7.01 -26.46
CA LYS A 331 -44.29 -6.65 -25.48
C LYS A 331 -43.96 -5.32 -24.79
N ALA A 332 -42.70 -4.91 -24.89
CA ALA A 332 -42.19 -3.75 -24.15
C ALA A 332 -42.32 -2.43 -24.89
N ILE A 333 -41.99 -2.42 -26.18
CA ILE A 333 -42.07 -1.20 -26.99
C ILE A 333 -43.52 -0.80 -27.22
N ASP A 334 -44.43 -1.76 -27.05
CA ASP A 334 -45.86 -1.52 -27.20
C ASP A 334 -46.51 -1.06 -25.90
N LYS A 335 -45.98 -1.55 -24.78
CA LYS A 335 -46.46 -1.18 -23.45
C LYS A 335 -46.22 0.29 -23.16
N LEU A 336 -45.04 0.77 -23.55
CA LEU A 336 -44.69 2.18 -23.33
C LEU A 336 -45.34 3.12 -24.34
N LYS A 337 -45.64 2.60 -25.51
CA LYS A 337 -46.24 3.40 -26.58
C LYS A 337 -47.63 3.83 -26.17
N ASP A 338 -48.31 2.99 -25.39
CA ASP A 338 -49.63 3.32 -24.86
C ASP A 338 -49.56 4.58 -24.00
N ALA A 339 -48.64 4.58 -23.04
CA ALA A 339 -48.46 5.72 -22.14
C ALA A 339 -47.60 6.80 -22.80
N PRO A 348 -48.70 19.77 -12.86
CA PRO A 348 -49.71 20.37 -11.98
C PRO A 348 -49.14 20.73 -10.61
N PHE A 349 -47.96 21.32 -10.56
CA PHE A 349 -47.35 21.65 -9.28
C PHE A 349 -47.59 23.10 -8.84
N ASN A 350 -48.48 23.29 -7.87
CA ASN A 350 -48.66 24.58 -7.24
C ASN A 350 -47.94 24.62 -5.90
N ASN A 351 -47.11 25.65 -5.74
CA ASN A 351 -46.33 25.89 -4.52
C ASN A 351 -47.17 25.66 -3.26
N LYS A 352 -48.36 26.25 -3.23
CA LYS A 352 -49.29 26.02 -2.13
C LYS A 352 -50.24 24.89 -2.50
N ALA A 353 -49.94 23.71 -1.97
CA ALA A 353 -50.75 22.50 -2.14
C ALA A 353 -50.06 21.41 -1.36
N ASN A 354 -50.76 20.30 -1.11
CA ASN A 354 -50.14 19.18 -0.42
C ASN A 354 -49.94 17.98 -1.36
N TYR A 355 -48.98 17.13 -1.04
CA TYR A 355 -48.61 16.04 -1.94
C TYR A 355 -48.36 14.70 -1.25
N ARG A 356 -48.43 13.61 -2.03
CA ARG A 356 -48.15 12.27 -1.52
C ARG A 356 -47.10 11.57 -2.37
N LEU A 357 -45.91 11.37 -1.80
CA LEU A 357 -44.84 10.61 -2.44
C LEU A 357 -45.00 9.13 -2.13
N THR A 358 -45.27 8.34 -3.16
CA THR A 358 -45.43 6.91 -3.03
C THR A 358 -44.21 6.24 -3.67
N THR A 359 -43.61 5.29 -2.97
CA THR A 359 -42.36 4.71 -3.42
C THR A 359 -42.17 3.24 -3.06
N ASP A 360 -42.95 2.36 -3.69
CA ASP A 360 -42.73 0.93 -3.54
C ASP A 360 -41.65 0.51 -4.52
N ALA A 361 -40.59 -0.10 -4.01
CA ALA A 361 -39.47 -0.47 -4.84
C ALA A 361 -38.82 -1.75 -4.34
N SER A 362 -38.78 -2.76 -5.20
CA SER A 362 -38.11 -4.02 -4.89
C SER A 362 -36.85 -4.15 -5.75
N LYS A 363 -36.62 -5.33 -6.32
CA LYS A 363 -35.51 -5.51 -7.24
C LYS A 363 -35.93 -5.06 -8.62
N ASP A 364 -35.02 -5.13 -9.58
CA ASP A 364 -35.29 -4.82 -10.99
C ASP A 364 -35.76 -3.38 -11.23
N GLY A 365 -35.75 -2.56 -10.19
CA GLY A 365 -36.13 -1.17 -10.30
C GLY A 365 -36.42 -0.49 -8.98
N ILE A 366 -36.48 0.83 -9.00
CA ILE A 366 -37.01 1.59 -7.88
C ILE A 366 -38.09 2.52 -8.41
N GLY A 367 -39.30 2.40 -7.88
CA GLY A 367 -40.42 3.15 -8.39
C GLY A 367 -40.92 4.25 -7.47
N ALA A 368 -41.51 5.28 -8.06
CA ALA A 368 -42.12 6.39 -7.32
C ALA A 368 -42.95 7.30 -8.22
N VAL A 369 -44.08 7.76 -7.70
CA VAL A 369 -44.90 8.77 -8.36
C VAL A 369 -45.32 9.82 -7.32
N LEU A 370 -45.37 11.08 -7.72
CA LEU A 370 -45.81 12.15 -6.83
C LEU A 370 -47.15 12.71 -7.27
N GLU A 371 -48.10 12.75 -6.34
CA GLU A 371 -49.48 13.12 -6.66
C GLU A 371 -50.02 14.27 -5.81
N GLU A 372 -50.91 15.08 -6.39
CA GLU A 372 -51.58 16.14 -5.64
C GLU A 372 -52.77 15.57 -4.89
N VAL A 373 -52.97 16.01 -3.66
CA VAL A 373 -53.96 15.40 -2.78
C VAL A 373 -54.94 16.43 -2.21
N ASP A 374 -56.20 16.00 -2.08
CA ASP A 374 -57.30 16.80 -1.53
C ASP A 374 -56.95 17.44 -0.18
N ASN A 375 -57.74 18.44 0.22
CA ASN A 375 -57.63 19.07 1.53
C ASN A 375 -57.73 18.01 2.63
N LYS A 376 -58.45 16.94 2.33
CA LYS A 376 -58.50 15.78 3.20
C LYS A 376 -57.48 14.74 2.73
N ASN A 377 -57.86 13.90 1.78
CA ASN A 377 -56.94 12.88 1.27
C ASN A 377 -57.26 12.34 -0.13
N LYS A 378 -56.65 11.20 -0.43
CA LYS A 378 -56.70 10.54 -1.75
C LYS A 378 -55.99 11.31 -2.87
N LEU A 379 -56.69 11.61 -3.97
CA LEU A 379 -55.99 12.13 -5.15
C LEU A 379 -56.61 13.35 -5.80
N VAL A 380 -55.82 14.00 -6.65
CA VAL A 380 -56.24 15.14 -7.45
C VAL A 380 -55.61 15.05 -8.83
N GLY A 381 -54.36 14.61 -8.89
CA GLY A 381 -53.67 14.44 -10.16
C GLY A 381 -52.28 13.84 -10.02
N VAL A 382 -51.52 13.81 -11.11
CA VAL A 382 -50.15 13.30 -11.07
C VAL A 382 -49.17 14.27 -11.71
N VAL A 383 -48.09 14.55 -11.00
CA VAL A 383 -47.10 15.53 -11.46
C VAL A 383 -45.81 14.86 -11.94
N GLY A 384 -45.75 13.55 -11.84
CA GLY A 384 -44.62 12.81 -12.38
C GLY A 384 -44.44 11.42 -11.80
N TYR A 385 -43.88 10.52 -12.62
CA TYR A 385 -43.51 9.19 -12.18
C TYR A 385 -41.98 9.06 -12.28
N PHE A 386 -41.34 8.53 -11.24
CA PHE A 386 -39.88 8.33 -11.27
C PHE A 386 -39.50 6.84 -11.24
N SER A 387 -38.48 6.46 -12.00
CA SER A 387 -38.05 5.06 -12.07
C SER A 387 -36.60 4.89 -12.51
N LYS A 388 -35.87 3.99 -11.83
CA LYS A 388 -34.45 3.75 -12.09
C LYS A 388 -34.07 2.25 -11.97
N SER A 389 -32.95 1.85 -12.58
CA SER A 389 -32.46 0.47 -12.49
C SER A 389 -31.21 0.35 -11.64
N LEU A 390 -30.88 -0.87 -11.22
CA LEU A 390 -29.87 -1.08 -10.19
C LEU A 390 -29.29 -2.50 -10.27
N GLU A 391 -28.11 -2.76 -9.67
CA GLU A 391 -27.26 -1.81 -8.96
C GLU A 391 -25.79 -2.13 -9.23
N TYR A 397 -29.17 -6.79 -1.68
CA TYR A 397 -29.13 -6.27 -0.32
C TYR A 397 -30.55 -5.92 0.17
N PRO A 398 -30.83 -6.20 1.46
CA PRO A 398 -32.17 -6.37 2.04
C PRO A 398 -33.23 -5.35 1.62
N ALA A 399 -34.48 -5.80 1.56
CA ALA A 399 -35.57 -4.98 1.06
C ALA A 399 -35.71 -3.65 1.80
N GLY A 400 -35.63 -3.70 3.13
CA GLY A 400 -35.74 -2.50 3.94
C GLY A 400 -34.76 -1.44 3.50
N GLU A 401 -33.52 -1.87 3.26
CA GLU A 401 -32.50 -0.96 2.74
C GLU A 401 -32.76 -0.73 1.24
N LEU A 402 -33.25 -1.76 0.55
CA LEU A 402 -33.58 -1.62 -0.87
C LEU A 402 -34.76 -0.68 -1.07
N GLU A 403 -35.66 -0.65 -0.10
CA GLU A 403 -36.83 0.23 -0.17
C GLU A 403 -36.47 1.64 0.30
N LEU A 404 -35.36 1.77 1.02
CA LEU A 404 -34.86 3.07 1.48
C LEU A 404 -34.14 3.80 0.37
N LEU A 405 -33.28 3.08 -0.33
CA LEU A 405 -32.63 3.61 -1.53
C LEU A 405 -33.68 4.13 -2.50
N GLY A 406 -34.80 3.42 -2.56
CA GLY A 406 -35.92 3.85 -3.38
C GLY A 406 -36.49 5.18 -2.92
N ILE A 407 -36.53 5.40 -1.60
CA ILE A 407 -37.02 6.66 -1.05
C ILE A 407 -36.10 7.86 -1.33
N ILE A 408 -34.81 7.69 -1.05
CA ILE A 408 -33.86 8.80 -1.17
C ILE A 408 -33.56 9.15 -2.63
N LYS A 409 -33.56 8.15 -3.50
CA LYS A 409 -33.38 8.43 -4.92
C LYS A 409 -34.66 9.04 -5.49
N ALA A 410 -35.77 8.82 -4.81
CA ALA A 410 -37.03 9.45 -5.22
C ALA A 410 -37.08 10.86 -4.70
N LEU A 411 -36.77 11.03 -3.42
CA LEU A 411 -36.73 12.35 -2.82
C LEU A 411 -35.73 13.22 -3.56
N HIS A 412 -34.63 12.62 -4.00
CA HIS A 412 -33.63 13.39 -4.71
C HIS A 412 -34.19 13.88 -6.03
N HIS A 413 -35.19 13.16 -6.54
CA HIS A 413 -35.75 13.47 -7.86
C HIS A 413 -36.66 14.69 -7.81
N PHE A 414 -37.49 14.76 -6.77
CA PHE A 414 -38.43 15.87 -6.66
C PHE A 414 -37.99 16.92 -5.65
N ARG A 415 -36.71 16.89 -5.29
CA ARG A 415 -36.19 17.74 -4.22
C ARG A 415 -36.47 19.22 -4.47
N TYR A 416 -36.49 19.61 -5.74
CA TYR A 416 -36.68 21.00 -6.13
C TYR A 416 -38.15 21.39 -6.08
N MSE A 417 -38.93 20.61 -5.35
CA MSE A 417 -40.34 20.92 -5.11
C MSE A 417 -40.72 20.53 -3.68
O MSE A 417 -41.44 21.25 -3.01
CB MSE A 417 -41.23 20.17 -6.09
CG MSE A 417 -41.26 20.73 -7.51
SE MSE A 417 -41.92 19.39 -8.77
CE MSE A 417 -43.05 18.43 -7.53
N LEU A 418 -40.22 19.38 -3.24
CA LEU A 418 -40.58 18.80 -1.96
C LEU A 418 -39.82 19.35 -0.75
N HIS A 419 -38.67 19.98 -1.00
CA HIS A 419 -37.84 20.51 0.07
C HIS A 419 -37.95 22.02 0.13
N GLY A 420 -38.72 22.55 1.07
CA GLY A 420 -39.47 21.76 2.03
C GLY A 420 -40.90 22.24 2.15
N LYS A 421 -41.82 21.39 1.70
CA LYS A 421 -43.22 21.51 2.05
C LYS A 421 -43.52 20.28 2.89
N HIS A 422 -44.60 20.31 3.65
CA HIS A 422 -44.96 19.14 4.44
C HIS A 422 -45.81 18.20 3.62
N PHE A 423 -45.16 17.23 3.00
CA PHE A 423 -45.86 16.18 2.28
C PHE A 423 -45.93 14.90 3.10
N THR A 424 -46.34 13.82 2.48
CA THR A 424 -46.46 12.56 3.19
C THR A 424 -45.83 11.43 2.38
N LEU A 425 -45.35 10.39 3.06
CA LEU A 425 -44.72 9.26 2.38
C LEU A 425 -45.56 8.00 2.47
N ARG A 426 -45.88 7.42 1.31
CA ARG A 426 -46.48 6.11 1.28
C ARG A 426 -45.40 5.12 0.93
N THR A 427 -45.04 4.27 1.90
CA THR A 427 -44.05 3.21 1.70
C THR A 427 -44.25 2.13 2.76
N ASN A 428 -43.55 1.01 2.61
CA ASN A 428 -43.60 -0.06 3.60
C ASN A 428 -42.63 0.24 4.75
N HIS A 429 -42.97 -0.26 5.95
CA HIS A 429 -42.19 -0.02 7.16
C HIS A 429 -41.93 1.47 7.42
N ALA A 442 -24.81 0.80 9.56
CA ALA A 442 -24.22 0.60 8.23
C ALA A 442 -24.04 1.92 7.47
N ARG A 443 -22.82 2.16 6.96
CA ARG A 443 -22.42 3.52 6.53
C ARG A 443 -23.21 4.13 5.38
N ARG A 444 -23.30 3.42 4.26
CA ARG A 444 -24.07 3.92 3.13
C ARG A 444 -25.55 4.09 3.49
N VAL A 445 -26.01 3.45 4.56
CA VAL A 445 -27.37 3.63 5.04
C VAL A 445 -27.45 4.82 5.99
N GLN A 446 -26.34 5.12 6.67
CA GLN A 446 -26.30 6.30 7.50
C GLN A 446 -26.53 7.51 6.60
N ARG A 447 -25.82 7.52 5.48
CA ARG A 447 -25.94 8.54 4.43
C ARG A 447 -27.36 8.62 3.89
N TRP A 448 -27.91 7.46 3.52
CA TRP A 448 -29.30 7.38 3.11
C TRP A 448 -30.19 8.03 4.18
N LEU A 449 -29.93 7.70 5.43
CA LEU A 449 -30.76 8.15 6.55
C LEU A 449 -30.60 9.64 6.83
N ASP A 450 -29.41 10.16 6.55
CA ASP A 450 -29.12 11.57 6.79
C ASP A 450 -29.85 12.45 5.79
N ASP A 451 -29.83 12.03 4.52
CA ASP A 451 -30.48 12.79 3.45
C ASP A 451 -31.94 12.84 3.77
N LEU A 452 -32.49 11.68 4.13
CA LEU A 452 -33.88 11.52 4.50
C LEU A 452 -34.29 12.49 5.59
N ALA A 453 -33.38 12.77 6.52
CA ALA A 453 -33.68 13.61 7.68
C ALA A 453 -34.05 15.05 7.33
N THR A 454 -33.41 15.59 6.29
CA THR A 454 -33.59 17.00 5.92
C THR A 454 -34.97 17.30 5.32
N TYR A 455 -35.74 16.26 5.05
CA TYR A 455 -37.11 16.42 4.58
C TYR A 455 -38.05 16.28 5.75
N ASP A 456 -39.13 17.05 5.76
CA ASP A 456 -40.16 16.85 6.78
C ASP A 456 -41.40 16.28 6.10
N PHE A 457 -41.98 15.26 6.72
CA PHE A 457 -43.10 14.53 6.15
C PHE A 457 -43.78 13.67 7.21
N THR A 458 -44.57 12.70 6.76
CA THR A 458 -45.20 11.74 7.65
C THR A 458 -45.46 10.45 6.87
N LEU A 459 -44.95 9.32 7.37
CA LEU A 459 -45.07 8.04 6.67
C LEU A 459 -46.51 7.56 6.59
N GLU A 460 -46.77 6.61 5.70
CA GLU A 460 -48.11 6.02 5.56
C GLU A 460 -48.05 4.49 5.45
N TYR A 461 -49.17 3.83 5.69
CA TYR A 461 -49.25 2.38 5.58
C TYR A 461 -49.24 1.94 4.11
N LYS B 17 -22.92 45.45 28.84
CA LYS B 17 -22.74 45.04 27.45
C LYS B 17 -23.03 46.20 26.48
N ASP B 18 -22.41 47.34 26.74
CA ASP B 18 -22.57 48.53 25.90
C ASP B 18 -21.28 49.36 25.86
N THR B 19 -20.13 48.69 25.90
CA THR B 19 -18.85 49.32 26.25
C THR B 19 -18.33 50.49 25.40
N PHE B 20 -18.99 50.84 24.31
CA PHE B 20 -18.52 51.95 23.48
C PHE B 20 -18.72 53.30 24.19
N CYS B 21 -19.91 53.48 24.76
CA CYS B 21 -20.22 54.65 25.56
C CYS B 21 -19.19 54.86 26.68
N THR B 22 -18.56 53.78 27.11
CA THR B 22 -17.56 53.84 28.19
C THR B 22 -16.32 54.64 27.81
N LEU B 23 -16.10 54.85 26.51
CA LEU B 23 -14.95 55.65 26.10
C LEU B 23 -15.31 57.13 25.80
N PRO B 24 -14.41 58.06 26.14
CA PRO B 24 -14.52 59.52 25.98
C PRO B 24 -15.22 59.97 24.72
N VAL B 25 -15.99 61.05 24.85
CA VAL B 25 -16.82 61.55 23.75
C VAL B 25 -16.02 62.01 22.54
N TRP B 26 -14.80 62.49 22.74
CA TRP B 26 -13.99 62.98 21.62
C TRP B 26 -13.53 61.82 20.76
N LEU B 27 -13.35 60.66 21.36
CA LEU B 27 -13.01 59.49 20.58
C LEU B 27 -14.26 58.96 19.91
N GLN B 28 -15.37 58.99 20.66
CA GLN B 28 -16.66 58.51 20.14
C GLN B 28 -17.01 59.21 18.84
N GLN B 29 -16.76 60.52 18.81
CA GLN B 29 -17.12 61.36 17.68
C GLN B 29 -16.10 61.28 16.54
N LYS B 30 -14.86 61.03 16.90
CA LYS B 30 -13.78 61.04 15.91
C LYS B 30 -13.95 59.86 14.98
N TYR B 31 -14.23 58.71 15.57
CA TYR B 31 -14.24 57.44 14.85
C TYR B 31 -15.62 56.79 14.77
N ARG B 32 -16.66 57.59 14.94
CA ARG B 32 -18.03 57.10 14.85
C ARG B 32 -18.25 56.51 13.47
N GLU B 33 -17.76 57.22 12.46
CA GLU B 33 -17.87 56.78 11.06
C GLU B 33 -17.29 55.39 10.77
N ILE B 34 -16.20 55.03 11.43
CA ILE B 34 -15.54 53.75 11.16
C ILE B 34 -15.82 52.64 12.20
N ILE B 35 -16.54 52.98 13.26
CA ILE B 35 -16.97 51.98 14.23
C ILE B 35 -18.47 51.73 14.03
N ARG B 36 -18.80 51.11 12.90
CA ARG B 36 -20.18 50.89 12.51
C ARG B 36 -20.65 49.49 12.90
N ASN B 37 -21.94 49.22 12.72
CA ASN B 37 -22.49 47.91 13.03
C ASN B 37 -22.89 47.13 11.79
N ASP B 38 -22.80 47.78 10.64
CA ASP B 38 -23.06 47.13 9.36
C ASP B 38 -22.12 47.73 8.32
N LEU B 39 -21.67 46.93 7.38
CA LEU B 39 -20.73 47.45 6.40
C LEU B 39 -21.44 48.34 5.40
N PRO B 40 -20.97 49.58 5.27
CA PRO B 40 -21.48 50.44 4.22
C PRO B 40 -20.97 49.93 2.87
N PRO B 41 -21.57 50.39 1.78
CA PRO B 41 -21.08 50.00 0.45
C PRO B 41 -19.62 50.39 0.20
N ARG B 42 -18.92 49.58 -0.59
CA ARG B 42 -17.50 49.74 -0.86
C ARG B 42 -17.13 51.13 -1.36
N PRO B 43 -16.11 51.75 -0.75
CA PRO B 43 -15.70 53.13 -1.05
C PRO B 43 -14.80 53.33 -2.29
N ALA B 44 -14.19 52.26 -2.79
CA ALA B 44 -13.30 52.38 -3.95
C ALA B 44 -14.01 52.01 -5.24
N PRO B 50 -3.54 49.10 -0.59
CA PRO B 50 -3.34 48.36 0.65
C PRO B 50 -2.57 47.08 0.37
N VAL B 51 -3.00 45.97 0.98
CA VAL B 51 -2.61 44.64 0.53
C VAL B 51 -3.87 43.90 0.07
N LYS B 52 -3.72 42.96 -0.85
CA LYS B 52 -4.86 42.27 -1.44
C LYS B 52 -4.80 40.78 -1.14
N HIS B 53 -5.93 40.11 -1.37
CA HIS B 53 -5.99 38.65 -1.36
C HIS B 53 -5.75 38.16 -2.78
N ASP B 54 -4.74 37.30 -2.97
CA ASP B 54 -4.48 36.73 -4.28
C ASP B 54 -4.79 35.23 -4.28
N ILE B 55 -4.92 34.62 -5.45
CA ILE B 55 -5.27 33.21 -5.53
C ILE B 55 -4.31 32.47 -6.46
N GLU B 56 -3.19 32.01 -5.91
CA GLU B 56 -2.16 31.35 -6.70
C GLU B 56 -2.55 29.90 -6.91
N ILE B 57 -2.71 29.50 -8.16
CA ILE B 57 -3.21 28.17 -8.51
C ILE B 57 -2.08 27.13 -8.60
N LYS B 58 -2.30 25.96 -8.00
CA LYS B 58 -1.35 24.85 -8.05
C LYS B 58 -0.96 24.52 -9.48
N PRO B 59 0.33 24.65 -9.81
CA PRO B 59 0.86 24.31 -11.13
C PRO B 59 0.24 23.03 -11.66
N GLY B 60 -0.62 23.15 -12.68
CA GLY B 60 -1.24 22.00 -13.30
C GLY B 60 -2.62 21.67 -12.77
N ALA B 61 -3.18 22.55 -11.95
CA ALA B 61 -4.53 22.32 -11.42
C ALA B 61 -5.53 23.03 -12.31
N ARG B 62 -6.74 22.49 -12.35
CA ARG B 62 -7.80 23.13 -13.12
C ARG B 62 -8.73 23.93 -12.21
N LEU B 63 -9.01 25.17 -12.61
CA LEU B 63 -10.06 25.95 -11.94
C LEU B 63 -11.40 25.27 -12.16
N PRO B 64 -12.33 25.44 -11.21
CA PRO B 64 -13.58 24.70 -11.36
C PRO B 64 -14.45 25.23 -12.48
N ARG B 65 -15.15 24.33 -13.16
CA ARG B 65 -16.16 24.74 -14.12
C ARG B 65 -17.45 24.04 -13.74
N LEU B 66 -18.04 24.45 -12.62
CA LEU B 66 -19.19 23.74 -12.07
C LEU B 66 -20.53 24.40 -12.37
N GLN B 67 -21.55 23.58 -12.58
CA GLN B 67 -22.91 24.07 -12.73
C GLN B 67 -23.48 24.53 -11.39
N PRO B 68 -24.54 25.33 -11.40
CA PRO B 68 -25.18 25.66 -10.12
C PRO B 68 -25.96 24.48 -9.58
N TYR B 69 -26.23 24.47 -8.28
CA TYR B 69 -26.98 23.42 -7.64
C TYR B 69 -28.47 23.67 -7.83
N HIS B 70 -29.25 22.60 -7.98
CA HIS B 70 -30.70 22.74 -8.14
C HIS B 70 -31.35 23.11 -6.81
N VAL B 71 -32.08 24.22 -6.80
CA VAL B 71 -32.80 24.68 -5.61
C VAL B 71 -34.26 24.93 -5.95
N THR B 72 -35.09 25.14 -4.92
CA THR B 72 -36.51 25.31 -5.15
C THR B 72 -36.84 26.74 -5.48
N GLU B 73 -38.07 26.96 -5.94
CA GLU B 73 -38.51 28.28 -6.35
C GLU B 73 -38.23 29.36 -5.31
N LYS B 74 -38.81 29.20 -4.13
CA LYS B 74 -38.66 30.20 -3.06
C LYS B 74 -37.18 30.47 -2.74
N ASN B 75 -36.41 29.41 -2.55
CA ASN B 75 -34.99 29.49 -2.27
C ASN B 75 -34.20 30.35 -3.25
N GLU B 76 -34.49 30.20 -4.53
CA GLU B 76 -33.77 30.96 -5.55
C GLU B 76 -34.20 32.42 -5.49
N GLN B 77 -35.45 32.66 -5.11
CA GLN B 77 -35.92 34.01 -4.93
C GLN B 77 -35.03 34.62 -3.88
N GLU B 78 -34.88 33.88 -2.79
CA GLU B 78 -34.03 34.29 -1.68
C GLU B 78 -32.55 34.37 -2.07
N ILE B 79 -32.11 33.51 -2.98
CA ILE B 79 -30.75 33.63 -3.48
C ILE B 79 -30.57 35.00 -4.13
N ASN B 80 -31.50 35.35 -5.01
CA ASN B 80 -31.44 36.60 -5.75
C ASN B 80 -31.54 37.86 -4.88
N LYS B 81 -32.41 37.85 -3.88
CA LYS B 81 -32.46 38.92 -2.85
C LYS B 81 -31.07 39.30 -2.32
N ILE B 82 -30.24 38.30 -2.06
CA ILE B 82 -28.92 38.55 -1.50
C ILE B 82 -27.95 39.06 -2.55
N VAL B 83 -27.96 38.45 -3.72
CA VAL B 83 -27.08 38.87 -4.79
C VAL B 83 -27.28 40.35 -5.02
N GLN B 84 -28.52 40.81 -4.93
CA GLN B 84 -28.84 42.22 -5.05
C GLN B 84 -28.15 43.01 -3.95
N LYS B 85 -28.39 42.63 -2.70
CA LYS B 85 -27.82 43.33 -1.56
C LYS B 85 -26.31 43.47 -1.69
N LEU B 86 -25.66 42.44 -2.25
CA LEU B 86 -24.22 42.47 -2.49
C LEU B 86 -23.87 43.36 -3.68
N LEU B 87 -24.57 43.18 -4.79
CA LEU B 87 -24.38 44.03 -5.96
C LEU B 87 -24.50 45.49 -5.60
N ASP B 88 -25.45 45.77 -4.71
CA ASP B 88 -25.73 47.12 -4.25
C ASP B 88 -24.62 47.60 -3.34
N ASN B 89 -23.95 46.65 -2.70
CA ASN B 89 -22.87 47.01 -1.77
C ASN B 89 -21.54 47.10 -2.47
N LYS B 90 -21.53 46.78 -3.75
CA LYS B 90 -20.32 46.79 -4.56
C LYS B 90 -19.32 45.72 -4.10
N PHE B 91 -19.81 44.65 -3.47
CA PHE B 91 -18.94 43.54 -3.06
C PHE B 91 -18.74 42.58 -4.21
N ILE B 92 -19.73 42.50 -5.10
CA ILE B 92 -19.62 41.70 -6.30
C ILE B 92 -20.05 42.50 -7.49
N VAL B 93 -19.48 42.18 -8.65
CA VAL B 93 -19.92 42.69 -9.92
C VAL B 93 -20.22 41.45 -10.73
N PRO B 94 -21.02 41.59 -11.81
CA PRO B 94 -21.28 40.44 -12.67
C PRO B 94 -20.00 40.01 -13.36
N SER B 95 -19.85 38.72 -13.68
CA SER B 95 -18.73 38.28 -14.51
C SER B 95 -19.06 37.50 -15.80
N LYS B 96 -18.03 37.38 -16.62
CA LYS B 96 -18.06 36.63 -17.84
C LYS B 96 -16.91 35.66 -17.71
N SER B 97 -16.66 35.28 -16.45
CA SER B 97 -15.50 34.53 -16.04
C SER B 97 -15.48 33.14 -16.62
N PRO B 98 -14.29 32.60 -16.88
CA PRO B 98 -14.23 31.32 -17.56
C PRO B 98 -14.31 30.18 -16.58
N CYS B 99 -14.58 30.48 -15.32
CA CYS B 99 -14.74 29.45 -14.32
C CYS B 99 -15.87 29.83 -13.37
N SER B 100 -16.33 28.88 -12.57
CA SER B 100 -17.45 29.15 -11.66
C SER B 100 -17.51 28.10 -10.55
N SER B 101 -17.97 28.54 -9.38
CA SER B 101 -18.25 27.65 -8.26
C SER B 101 -19.71 27.86 -7.86
N PRO B 102 -20.36 26.80 -7.39
CA PRO B 102 -21.78 26.84 -7.05
C PRO B 102 -21.98 27.56 -5.74
N VAL B 103 -23.22 27.55 -5.24
CA VAL B 103 -23.60 28.45 -4.18
C VAL B 103 -24.66 27.75 -3.32
N VAL B 104 -24.58 27.97 -2.01
CA VAL B 104 -25.53 27.36 -1.08
C VAL B 104 -26.18 28.43 -0.20
N LEU B 105 -27.52 28.45 -0.17
CA LEU B 105 -28.24 29.46 0.60
C LEU B 105 -28.38 28.98 2.02
N VAL B 106 -27.89 29.76 2.98
CA VAL B 106 -27.94 29.29 4.36
C VAL B 106 -28.96 30.04 5.20
N PRO B 107 -30.00 29.35 5.64
CA PRO B 107 -31.14 29.91 6.38
C PRO B 107 -30.82 30.12 7.85
N LYS B 108 -30.31 31.29 8.17
CA LYS B 108 -29.95 31.64 9.54
C LYS B 108 -31.06 31.36 10.56
N LYS B 109 -30.64 31.26 11.83
CA LYS B 109 -31.53 30.94 12.95
C LYS B 109 -32.43 32.11 13.24
N ASP B 110 -32.27 33.14 12.42
CA ASP B 110 -32.77 34.48 12.64
C ASP B 110 -33.98 34.76 11.73
N GLY B 111 -34.16 33.92 10.71
CA GLY B 111 -35.17 34.15 9.70
C GLY B 111 -34.53 34.79 8.47
N THR B 112 -33.32 35.29 8.65
CA THR B 112 -32.55 35.90 7.58
C THR B 112 -32.00 34.81 6.67
N PHE B 113 -31.16 35.20 5.72
CA PHE B 113 -30.49 34.23 4.86
C PHE B 113 -29.04 34.60 4.60
N ARG B 114 -28.27 33.61 4.17
CA ARG B 114 -26.86 33.78 3.88
C ARG B 114 -26.48 33.06 2.57
N LEU B 115 -25.76 33.77 1.70
CA LEU B 115 -25.23 33.13 0.52
C LEU B 115 -23.80 32.67 0.78
N CYS B 116 -23.59 31.36 0.75
CA CYS B 116 -22.27 30.76 0.89
C CYS B 116 -21.83 30.17 -0.46
N VAL B 117 -20.66 30.55 -0.94
CA VAL B 117 -20.14 30.04 -2.20
C VAL B 117 -19.29 28.81 -1.95
N ASP B 118 -19.66 27.67 -2.52
CA ASP B 118 -18.95 26.41 -2.25
C ASP B 118 -17.59 26.35 -2.93
N TYR B 119 -16.63 27.08 -2.40
CA TYR B 119 -15.32 27.16 -3.05
C TYR B 119 -14.39 25.95 -2.82
N ARG B 120 -14.92 24.77 -2.54
CA ARG B 120 -14.05 23.63 -2.23
C ARG B 120 -13.18 23.23 -3.42
N THR B 121 -13.76 23.15 -4.62
CA THR B 121 -12.98 22.74 -5.79
C THR B 121 -11.88 23.75 -6.09
N LEU B 122 -12.20 25.04 -5.93
CA LEU B 122 -11.22 26.10 -6.10
C LEU B 122 -10.11 25.84 -5.13
N ASN B 123 -10.42 25.93 -3.84
CA ASN B 123 -9.44 25.78 -2.77
C ASN B 123 -8.48 24.61 -2.92
N LYS B 124 -8.98 23.48 -3.40
CA LYS B 124 -8.13 22.33 -3.69
C LYS B 124 -7.05 22.71 -4.69
N ALA B 125 -7.44 23.48 -5.71
CA ALA B 125 -6.53 23.78 -6.80
C ALA B 125 -5.61 24.95 -6.49
N THR B 126 -5.87 25.65 -5.39
CA THR B 126 -5.01 26.78 -5.01
C THR B 126 -3.94 26.46 -3.94
N ILE B 127 -2.75 26.97 -4.18
CA ILE B 127 -1.63 26.90 -3.25
C ILE B 127 -1.97 27.53 -1.90
N SER B 128 -1.44 27.00 -0.82
CA SER B 128 -1.62 27.68 0.46
C SER B 128 -0.37 28.41 0.91
N ASP B 129 -0.55 29.65 1.34
CA ASP B 129 0.55 30.44 1.87
C ASP B 129 0.15 30.97 3.22
N PRO B 130 0.26 30.12 4.24
CA PRO B 130 -0.15 30.55 5.57
C PRO B 130 0.83 31.57 6.13
N PHE B 131 0.34 32.59 6.79
CA PHE B 131 1.21 33.61 7.33
C PHE B 131 1.75 33.17 8.67
N PRO B 132 3.08 33.14 8.80
CA PRO B 132 3.77 32.75 10.03
C PRO B 132 3.40 33.64 11.21
N LEU B 133 2.84 33.03 12.26
CA LEU B 133 2.46 33.73 13.47
C LEU B 133 3.31 33.32 14.69
N PRO B 134 3.49 34.25 15.64
CA PRO B 134 4.28 33.99 16.84
C PRO B 134 3.58 32.95 17.69
N ARG B 135 4.29 32.40 18.66
CA ARG B 135 3.62 31.59 19.66
C ARG B 135 2.71 32.52 20.46
N ILE B 136 1.54 32.01 20.83
CA ILE B 136 0.58 32.82 21.57
C ILE B 136 1.16 33.31 22.89
N ASP B 137 1.96 32.47 23.51
CA ASP B 137 2.54 32.80 24.81
C ASP B 137 3.60 33.89 24.73
N ASN B 138 4.16 34.10 23.55
CA ASN B 138 5.09 35.20 23.34
C ASN B 138 4.32 36.50 23.15
N LEU B 139 3.05 36.38 22.79
CA LEU B 139 2.23 37.55 22.59
C LEU B 139 1.67 38.01 23.92
N LEU B 140 1.18 37.06 24.71
CA LEU B 140 0.60 37.34 26.02
C LEU B 140 1.65 37.91 26.97
N SER B 141 2.92 37.65 26.66
CA SER B 141 4.01 38.15 27.49
C SER B 141 4.18 39.64 27.34
N ARG B 142 3.55 40.21 26.32
CA ARG B 142 3.68 41.63 26.07
C ARG B 142 2.77 42.46 26.96
N ILE B 143 1.58 41.94 27.23
CA ILE B 143 0.57 42.75 27.93
C ILE B 143 1.12 43.27 29.24
N GLY B 144 2.00 42.49 29.88
CA GLY B 144 2.65 42.89 31.11
C GLY B 144 1.73 43.48 32.17
N ASN B 145 2.16 44.60 32.74
CA ASN B 145 1.36 45.30 33.74
C ASN B 145 0.41 46.28 33.07
N ALA B 146 -0.56 45.76 32.34
CA ALA B 146 -1.51 46.61 31.67
C ALA B 146 -2.73 46.73 32.57
N GLN B 147 -3.54 47.76 32.37
CA GLN B 147 -4.64 48.05 33.30
C GLN B 147 -6.00 48.18 32.61
N ILE B 148 -6.00 48.69 31.39
CA ILE B 148 -7.17 48.63 30.53
C ILE B 148 -6.78 47.89 29.29
N PHE B 149 -7.76 47.16 28.75
CA PHE B 149 -7.62 46.46 27.49
C PHE B 149 -8.82 46.84 26.63
N THR B 150 -8.64 46.80 25.31
CA THR B 150 -9.74 46.97 24.37
C THR B 150 -9.54 46.05 23.17
N THR B 151 -10.56 45.27 22.85
CA THR B 151 -10.52 44.45 21.64
C THR B 151 -11.42 44.98 20.50
N LEU B 152 -10.87 44.97 19.28
CA LEU B 152 -11.58 45.47 18.11
C LEU B 152 -11.88 44.31 17.15
N ASP B 153 -13.11 44.22 16.65
CA ASP B 153 -13.41 43.21 15.64
C ASP B 153 -13.57 43.80 14.24
N LEU B 154 -12.88 43.22 13.27
CA LEU B 154 -12.99 43.63 11.88
C LEU B 154 -13.51 42.47 11.06
N HIS B 155 -14.02 41.44 11.76
CA HIS B 155 -14.39 40.16 11.15
C HIS B 155 -13.32 39.68 10.18
N SER B 156 -12.08 39.69 10.65
CA SER B 156 -10.91 39.25 9.89
C SER B 156 -10.84 39.93 8.52
N GLY B 157 -11.51 41.06 8.36
CA GLY B 157 -11.36 41.81 7.13
C GLY B 157 -12.10 41.19 5.96
N TYR B 158 -12.93 40.18 6.24
CA TYR B 158 -13.85 39.66 5.26
C TYR B 158 -14.71 40.80 4.76
N HIS B 159 -15.01 40.77 3.45
CA HIS B 159 -15.78 41.81 2.76
C HIS B 159 -15.15 43.20 2.76
N GLN B 160 -13.89 43.28 3.17
CA GLN B 160 -13.18 44.56 3.25
C GLN B 160 -11.91 44.51 2.42
N ILE B 161 -11.04 43.57 2.72
CA ILE B 161 -9.81 43.42 1.97
C ILE B 161 -10.13 43.18 0.49
N PRO B 162 -9.62 44.06 -0.38
CA PRO B 162 -9.71 43.91 -1.84
C PRO B 162 -9.25 42.54 -2.29
N MSE B 163 -9.97 41.94 -3.23
CA MSE B 163 -9.44 40.89 -4.08
C MSE B 163 -8.39 41.50 -4.98
O MSE B 163 -8.53 42.64 -5.42
CB MSE B 163 -10.54 40.34 -4.98
CG MSE B 163 -11.52 39.45 -4.27
SE MSE B 163 -10.68 37.84 -3.58
CE MSE B 163 -9.36 37.44 -4.96
N GLU B 164 -7.34 40.76 -5.28
CA GLU B 164 -6.41 41.25 -6.29
C GLU B 164 -7.14 41.21 -7.60
N PRO B 165 -7.29 42.37 -8.25
CA PRO B 165 -7.91 42.51 -9.57
C PRO B 165 -7.55 41.37 -10.52
N LYS B 166 -6.25 41.08 -10.64
CA LYS B 166 -5.77 39.92 -11.38
C LYS B 166 -6.50 38.60 -11.05
N ASP B 167 -6.96 38.45 -9.81
CA ASP B 167 -7.47 37.15 -9.34
C ASP B 167 -8.99 37.06 -9.10
N ARG B 168 -9.73 38.12 -9.39
CA ARG B 168 -11.16 38.19 -9.06
C ARG B 168 -12.03 37.14 -9.75
N TYR B 169 -11.73 36.87 -11.03
CA TYR B 169 -12.50 35.90 -11.82
C TYR B 169 -12.48 34.51 -11.21
N LYS B 170 -11.47 34.24 -10.40
CA LYS B 170 -11.34 32.93 -9.78
C LYS B 170 -12.43 32.76 -8.74
N THR B 171 -12.86 33.87 -8.15
CA THR B 171 -13.88 33.83 -7.12
C THR B 171 -15.30 33.70 -7.70
N ALA B 172 -15.41 33.73 -9.02
CA ALA B 172 -16.71 33.82 -9.68
C ALA B 172 -17.72 32.77 -9.27
N PHE B 173 -18.78 33.16 -8.59
CA PHE B 173 -19.85 32.20 -8.32
C PHE B 173 -20.93 32.22 -9.40
N VAL B 174 -21.86 31.29 -9.30
CA VAL B 174 -22.86 31.04 -10.32
C VAL B 174 -24.16 30.68 -9.58
N THR B 175 -25.25 31.38 -9.89
CA THR B 175 -26.54 31.11 -9.25
C THR B 175 -27.42 30.47 -10.30
N PRO B 176 -28.66 30.09 -9.96
CA PRO B 176 -29.45 29.52 -11.05
C PRO B 176 -29.63 30.43 -12.27
N SER B 177 -29.51 31.75 -12.11
CA SER B 177 -29.69 32.66 -13.24
C SER B 177 -28.68 33.81 -13.34
N GLY B 178 -27.44 33.55 -12.93
CA GLY B 178 -26.43 34.60 -12.97
C GLY B 178 -25.02 34.11 -12.74
N LYS B 179 -24.06 35.03 -12.74
CA LYS B 179 -22.66 34.67 -12.62
C LYS B 179 -21.90 35.91 -12.19
N TYR B 180 -21.63 36.02 -10.91
CA TYR B 180 -21.01 37.23 -10.39
C TYR B 180 -19.63 36.87 -9.87
N GLU B 181 -18.80 37.88 -9.66
CA GLU B 181 -17.47 37.66 -9.10
C GLU B 181 -17.23 38.65 -7.97
N TYR B 182 -16.39 38.28 -7.02
CA TYR B 182 -16.22 39.07 -5.80
C TYR B 182 -15.17 40.15 -5.98
N THR B 183 -15.40 41.32 -5.38
CA THR B 183 -14.46 42.44 -5.50
C THR B 183 -13.66 42.62 -4.23
N VAL B 184 -14.28 42.20 -3.13
CA VAL B 184 -13.63 42.13 -1.83
C VAL B 184 -13.50 40.67 -1.43
N MSE B 185 -12.97 40.39 -0.25
CA MSE B 185 -12.60 39.03 0.15
C MSE B 185 -13.76 38.27 0.75
O MSE B 185 -14.12 38.52 1.89
CB MSE B 185 -11.46 39.07 1.13
CG MSE B 185 -10.70 37.77 1.26
SE MSE B 185 -9.30 37.83 2.63
CE MSE B 185 -10.44 38.39 4.10
N PRO B 186 -14.35 37.33 -0.02
CA PRO B 186 -15.49 36.55 0.47
C PRO B 186 -15.06 35.53 1.51
N PHE B 187 -16.02 34.94 2.22
CA PHE B 187 -15.70 33.80 3.04
C PHE B 187 -15.52 32.56 2.16
N GLY B 188 -14.79 31.55 2.63
CA GLY B 188 -14.75 30.28 1.93
C GLY B 188 -13.44 30.00 1.21
N LEU B 189 -12.67 31.06 0.99
CA LEU B 189 -11.40 30.93 0.30
C LEU B 189 -10.30 30.44 1.22
N VAL B 190 -9.38 29.66 0.68
CA VAL B 190 -8.51 28.85 1.49
C VAL B 190 -7.47 29.62 2.30
N ASN B 191 -6.98 30.74 1.80
CA ASN B 191 -5.95 31.43 2.58
C ASN B 191 -6.38 32.72 3.23
N ALA B 192 -7.69 32.91 3.40
CA ALA B 192 -8.22 34.17 3.89
C ALA B 192 -7.59 34.70 5.17
N PRO B 193 -7.58 33.89 6.26
CA PRO B 193 -7.14 34.47 7.54
C PRO B 193 -5.66 34.84 7.55
N SER B 194 -4.85 34.25 6.69
CA SER B 194 -3.46 34.68 6.56
C SER B 194 -3.38 36.08 5.93
N THR B 195 -4.27 36.38 5.00
CA THR B 195 -4.24 37.68 4.32
C THR B 195 -4.46 38.77 5.36
N PHE B 196 -5.54 38.61 6.12
CA PHE B 196 -5.84 39.54 7.19
C PHE B 196 -4.71 39.61 8.22
N ALA B 197 -4.09 38.47 8.50
CA ALA B 197 -2.99 38.42 9.45
C ALA B 197 -1.80 39.21 8.94
N ARG B 198 -1.37 38.93 7.71
CA ARG B 198 -0.29 39.67 7.07
C ARG B 198 -0.60 41.17 7.03
N TYR B 199 -1.89 41.50 6.90
CA TYR B 199 -2.34 42.87 6.83
C TYR B 199 -2.08 43.53 8.18
N MSE B 200 -2.62 42.92 9.24
CA MSE B 200 -2.51 43.49 10.58
C MSE B 200 -1.08 43.65 11.07
O MSE B 200 -0.74 44.62 11.75
CB MSE B 200 -3.31 42.64 11.56
CG MSE B 200 -4.79 42.59 11.27
SE MSE B 200 -5.72 44.31 11.44
CE MSE B 200 -5.42 45.09 9.68
N ALA B 201 -0.25 42.68 10.74
CA ALA B 201 1.16 42.75 11.01
C ALA B 201 1.66 44.01 10.36
N ASP B 202 1.39 44.11 9.07
CA ASP B 202 1.85 45.24 8.27
C ASP B 202 1.47 46.58 8.86
N THR B 203 0.25 46.71 9.37
CA THR B 203 -0.13 48.01 9.88
C THR B 203 0.20 48.23 11.36
N PHE B 204 0.26 47.16 12.15
CA PHE B 204 0.35 47.31 13.61
C PHE B 204 1.58 46.72 14.33
N ARG B 205 2.55 46.20 13.58
CA ARG B 205 3.63 45.47 14.21
C ARG B 205 4.57 46.37 15.02
N ASP B 206 4.46 47.68 14.78
CA ASP B 206 5.43 48.62 15.34
C ASP B 206 4.95 49.30 16.61
N LEU B 207 3.82 48.84 17.16
CA LEU B 207 3.28 49.42 18.38
C LEU B 207 3.38 48.39 19.49
N ARG B 208 4.05 48.75 20.57
CA ARG B 208 4.24 47.82 21.68
C ARG B 208 2.99 47.68 22.54
N PHE B 209 1.98 48.50 22.27
CA PHE B 209 0.75 48.43 23.06
C PHE B 209 -0.39 47.71 22.35
N VAL B 210 -0.10 47.22 21.15
CA VAL B 210 -1.09 46.47 20.36
C VAL B 210 -0.62 45.07 20.03
N ASN B 211 -1.44 44.08 20.40
CA ASN B 211 -1.26 42.71 19.97
C ASN B 211 -2.23 42.37 18.87
N VAL B 212 -1.70 41.84 17.77
CA VAL B 212 -2.51 41.32 16.69
C VAL B 212 -2.07 39.89 16.36
N TYR B 213 -3.02 39.09 15.89
CA TYR B 213 -2.74 37.70 15.54
C TYR B 213 -3.50 37.24 14.28
N LEU B 214 -4.72 36.75 14.44
CA LEU B 214 -5.50 36.23 13.33
C LEU B 214 -6.88 36.86 13.24
N ASP B 215 -7.40 37.30 14.37
CA ASP B 215 -8.77 37.76 14.41
C ASP B 215 -8.88 39.18 14.99
N ASP B 216 -8.91 39.27 16.31
CA ASP B 216 -9.07 40.54 17.02
C ASP B 216 -7.79 41.35 17.06
N ILE B 217 -7.93 42.63 17.38
CA ILE B 217 -6.79 43.49 17.65
C ILE B 217 -6.88 43.78 19.13
N LEU B 218 -5.81 43.50 19.87
CA LEU B 218 -5.80 43.81 21.28
C LEU B 218 -5.02 45.08 21.55
N ILE B 219 -5.62 45.99 22.30
CA ILE B 219 -4.93 47.21 22.70
C ILE B 219 -4.82 47.30 24.22
N PHE B 220 -3.59 47.34 24.72
CA PHE B 220 -3.37 47.39 26.16
C PHE B 220 -2.54 48.58 26.58
N SER B 221 -2.97 49.23 27.66
CA SER B 221 -2.22 50.33 28.24
C SER B 221 -2.31 50.20 29.74
N GLU B 222 -1.56 51.03 30.46
CA GLU B 222 -1.48 50.95 31.91
C GLU B 222 -2.31 52.04 32.62
N SER B 223 -3.01 52.84 31.82
CA SER B 223 -3.87 53.88 32.35
C SER B 223 -4.88 54.31 31.28
N PRO B 224 -6.11 54.61 31.71
CA PRO B 224 -7.11 55.09 30.76
C PRO B 224 -6.65 56.41 30.15
N GLU B 225 -5.81 57.13 30.89
CA GLU B 225 -5.16 58.34 30.40
C GLU B 225 -4.44 58.00 29.09
N GLU B 226 -3.47 57.10 29.20
CA GLU B 226 -2.67 56.72 28.05
C GLU B 226 -3.49 55.93 27.03
N HIS B 227 -4.50 55.21 27.51
CA HIS B 227 -5.33 54.37 26.63
C HIS B 227 -5.99 55.13 25.49
N TRP B 228 -6.55 56.30 25.78
CA TRP B 228 -7.25 57.05 24.74
C TRP B 228 -6.28 57.49 23.68
N LYS B 229 -5.07 57.82 24.09
CA LYS B 229 -4.05 58.19 23.12
C LYS B 229 -3.71 56.95 22.32
N HIS B 230 -3.81 55.79 22.95
CA HIS B 230 -3.52 54.56 22.23
C HIS B 230 -4.58 54.27 21.18
N LEU B 231 -5.83 54.16 21.61
CA LEU B 231 -6.97 53.97 20.73
C LEU B 231 -6.94 54.96 19.57
N ASP B 232 -6.61 56.21 19.90
CA ASP B 232 -6.51 57.28 18.92
C ASP B 232 -5.58 56.85 17.77
N THR B 233 -4.44 56.25 18.11
CA THR B 233 -3.50 55.81 17.06
C THR B 233 -4.02 54.64 16.23
N VAL B 234 -4.61 53.66 16.88
CA VAL B 234 -4.98 52.44 16.19
C VAL B 234 -6.21 52.73 15.34
N LEU B 235 -7.20 53.38 15.92
CA LEU B 235 -8.37 53.79 15.16
C LEU B 235 -8.01 54.74 13.98
N GLU B 236 -7.07 55.64 14.19
CA GLU B 236 -6.60 56.45 13.07
C GLU B 236 -6.10 55.56 11.93
N ARG B 237 -5.25 54.61 12.28
CA ARG B 237 -4.56 53.78 11.31
C ARG B 237 -5.57 52.96 10.55
N LEU B 238 -6.57 52.44 11.26
CA LEU B 238 -7.68 51.77 10.60
C LEU B 238 -8.37 52.75 9.68
N LYS B 239 -8.77 53.91 10.22
CA LYS B 239 -9.45 54.93 9.41
C LYS B 239 -8.67 55.27 8.14
N ASN B 240 -7.35 55.26 8.20
CA ASN B 240 -6.54 55.53 7.01
C ASN B 240 -6.52 54.36 6.04
N GLU B 241 -6.91 53.18 6.51
CA GLU B 241 -6.98 52.01 5.64
C GLU B 241 -8.36 51.83 5.05
N ASN B 242 -9.26 52.73 5.40
CA ASN B 242 -10.64 52.58 5.00
C ASN B 242 -11.19 51.26 5.48
N LEU B 243 -10.90 50.95 6.74
CA LEU B 243 -11.41 49.75 7.36
C LEU B 243 -12.56 50.10 8.28
N ILE B 244 -13.30 49.09 8.69
CA ILE B 244 -14.46 49.32 9.51
C ILE B 244 -14.47 48.34 10.68
N VAL B 245 -14.74 48.86 11.87
CA VAL B 245 -14.75 48.02 13.05
C VAL B 245 -16.18 47.57 13.30
N LYS B 246 -16.40 46.26 13.23
CA LYS B 246 -17.71 45.69 13.48
C LYS B 246 -18.03 45.84 14.96
N LYS B 247 -18.53 47.03 15.28
CA LYS B 247 -18.79 47.48 16.66
C LYS B 247 -19.32 46.40 17.58
N LYS B 248 -20.52 45.90 17.28
CA LYS B 248 -21.23 44.94 18.12
C LYS B 248 -20.36 43.85 18.76
N LYS B 249 -19.32 43.42 18.07
CA LYS B 249 -18.41 42.42 18.61
C LYS B 249 -17.34 42.98 19.58
N CYS B 250 -16.93 44.24 19.39
CA CYS B 250 -15.86 44.86 20.18
C CYS B 250 -16.12 44.95 21.70
N LYS B 251 -15.06 45.01 22.49
CA LYS B 251 -15.18 45.38 23.91
C LYS B 251 -14.20 46.52 24.18
N PHE B 252 -14.72 47.64 24.65
CA PHE B 252 -13.92 48.86 24.78
C PHE B 252 -13.51 49.16 26.21
N ALA B 253 -12.24 49.54 26.36
CA ALA B 253 -11.66 50.02 27.63
C ALA B 253 -12.28 49.41 28.88
N SER B 254 -12.18 48.09 29.02
CA SER B 254 -12.69 47.45 30.20
C SER B 254 -11.53 46.88 31.00
N GLU B 255 -11.86 46.35 32.18
CA GLU B 255 -10.87 45.78 33.07
C GLU B 255 -10.44 44.43 32.52
N GLU B 256 -11.41 43.60 32.19
CA GLU B 256 -11.14 42.25 31.73
C GLU B 256 -11.60 42.05 30.31
N THR B 257 -10.89 41.19 29.59
CA THR B 257 -11.19 40.95 28.20
C THR B 257 -10.75 39.55 27.87
N GLU B 258 -11.25 39.03 26.76
CA GLU B 258 -10.85 37.70 26.31
C GLU B 258 -10.04 37.84 25.04
N PHE B 259 -8.96 37.09 24.96
CA PHE B 259 -8.07 37.19 23.82
C PHE B 259 -7.44 35.83 23.57
N LEU B 260 -7.46 35.41 22.30
CA LEU B 260 -6.77 34.20 21.85
C LEU B 260 -7.04 32.97 22.69
N GLY B 261 -8.27 32.82 23.15
CA GLY B 261 -8.64 31.66 23.94
C GLY B 261 -8.17 31.76 25.37
N TYR B 262 -7.54 32.88 25.69
CA TYR B 262 -7.13 33.13 27.06
C TYR B 262 -7.99 34.20 27.68
N SER B 263 -8.12 34.14 29.01
CA SER B 263 -8.80 35.17 29.76
C SER B 263 -7.77 36.20 30.16
N ILE B 264 -7.93 37.43 29.67
CA ILE B 264 -6.96 38.46 29.96
C ILE B 264 -7.38 39.32 31.13
N GLY B 265 -6.61 39.24 32.22
CA GLY B 265 -6.88 40.01 33.41
C GLY B 265 -5.79 41.03 33.67
N ILE B 266 -5.97 41.79 34.75
CA ILE B 266 -5.02 42.82 35.14
C ILE B 266 -3.62 42.24 35.21
N GLN B 267 -3.41 41.30 36.12
CA GLN B 267 -2.14 40.59 36.18
C GLN B 267 -2.32 39.10 35.96
N LYS B 268 -3.53 38.72 35.54
CA LYS B 268 -3.86 37.30 35.42
C LYS B 268 -4.23 36.90 33.99
N ILE B 269 -3.35 36.11 33.38
CA ILE B 269 -3.61 35.48 32.10
C ILE B 269 -3.79 33.99 32.34
N ALA B 270 -4.96 33.45 32.05
CA ALA B 270 -5.17 32.02 32.21
C ALA B 270 -6.29 31.54 31.29
N PRO B 271 -6.00 30.53 30.44
CA PRO B 271 -6.84 30.03 29.34
C PRO B 271 -8.30 29.79 29.71
N LEU B 272 -9.19 29.86 28.72
CA LEU B 272 -10.60 29.52 28.95
C LEU B 272 -10.81 28.01 29.10
N GLN B 273 -10.08 27.21 28.32
CA GLN B 273 -10.07 25.76 28.55
C GLN B 273 -8.66 25.16 28.53
N HIS B 274 -8.11 24.92 29.72
CA HIS B 274 -6.76 24.39 29.82
C HIS B 274 -6.50 23.11 29.00
N LYS B 275 -5.26 22.97 28.55
CA LYS B 275 -4.74 21.80 27.83
C LYS B 275 -5.22 20.42 28.34
N CYS B 276 -5.48 20.33 29.65
CA CYS B 276 -5.81 19.06 30.29
C CYS B 276 -7.09 19.09 31.09
N ALA B 277 -7.84 20.18 30.99
CA ALA B 277 -9.09 20.32 31.72
C ALA B 277 -9.99 19.11 31.54
N ALA B 278 -10.12 18.67 30.28
CA ALA B 278 -10.98 17.56 29.92
C ALA B 278 -10.71 16.29 30.70
N ILE B 279 -9.44 15.95 30.88
CA ILE B 279 -9.14 14.73 31.61
C ILE B 279 -9.15 15.00 33.11
N ARG B 280 -8.82 16.22 33.51
CA ARG B 280 -8.79 16.56 34.92
C ARG B 280 -10.16 16.48 35.57
N ASP B 281 -11.12 17.23 35.01
CA ASP B 281 -12.49 17.27 35.53
C ASP B 281 -13.33 16.08 35.05
N PHE B 282 -12.67 15.09 34.43
CA PHE B 282 -13.35 13.90 33.97
C PHE B 282 -13.91 13.19 35.20
N PRO B 283 -15.24 13.13 35.29
CA PRO B 283 -15.93 12.67 36.50
C PRO B 283 -15.56 11.26 36.87
N THR B 284 -15.55 10.94 38.16
CA THR B 284 -15.35 9.57 38.64
C THR B 284 -16.56 8.69 38.30
N PRO B 285 -16.30 7.51 37.71
CA PRO B 285 -17.29 6.53 37.28
C PRO B 285 -18.20 5.99 38.41
N LYS B 286 -19.42 5.63 38.06
CA LYS B 286 -20.38 5.04 38.99
C LYS B 286 -20.86 3.72 38.42
N THR B 287 -21.44 3.77 37.23
CA THR B 287 -21.85 2.56 36.54
C THR B 287 -20.59 1.73 36.27
N VAL B 288 -20.81 0.46 35.97
CA VAL B 288 -19.75 -0.36 35.42
C VAL B 288 -19.26 0.29 34.12
N LYS B 289 -20.19 0.48 33.18
CA LYS B 289 -19.90 1.07 31.87
C LYS B 289 -19.02 2.32 31.93
N GLN B 290 -19.32 3.20 32.87
CA GLN B 290 -18.57 4.44 33.05
C GLN B 290 -17.10 4.13 33.32
N ALA B 291 -16.89 3.13 34.17
CA ALA B 291 -15.56 2.68 34.49
C ALA B 291 -14.88 2.02 33.29
N GLN B 292 -15.63 1.18 32.58
CA GLN B 292 -15.10 0.50 31.42
C GLN B 292 -14.65 1.50 30.36
N ARG B 293 -15.45 2.57 30.21
CA ARG B 293 -15.13 3.63 29.27
C ARG B 293 -13.86 4.36 29.67
N PHE B 294 -13.76 4.73 30.95
CA PHE B 294 -12.55 5.37 31.48
C PHE B 294 -11.33 4.50 31.28
N LEU B 295 -11.43 3.24 31.71
CA LEU B 295 -10.35 2.29 31.53
C LEU B 295 -10.00 2.14 30.05
N GLY B 296 -11.03 2.10 29.19
CA GLY B 296 -10.82 2.01 27.75
C GLY B 296 -10.00 3.14 27.14
N MSE B 297 -10.23 4.35 27.66
CA MSE B 297 -9.45 5.53 27.29
C MSE B 297 -7.98 5.40 27.71
O MSE B 297 -7.10 5.44 26.86
CB MSE B 297 -10.08 6.77 27.92
CG MSE B 297 -9.34 8.08 27.72
SE MSE B 297 -10.23 9.54 28.69
CE MSE B 297 -10.05 8.90 30.51
N ILE B 298 -7.72 5.24 29.01
CA ILE B 298 -6.35 5.05 29.50
C ILE B 298 -5.58 3.98 28.72
N ASN B 299 -6.25 2.86 28.47
CA ASN B 299 -5.66 1.76 27.74
C ASN B 299 -5.09 2.17 26.38
N TYR B 300 -5.70 3.18 25.77
CA TYR B 300 -5.26 3.64 24.46
C TYR B 300 -3.83 4.19 24.50
N TYR B 301 -3.51 4.91 25.56
CA TYR B 301 -2.15 5.41 25.76
C TYR B 301 -1.46 4.60 26.85
N ARG B 302 -1.63 3.27 26.81
CA ARG B 302 -1.02 2.42 27.83
C ARG B 302 0.49 2.43 27.68
N ARG B 303 0.96 2.83 26.51
CA ARG B 303 2.37 2.76 26.20
C ARG B 303 3.16 3.86 26.89
N PHE B 304 2.54 5.02 27.06
CA PHE B 304 3.24 6.17 27.62
C PHE B 304 3.17 6.20 29.14
N ILE B 305 2.83 5.08 29.74
CA ILE B 305 2.67 5.06 31.19
C ILE B 305 3.21 3.78 31.87
N PRO B 306 4.17 3.97 32.79
CA PRO B 306 4.76 2.94 33.65
C PRO B 306 3.70 2.04 34.25
N ASN B 307 3.50 0.87 33.63
CA ASN B 307 2.61 -0.17 34.16
C ASN B 307 1.22 0.31 34.50
N CYS B 308 0.42 0.61 33.48
CA CYS B 308 -0.95 1.00 33.70
C CYS B 308 -1.81 -0.22 34.02
N SER B 309 -1.42 -1.38 33.47
CA SER B 309 -2.14 -2.63 33.70
C SER B 309 -2.19 -3.00 35.19
N LYS B 310 -1.15 -2.64 35.94
CA LYS B 310 -1.09 -3.00 37.35
C LYS B 310 -1.72 -1.95 38.26
N ILE B 311 -1.98 -0.76 37.71
CA ILE B 311 -2.53 0.34 38.51
C ILE B 311 -3.99 0.61 38.15
N ALA B 312 -4.45 -0.04 37.09
CA ALA B 312 -5.85 0.00 36.72
C ALA B 312 -6.55 -1.18 37.37
N GLN B 313 -5.75 -2.12 37.88
CA GLN B 313 -6.27 -3.27 38.59
C GLN B 313 -7.41 -2.97 39.58
N PRO B 314 -7.23 -1.99 40.50
CA PRO B 314 -8.32 -1.73 41.45
C PRO B 314 -9.62 -1.38 40.74
N ILE B 315 -9.54 -0.61 39.65
CA ILE B 315 -10.70 -0.26 38.86
C ILE B 315 -11.19 -1.48 38.11
N GLN B 316 -10.31 -2.02 37.27
CA GLN B 316 -10.63 -3.16 36.40
C GLN B 316 -11.30 -4.28 37.18
N LEU B 317 -10.93 -4.42 38.45
CA LEU B 317 -11.48 -5.45 39.34
C LEU B 317 -12.96 -5.15 39.65
N PHE B 318 -13.25 -3.88 39.91
CA PHE B 318 -14.60 -3.40 40.14
C PHE B 318 -15.47 -3.65 38.92
N ILE B 319 -14.97 -3.24 37.75
CA ILE B 319 -15.60 -3.54 36.47
C ILE B 319 -15.82 -5.03 36.32
N CYS B 320 -14.72 -5.77 36.47
CA CYS B 320 -14.64 -7.21 36.25
C CYS B 320 -15.72 -7.96 37.02
N ASP B 321 -15.46 -8.15 38.31
CA ASP B 321 -16.38 -8.89 39.15
C ASP B 321 -17.03 -7.94 40.12
N LYS B 322 -16.82 -8.21 41.40
CA LYS B 322 -17.47 -7.45 42.45
C LYS B 322 -16.47 -6.92 43.46
N SER B 323 -16.31 -5.60 43.47
CA SER B 323 -15.64 -4.93 44.56
C SER B 323 -16.17 -3.51 44.72
N GLN B 324 -16.18 -3.04 45.94
CA GLN B 324 -16.72 -1.73 46.26
C GLN B 324 -15.85 -0.63 45.67
N TRP B 325 -16.50 0.41 45.16
CA TRP B 325 -15.78 1.61 44.75
C TRP B 325 -15.48 2.41 46.02
N THR B 326 -14.37 2.06 46.67
CA THR B 326 -13.91 2.74 47.87
C THR B 326 -13.03 3.91 47.49
N GLU B 327 -12.11 4.29 48.37
CA GLU B 327 -11.14 5.31 48.05
C GLU B 327 -9.89 4.66 47.47
N LYS B 328 -9.96 3.33 47.29
CA LYS B 328 -8.88 2.57 46.69
C LYS B 328 -8.95 2.60 45.16
N GLN B 329 -10.14 2.85 44.63
CA GLN B 329 -10.28 3.11 43.22
C GLN B 329 -9.98 4.58 43.02
N ASP B 330 -10.59 5.43 43.85
CA ASP B 330 -10.41 6.88 43.78
C ASP B 330 -8.94 7.29 43.61
N LYS B 331 -8.06 6.59 44.32
CA LYS B 331 -6.63 6.83 44.20
C LYS B 331 -6.13 6.38 42.81
N ALA B 332 -6.54 5.19 42.40
CA ALA B 332 -6.12 4.61 41.11
C ALA B 332 -6.48 5.52 39.95
N ILE B 333 -7.70 6.05 39.96
CA ILE B 333 -8.17 6.94 38.91
C ILE B 333 -7.30 8.18 38.82
N ASP B 334 -7.12 8.84 39.96
CA ASP B 334 -6.36 10.08 39.99
C ASP B 334 -4.89 9.87 39.63
N LYS B 335 -4.40 8.65 39.77
CA LYS B 335 -3.03 8.33 39.37
C LYS B 335 -2.94 8.23 37.85
N LEU B 336 -3.98 7.68 37.25
CA LEU B 336 -4.08 7.53 35.79
C LEU B 336 -4.39 8.88 35.10
N LYS B 337 -5.21 9.70 35.74
CA LYS B 337 -5.47 11.05 35.27
C LYS B 337 -4.15 11.79 35.20
N ASP B 338 -3.47 11.86 36.33
CA ASP B 338 -2.16 12.50 36.43
C ASP B 338 -1.20 12.00 35.34
N ALA B 339 -1.41 10.78 34.88
CA ALA B 339 -0.55 10.18 33.87
C ALA B 339 -0.85 10.73 32.48
N LEU B 340 -2.12 11.09 32.26
CA LEU B 340 -2.53 11.68 30.99
C LEU B 340 -2.23 13.18 30.88
N CYS B 341 -2.09 13.84 32.03
CA CYS B 341 -1.91 15.28 32.06
C CYS B 341 -0.46 15.69 32.12
N ASN B 342 0.44 14.70 32.01
CA ASN B 342 1.87 14.93 32.05
C ASN B 342 2.59 14.08 31.01
N SER B 343 3.88 14.36 30.80
CA SER B 343 4.71 13.56 29.91
C SER B 343 4.77 12.12 30.43
N PRO B 344 4.98 11.15 29.54
CA PRO B 344 5.17 11.27 28.08
C PRO B 344 3.87 11.08 27.31
N VAL B 345 2.74 11.07 28.01
CA VAL B 345 1.45 11.08 27.33
C VAL B 345 1.29 12.44 26.65
N LEU B 346 1.71 13.49 27.35
CA LEU B 346 1.63 14.84 26.80
C LEU B 346 2.95 15.18 26.12
N VAL B 347 2.87 15.83 24.96
CA VAL B 347 4.06 16.25 24.24
C VAL B 347 4.11 17.76 24.07
N PRO B 348 5.27 18.37 24.39
CA PRO B 348 5.50 19.79 24.17
C PRO B 348 5.45 20.11 22.68
N PHE B 349 4.30 20.62 22.22
CA PHE B 349 4.03 20.93 20.81
C PHE B 349 5.17 21.64 20.07
N ASN B 350 5.29 21.37 18.77
CA ASN B 350 6.25 22.07 17.92
C ASN B 350 5.66 22.41 16.55
N ASN B 351 6.28 23.35 15.85
CA ASN B 351 5.68 23.89 14.62
C ASN B 351 5.71 22.92 13.43
N LYS B 352 6.78 22.14 13.33
CA LYS B 352 6.97 21.18 12.25
C LYS B 352 6.23 19.87 12.50
N ALA B 353 5.49 19.82 13.61
CA ALA B 353 4.77 18.62 13.99
C ALA B 353 3.65 18.26 13.04
N ASN B 354 3.25 17.00 13.08
CA ASN B 354 2.12 16.49 12.32
C ASN B 354 0.96 16.13 13.23
N TYR B 355 -0.08 16.96 13.21
CA TYR B 355 -1.18 16.73 14.12
C TYR B 355 -2.27 15.85 13.53
N ARG B 356 -3.14 15.34 14.41
CA ARG B 356 -4.30 14.57 14.00
C ARG B 356 -5.38 14.73 15.06
N LEU B 357 -6.56 15.24 14.65
CA LEU B 357 -7.65 15.56 15.56
C LEU B 357 -8.72 14.50 15.49
N THR B 358 -9.31 14.18 16.64
CA THR B 358 -10.21 13.04 16.75
C THR B 358 -11.43 13.41 17.56
N THR B 359 -12.57 13.55 16.90
CA THR B 359 -13.73 14.11 17.56
C THR B 359 -14.88 13.13 17.62
N ASP B 360 -15.52 13.05 18.79
CA ASP B 360 -16.76 12.31 18.91
C ASP B 360 -17.72 13.19 19.67
N ALA B 361 -18.89 13.42 19.08
CA ALA B 361 -19.92 14.24 19.68
C ALA B 361 -21.12 13.36 19.82
N SER B 362 -22.05 13.76 20.67
CA SER B 362 -23.20 12.92 20.97
C SER B 362 -24.35 13.68 21.60
N LYS B 363 -25.22 12.94 22.26
CA LYS B 363 -26.22 13.56 23.11
C LYS B 363 -25.43 14.24 24.20
N ASP B 364 -25.89 15.43 24.56
CA ASP B 364 -25.34 16.16 25.68
C ASP B 364 -23.96 16.78 25.42
N GLY B 365 -22.99 16.04 24.90
CA GLY B 365 -21.66 16.64 24.77
C GLY B 365 -20.66 16.20 23.71
N ILE B 366 -19.59 16.98 23.60
CA ILE B 366 -18.52 16.69 22.66
C ILE B 366 -17.20 16.52 23.41
N GLY B 367 -16.38 15.57 22.94
CA GLY B 367 -15.00 15.44 23.36
C GLY B 367 -14.12 15.23 22.15
N ALA B 368 -12.88 15.72 22.21
CA ALA B 368 -11.96 15.54 21.10
C ALA B 368 -10.49 15.50 21.56
N VAL B 369 -9.61 14.96 20.73
CA VAL B 369 -8.20 14.82 21.10
C VAL B 369 -7.25 15.11 19.97
N LEU B 370 -6.36 16.08 20.18
CA LEU B 370 -5.33 16.41 19.22
C LEU B 370 -4.04 15.68 19.60
N GLU B 371 -3.47 14.95 18.65
CA GLU B 371 -2.32 14.11 18.96
C GLU B 371 -1.25 14.22 17.87
N GLU B 372 0.02 14.15 18.26
CA GLU B 372 1.11 14.18 17.29
C GLU B 372 1.27 12.80 16.67
N VAL B 373 2.01 12.74 15.58
CA VAL B 373 2.07 11.57 14.72
C VAL B 373 3.40 11.67 13.98
N ASP B 374 4.05 10.55 13.74
CA ASP B 374 5.35 10.59 13.06
C ASP B 374 5.17 10.53 11.54
N ASN B 375 6.29 10.40 10.83
CA ASN B 375 6.30 10.23 9.38
C ASN B 375 5.53 8.97 8.99
N LYS B 376 5.59 7.97 9.86
CA LYS B 376 4.66 6.86 9.84
C LYS B 376 3.47 7.35 10.66
N ASN B 377 2.27 7.24 10.11
CA ASN B 377 1.09 7.75 10.81
C ASN B 377 0.83 6.98 12.09
N LYS B 378 1.59 7.26 13.14
CA LYS B 378 1.27 6.68 14.45
C LYS B 378 1.68 7.55 15.64
N LEU B 379 0.91 7.43 16.73
CA LEU B 379 1.06 8.22 17.94
C LEU B 379 2.49 8.53 18.36
N VAL B 380 2.73 9.76 18.77
CA VAL B 380 3.92 10.06 19.55
C VAL B 380 3.44 10.61 20.89
N GLY B 381 2.17 11.02 20.92
CA GLY B 381 1.54 11.50 22.14
C GLY B 381 0.43 12.48 21.87
N VAL B 382 -0.10 13.10 22.93
CA VAL B 382 -1.16 14.10 22.79
C VAL B 382 -0.71 15.55 23.09
N VAL B 383 -1.43 16.51 22.49
CA VAL B 383 -1.12 17.93 22.62
C VAL B 383 -2.20 18.70 23.36
N GLY B 384 -3.38 18.11 23.46
CA GLY B 384 -4.49 18.71 24.16
C GLY B 384 -5.76 17.89 23.98
N TYR B 385 -6.60 17.87 25.01
CA TYR B 385 -7.87 17.20 24.96
C TYR B 385 -8.92 18.29 24.96
N PHE B 386 -10.09 18.01 24.37
CA PHE B 386 -11.15 19.00 24.38
C PHE B 386 -12.45 18.42 24.89
N SER B 387 -13.19 19.20 25.68
CA SER B 387 -14.51 18.78 26.17
C SER B 387 -15.46 19.98 26.18
N LYS B 388 -16.73 19.73 25.87
CA LYS B 388 -17.74 20.80 25.92
C LYS B 388 -19.12 20.19 25.98
N SER B 389 -19.96 20.74 26.85
CA SER B 389 -21.32 20.28 27.00
C SER B 389 -22.17 20.90 25.91
N LEU B 390 -23.31 20.31 25.61
CA LEU B 390 -24.21 20.90 24.63
C LEU B 390 -25.60 21.14 25.23
N GLU B 391 -26.25 22.21 24.78
CA GLU B 391 -27.57 22.59 25.28
C GLU B 391 -28.56 21.44 25.19
N TYR B 397 -31.28 21.08 18.32
CA TYR B 397 -32.27 20.15 17.79
C TYR B 397 -32.32 20.28 16.28
N PRO B 398 -32.16 19.16 15.56
CA PRO B 398 -32.00 17.82 16.09
C PRO B 398 -30.57 17.55 16.51
N ALA B 399 -30.31 16.37 17.07
CA ALA B 399 -28.99 15.98 17.56
C ALA B 399 -27.97 15.84 16.42
N GLY B 400 -28.46 15.59 15.21
CA GLY B 400 -27.63 15.52 14.02
C GLY B 400 -26.95 16.85 13.78
N GLU B 401 -27.76 17.90 13.82
CA GLU B 401 -27.25 19.27 13.69
C GLU B 401 -26.40 19.67 14.90
N LEU B 402 -26.89 19.37 16.11
CA LEU B 402 -26.20 19.69 17.36
C LEU B 402 -24.83 19.02 17.54
N GLU B 403 -24.75 17.73 17.23
CA GLU B 403 -23.45 17.07 17.25
C GLU B 403 -22.39 17.77 16.36
N LEU B 404 -22.77 18.21 15.16
CA LEU B 404 -21.79 18.85 14.26
C LEU B 404 -21.24 20.11 14.87
N LEU B 405 -22.12 20.87 15.53
CA LEU B 405 -21.75 22.11 16.22
C LEU B 405 -20.65 21.77 17.19
N GLY B 406 -20.84 20.66 17.91
CA GLY B 406 -19.83 20.13 18.80
C GLY B 406 -18.46 20.00 18.14
N ILE B 407 -18.44 19.32 17.00
CA ILE B 407 -17.21 19.14 16.24
C ILE B 407 -16.56 20.48 15.81
N ILE B 408 -17.39 21.41 15.35
CA ILE B 408 -16.91 22.73 14.95
C ILE B 408 -16.28 23.42 16.18
N LYS B 409 -16.95 23.35 17.31
CA LYS B 409 -16.43 23.92 18.56
C LYS B 409 -15.10 23.29 19.00
N ALA B 410 -14.90 22.01 18.69
CA ALA B 410 -13.62 21.36 18.94
C ALA B 410 -12.53 21.92 18.05
N LEU B 411 -12.76 21.92 16.74
CA LEU B 411 -11.82 22.52 15.78
C LEU B 411 -11.53 23.94 16.17
N HIS B 412 -12.58 24.67 16.56
CA HIS B 412 -12.41 26.08 16.90
C HIS B 412 -11.39 26.21 18.03
N HIS B 413 -11.61 25.46 19.10
CA HIS B 413 -10.67 25.37 20.20
C HIS B 413 -9.22 25.27 19.72
N PHE B 414 -8.97 24.32 18.82
CA PHE B 414 -7.62 24.12 18.26
C PHE B 414 -7.28 24.99 17.04
N ARG B 415 -7.99 26.12 16.86
CA ARG B 415 -7.79 27.05 15.74
C ARG B 415 -6.34 27.51 15.57
N TYR B 416 -5.78 28.09 16.63
CA TYR B 416 -4.45 28.71 16.56
C TYR B 416 -3.31 27.71 16.45
N MSE B 417 -3.53 26.50 16.93
CA MSE B 417 -2.54 25.45 16.83
C MSE B 417 -2.56 24.76 15.47
O MSE B 417 -1.51 24.48 14.88
CB MSE B 417 -2.73 24.41 17.91
CG MSE B 417 -1.91 24.71 19.14
SE MSE B 417 -2.16 23.31 20.43
CE MSE B 417 -4.03 23.62 20.88
N LEU B 418 -3.77 24.50 14.96
CA LEU B 418 -3.91 23.93 13.64
C LEU B 418 -3.63 24.95 12.52
N HIS B 419 -3.48 26.22 12.88
CA HIS B 419 -3.25 27.24 11.86
C HIS B 419 -1.97 26.99 11.09
N GLY B 420 -2.10 26.90 9.78
CA GLY B 420 -0.94 26.73 8.92
C GLY B 420 -0.63 25.27 8.67
N LYS B 421 -1.11 24.41 9.55
CA LYS B 421 -0.76 23.00 9.47
C LYS B 421 -1.81 22.23 8.66
N HIS B 422 -1.37 21.21 7.93
CA HIS B 422 -2.31 20.21 7.43
C HIS B 422 -2.50 19.15 8.49
N PHE B 423 -3.73 18.79 8.79
CA PHE B 423 -3.94 17.72 9.74
C PHE B 423 -4.90 16.69 9.20
N THR B 424 -5.27 15.75 10.07
CA THR B 424 -6.19 14.72 9.70
C THR B 424 -7.27 14.77 10.74
N LEU B 425 -8.51 14.76 10.29
CA LEU B 425 -9.63 14.87 11.19
C LEU B 425 -10.37 13.57 11.08
N ARG B 426 -10.51 12.86 12.20
CA ARG B 426 -11.26 11.62 12.22
C ARG B 426 -12.63 11.89 12.81
N THR B 427 -13.68 11.50 12.09
CA THR B 427 -15.04 11.64 12.61
C THR B 427 -16.01 10.67 11.95
N ASN B 428 -17.10 10.38 12.66
CA ASN B 428 -18.13 9.46 12.16
C ASN B 428 -19.43 10.22 11.94
N HIS B 429 -19.32 11.51 11.60
CA HIS B 429 -20.49 12.34 11.37
C HIS B 429 -20.79 12.32 9.88
N ILE B 430 -21.90 11.71 9.47
CA ILE B 430 -22.13 11.49 8.03
C ILE B 430 -22.29 12.79 7.25
N SER B 431 -22.69 13.86 7.92
CA SER B 431 -22.79 15.12 7.23
C SER B 431 -21.40 15.68 6.92
N LEU B 432 -20.57 15.84 7.93
CA LEU B 432 -19.19 16.31 7.72
C LEU B 432 -18.43 15.40 6.76
N LEU B 433 -18.63 14.09 6.87
CA LEU B 433 -17.91 13.14 6.03
C LEU B 433 -18.24 13.27 4.56
N SER B 434 -19.30 14.01 4.25
CA SER B 434 -19.73 14.14 2.87
C SER B 434 -18.79 15.07 2.12
N LEU B 435 -17.87 15.68 2.85
CA LEU B 435 -16.85 16.54 2.27
C LEU B 435 -15.75 15.74 1.58
N GLN B 436 -15.77 14.43 1.73
CA GLN B 436 -14.83 13.60 1.01
C GLN B 436 -15.17 13.60 -0.48
N ASN B 437 -16.46 13.65 -0.81
CA ASN B 437 -16.93 13.69 -2.19
C ASN B 437 -16.97 15.11 -2.74
N LYS B 438 -16.58 15.30 -3.99
CA LYS B 438 -16.50 16.64 -4.59
C LYS B 438 -17.86 17.28 -4.80
N ASN B 439 -18.88 16.46 -4.99
CA ASN B 439 -20.22 16.94 -5.29
C ASN B 439 -20.90 17.68 -4.15
N GLU B 440 -22.17 18.06 -4.38
CA GLU B 440 -22.91 18.91 -3.44
C GLU B 440 -23.01 18.28 -2.06
N PRO B 441 -22.50 18.98 -1.04
CA PRO B 441 -22.39 18.39 0.30
C PRO B 441 -23.74 18.31 1.00
N ALA B 442 -23.84 17.42 1.98
CA ALA B 442 -25.05 17.22 2.74
C ALA B 442 -25.55 18.51 3.37
N ARG B 443 -26.87 18.67 3.44
CA ARG B 443 -27.45 19.92 3.92
C ARG B 443 -26.92 20.30 5.31
N ARG B 444 -26.80 19.31 6.18
CA ARG B 444 -26.45 19.59 7.57
C ARG B 444 -25.02 20.09 7.76
N VAL B 445 -24.18 19.98 6.72
CA VAL B 445 -22.79 20.47 6.80
C VAL B 445 -22.60 21.79 6.04
N GLN B 446 -23.60 22.18 5.25
CA GLN B 446 -23.48 23.33 4.35
C GLN B 446 -23.27 24.65 5.07
N ARG B 447 -23.80 24.78 6.28
CA ARG B 447 -23.70 26.04 6.98
C ARG B 447 -22.32 26.23 7.59
N TRP B 448 -21.54 25.17 7.60
CA TRP B 448 -20.21 25.23 8.18
C TRP B 448 -19.17 25.17 7.10
N LEU B 449 -19.61 25.29 5.85
CA LEU B 449 -18.70 25.24 4.73
C LEU B 449 -17.67 26.35 4.77
N ASP B 450 -18.12 27.54 5.21
CA ASP B 450 -17.27 28.71 5.21
C ASP B 450 -16.15 28.66 6.24
N ASP B 451 -16.43 28.06 7.40
CA ASP B 451 -15.43 27.98 8.48
C ASP B 451 -14.54 26.78 8.25
N LEU B 452 -15.11 25.73 7.66
CA LEU B 452 -14.37 24.53 7.42
C LEU B 452 -13.26 24.83 6.45
N ALA B 453 -13.47 25.87 5.66
CA ALA B 453 -12.61 26.15 4.52
C ALA B 453 -11.31 26.77 5.00
N THR B 454 -11.28 27.10 6.29
CA THR B 454 -10.13 27.79 6.85
C THR B 454 -9.20 26.82 7.55
N TYR B 455 -9.66 25.58 7.71
CA TYR B 455 -8.82 24.50 8.20
C TYR B 455 -8.36 23.68 7.01
N ASP B 456 -7.16 23.14 7.07
CA ASP B 456 -6.64 22.33 5.98
C ASP B 456 -6.57 20.86 6.39
N PHE B 457 -7.71 20.19 6.43
CA PHE B 457 -7.73 18.82 6.91
C PHE B 457 -8.06 17.74 5.89
N THR B 458 -7.58 16.52 6.14
CA THR B 458 -8.07 15.33 5.46
C THR B 458 -8.99 14.55 6.39
N LEU B 459 -10.23 14.33 5.96
CA LEU B 459 -11.14 13.52 6.73
C LEU B 459 -10.71 12.06 6.71
N GLU B 460 -11.14 11.33 7.72
CA GLU B 460 -10.85 9.91 7.88
C GLU B 460 -12.00 9.38 8.73
N TYR B 461 -12.56 8.26 8.34
CA TYR B 461 -13.67 7.68 9.11
C TYR B 461 -13.17 7.14 10.44
N LEU B 462 -14.06 7.12 11.43
CA LEU B 462 -13.69 6.72 12.78
C LEU B 462 -14.66 5.67 13.34
N ALA B 463 -14.12 4.53 13.75
CA ALA B 463 -14.90 3.54 14.49
C ALA B 463 -13.97 2.92 15.53
N GLY B 464 -14.47 2.70 16.74
CA GLY B 464 -13.67 2.17 17.83
C GLY B 464 -12.93 0.91 17.39
N PRO B 465 -11.84 0.55 18.09
CA PRO B 465 -11.31 1.23 19.28
C PRO B 465 -10.27 2.27 18.91
N LYS B 466 -10.68 3.26 18.13
CA LYS B 466 -9.86 4.41 17.86
C LYS B 466 -10.58 5.63 18.42
N ASN B 467 -11.87 5.47 18.69
CA ASN B 467 -12.68 6.53 19.28
C ASN B 467 -12.84 6.38 20.77
N VAL B 468 -12.08 5.46 21.38
CA VAL B 468 -12.15 5.21 22.82
C VAL B 468 -11.84 6.42 23.69
N VAL B 469 -10.87 7.24 23.31
CA VAL B 469 -10.56 8.42 24.11
C VAL B 469 -11.69 9.42 24.00
N ALA B 470 -11.91 9.89 22.79
CA ALA B 470 -12.96 10.82 22.44
C ALA B 470 -14.31 10.44 23.03
N ASP B 471 -14.63 9.15 23.01
CA ASP B 471 -15.92 8.70 23.50
C ASP B 471 -16.06 8.92 25.00
N ALA B 472 -15.03 8.55 25.76
CA ALA B 472 -15.09 8.63 27.22
C ALA B 472 -15.28 10.08 27.61
N ILE B 473 -14.50 10.93 26.99
CA ILE B 473 -14.68 12.36 27.14
C ILE B 473 -16.09 12.75 26.69
N SER B 474 -16.49 12.33 25.50
CA SER B 474 -17.84 12.64 25.02
C SER B 474 -18.97 12.12 25.91
N ARG B 475 -19.02 10.80 26.13
CA ARG B 475 -20.14 10.14 26.80
C ARG B 475 -20.33 10.63 28.22
N ALA B 476 -19.26 11.16 28.78
CA ALA B 476 -19.29 11.62 30.14
C ALA B 476 -19.11 13.12 30.17
N VAL B 477 -20.20 13.85 30.38
CA VAL B 477 -20.10 15.29 30.55
C VAL B 477 -20.37 15.66 32.03
N TYR B 478 -19.87 16.82 32.44
CA TYR B 478 -19.41 17.00 33.81
C TYR B 478 -20.37 17.71 34.75
N LYS G 17 27.41 -40.14 -28.98
CA LYS G 17 27.81 -39.87 -30.35
C LYS G 17 29.34 -39.91 -30.52
N ASP G 18 30.06 -39.52 -29.48
CA ASP G 18 31.54 -39.51 -29.46
C ASP G 18 32.12 -38.69 -30.62
N THR G 19 31.70 -37.44 -30.70
CA THR G 19 32.06 -36.55 -31.80
C THR G 19 33.53 -36.10 -31.80
N PHE G 20 34.27 -36.58 -30.80
CA PHE G 20 35.67 -36.20 -30.65
C PHE G 20 36.47 -36.71 -31.84
N CYS G 21 36.17 -37.94 -32.25
CA CYS G 21 36.93 -38.62 -33.29
C CYS G 21 36.63 -38.11 -34.69
N THR G 22 36.85 -36.82 -34.92
CA THR G 22 36.69 -36.22 -36.23
C THR G 22 37.94 -35.41 -36.52
N LEU G 23 38.67 -35.10 -35.44
CA LEU G 23 39.87 -34.31 -35.54
C LEU G 23 41.08 -35.24 -35.57
N PRO G 24 42.16 -34.80 -36.21
CA PRO G 24 43.41 -35.54 -36.39
C PRO G 24 43.91 -36.28 -35.16
N VAL G 25 44.72 -37.31 -35.39
CA VAL G 25 45.24 -38.15 -34.30
C VAL G 25 46.39 -37.51 -33.53
N TRP G 26 47.13 -36.61 -34.17
CA TRP G 26 48.21 -35.91 -33.48
C TRP G 26 47.64 -34.93 -32.45
N LEU G 27 46.50 -34.31 -32.77
CA LEU G 27 45.76 -33.53 -31.79
C LEU G 27 45.36 -34.44 -30.66
N GLN G 28 44.64 -35.51 -31.01
CA GLN G 28 44.21 -36.53 -30.05
C GLN G 28 45.38 -37.05 -29.24
N GLN G 29 46.56 -37.11 -29.86
CA GLN G 29 47.78 -37.41 -29.13
C GLN G 29 48.07 -36.26 -28.17
N LYS G 30 48.26 -35.07 -28.72
CA LYS G 30 48.74 -33.92 -27.95
C LYS G 30 47.89 -33.51 -26.76
N TYR G 31 46.60 -33.89 -26.75
CA TYR G 31 45.68 -33.36 -25.74
C TYR G 31 44.68 -34.36 -25.15
N ARG G 32 45.03 -35.63 -25.11
CA ARG G 32 44.14 -36.65 -24.55
C ARG G 32 44.16 -36.63 -23.03
N GLU G 33 44.99 -35.74 -22.47
CA GLU G 33 45.22 -35.66 -21.03
C GLU G 33 44.40 -34.56 -20.38
N ILE G 34 44.03 -33.55 -21.16
CA ILE G 34 43.30 -32.41 -20.64
C ILE G 34 41.84 -32.40 -21.11
N ILE G 35 41.55 -33.15 -22.18
CA ILE G 35 40.17 -33.33 -22.62
C ILE G 35 39.64 -34.65 -22.06
N ARG G 36 38.93 -34.55 -20.93
CA ARG G 36 38.46 -35.73 -20.20
C ARG G 36 36.98 -35.61 -19.87
N ASN G 37 36.40 -36.69 -19.37
CA ASN G 37 35.01 -36.68 -18.91
C ASN G 37 34.98 -36.41 -17.42
N ASP G 38 36.11 -36.62 -16.76
CA ASP G 38 36.23 -36.46 -15.30
C ASP G 38 37.44 -35.61 -14.91
N LEU G 39 37.24 -34.73 -13.93
CA LEU G 39 38.30 -33.90 -13.41
C LEU G 39 39.25 -34.69 -12.52
N PRO G 40 40.54 -34.68 -12.86
CA PRO G 40 41.56 -35.31 -12.01
C PRO G 40 41.75 -34.46 -10.77
N PRO G 41 42.43 -35.00 -9.74
CA PRO G 41 42.78 -34.18 -8.58
C PRO G 41 43.50 -32.87 -8.95
N ARG G 42 43.29 -31.85 -8.13
CA ARG G 42 43.94 -30.56 -8.34
C ARG G 42 45.46 -30.70 -8.29
N PRO G 43 46.14 -30.21 -9.33
CA PRO G 43 47.61 -30.20 -9.31
C PRO G 43 48.12 -29.22 -8.27
N ALA G 44 49.38 -29.37 -7.87
CA ALA G 44 49.97 -28.46 -6.89
C ALA G 44 51.37 -28.04 -7.31
N PRO G 50 46.54 -17.83 -11.94
CA PRO G 50 46.80 -16.39 -11.95
C PRO G 50 45.54 -15.59 -11.69
N VAL G 51 44.38 -16.21 -11.94
CA VAL G 51 43.09 -15.59 -11.69
C VAL G 51 42.27 -16.43 -10.71
N LYS G 52 42.02 -15.90 -9.53
CA LYS G 52 41.28 -16.66 -8.52
C LYS G 52 39.91 -16.04 -8.28
N HIS G 53 39.11 -16.71 -7.46
CA HIS G 53 37.78 -16.20 -7.16
C HIS G 53 37.74 -15.65 -5.75
N ASP G 54 37.30 -14.40 -5.62
CA ASP G 54 37.19 -13.78 -4.31
C ASP G 54 35.74 -13.47 -3.95
N ILE G 55 35.53 -13.14 -2.68
CA ILE G 55 34.21 -12.87 -2.16
C ILE G 55 34.29 -11.65 -1.28
N GLU G 56 33.90 -10.49 -1.82
CA GLU G 56 33.89 -9.26 -1.03
C GLU G 56 32.58 -9.09 -0.27
N ILE G 57 32.69 -8.97 1.06
CA ILE G 57 31.51 -8.90 1.93
C ILE G 57 30.97 -7.49 2.11
N LYS G 58 29.68 -7.31 1.88
CA LYS G 58 29.05 -5.99 2.03
C LYS G 58 29.32 -5.36 3.40
N PRO G 59 29.44 -4.03 3.42
CA PRO G 59 29.63 -3.31 4.68
C PRO G 59 28.48 -3.60 5.63
N GLY G 60 28.79 -4.16 6.79
CA GLY G 60 27.79 -4.40 7.82
C GLY G 60 27.10 -5.74 7.66
N ALA G 61 27.55 -6.50 6.68
CA ALA G 61 27.00 -7.82 6.45
C ALA G 61 27.63 -8.82 7.40
N ARG G 62 26.85 -9.77 7.89
CA ARG G 62 27.41 -10.82 8.70
C ARG G 62 27.55 -12.07 7.84
N LEU G 63 28.62 -12.82 8.04
CA LEU G 63 28.79 -14.11 7.37
C LEU G 63 27.77 -15.08 7.95
N PRO G 64 27.61 -16.25 7.33
CA PRO G 64 26.65 -17.17 7.94
C PRO G 64 27.24 -17.90 9.15
N ARG G 65 26.45 -18.09 10.18
CA ARG G 65 26.92 -18.85 11.33
C ARG G 65 25.99 -20.03 11.55
N LEU G 66 25.87 -20.86 10.52
CA LEU G 66 24.84 -21.89 10.46
C LEU G 66 25.27 -23.30 10.87
N GLN G 67 24.34 -24.01 11.51
CA GLN G 67 24.55 -25.38 11.93
C GLN G 67 24.08 -26.28 10.80
N PRO G 68 24.62 -27.50 10.71
CA PRO G 68 24.23 -28.40 9.60
C PRO G 68 22.77 -28.76 9.71
N TYR G 69 22.06 -28.98 8.60
CA TYR G 69 20.69 -29.47 8.67
C TYR G 69 20.67 -30.88 9.29
N HIS G 70 19.53 -31.27 9.88
CA HIS G 70 19.37 -32.62 10.39
C HIS G 70 19.15 -33.58 9.23
N VAL G 71 20.03 -34.57 9.11
CA VAL G 71 19.89 -35.59 8.09
C VAL G 71 19.89 -36.99 8.69
N THR G 72 19.45 -37.96 7.90
CA THR G 72 19.31 -39.35 8.33
C THR G 72 20.63 -40.07 8.50
N GLU G 73 20.55 -41.37 8.72
CA GLU G 73 21.74 -42.20 8.82
C GLU G 73 22.16 -42.62 7.42
N LYS G 74 21.20 -42.72 6.52
CA LYS G 74 21.50 -43.01 5.13
C LYS G 74 22.20 -41.81 4.52
N ASN G 75 21.45 -40.72 4.39
CA ASN G 75 21.93 -39.51 3.74
C ASN G 75 23.28 -39.04 4.26
N GLU G 76 23.55 -39.24 5.54
CA GLU G 76 24.81 -38.79 6.13
C GLU G 76 25.97 -39.60 5.62
N GLN G 77 25.73 -40.88 5.32
CA GLN G 77 26.76 -41.73 4.75
C GLN G 77 27.15 -41.22 3.38
N GLU G 78 26.16 -40.87 2.57
CA GLU G 78 26.42 -40.45 1.20
C GLU G 78 26.78 -38.96 1.08
N ILE G 79 26.96 -38.30 2.21
CA ILE G 79 27.62 -37.00 2.25
C ILE G 79 29.05 -37.27 2.64
N ASN G 80 29.23 -38.01 3.74
CA ASN G 80 30.54 -38.44 4.19
C ASN G 80 31.35 -39.08 3.09
N LYS G 81 30.68 -39.89 2.27
CA LYS G 81 31.31 -40.47 1.09
C LYS G 81 31.80 -39.34 0.20
N ILE G 82 30.88 -38.50 -0.26
CA ILE G 82 31.21 -37.42 -1.20
C ILE G 82 32.32 -36.51 -0.69
N VAL G 83 32.27 -36.17 0.59
CA VAL G 83 33.31 -35.33 1.19
C VAL G 83 34.68 -35.96 0.96
N GLN G 84 34.78 -37.26 1.18
CA GLN G 84 36.03 -37.98 0.96
C GLN G 84 36.55 -37.80 -0.46
N LYS G 85 35.70 -38.05 -1.45
CA LYS G 85 36.08 -37.82 -2.84
C LYS G 85 36.55 -36.38 -2.99
N LEU G 86 35.73 -35.43 -2.54
CA LEU G 86 36.10 -34.02 -2.55
C LEU G 86 37.45 -33.80 -1.87
N LEU G 87 37.63 -34.46 -0.73
CA LEU G 87 38.88 -34.38 0.00
C LEU G 87 40.07 -34.92 -0.81
N ASP G 88 39.89 -36.06 -1.45
CA ASP G 88 40.96 -36.72 -2.20
C ASP G 88 41.42 -35.95 -3.43
N ASN G 89 40.52 -35.19 -4.05
CA ASN G 89 40.90 -34.39 -5.21
C ASN G 89 41.56 -33.07 -4.83
N LYS G 90 41.75 -32.85 -3.53
CA LYS G 90 42.27 -31.60 -2.99
C LYS G 90 41.36 -30.41 -3.34
N PHE G 91 40.04 -30.66 -3.38
CA PHE G 91 39.06 -29.63 -3.73
C PHE G 91 38.58 -28.91 -2.47
N ILE G 92 38.42 -29.69 -1.42
CA ILE G 92 38.12 -29.14 -0.12
C ILE G 92 39.26 -29.53 0.81
N VAL G 93 39.26 -28.95 2.00
CA VAL G 93 40.27 -29.23 3.01
C VAL G 93 39.57 -29.00 4.34
N PRO G 94 40.10 -29.56 5.44
CA PRO G 94 39.45 -29.32 6.73
C PRO G 94 39.50 -27.83 7.12
N SER G 95 38.39 -27.32 7.65
CA SER G 95 38.26 -25.89 7.97
C SER G 95 38.22 -25.62 9.46
N LYS G 96 38.69 -24.44 9.84
CA LYS G 96 38.52 -23.98 11.21
C LYS G 96 37.82 -22.64 11.13
N SER G 97 36.91 -22.51 10.18
CA SER G 97 36.37 -21.20 9.82
C SER G 97 35.39 -20.67 10.85
N PRO G 98 35.35 -19.33 11.02
CA PRO G 98 34.41 -18.68 11.93
C PRO G 98 33.05 -18.53 11.30
N CYS G 99 32.93 -18.90 10.02
CA CYS G 99 31.62 -18.97 9.39
C CYS G 99 31.35 -20.39 8.95
N SER G 100 30.09 -20.71 8.69
CA SER G 100 29.75 -22.06 8.29
C SER G 100 28.41 -22.09 7.55
N SER G 101 28.40 -22.64 6.34
CA SER G 101 27.15 -22.81 5.61
C SER G 101 26.75 -24.27 5.64
N PRO G 102 25.44 -24.56 5.64
CA PRO G 102 24.97 -25.94 5.71
C PRO G 102 25.05 -26.61 4.34
N VAL G 103 24.79 -27.92 4.30
CA VAL G 103 24.97 -28.65 3.05
C VAL G 103 23.76 -29.48 2.64
N VAL G 104 23.56 -29.60 1.33
CA VAL G 104 22.40 -30.30 0.82
C VAL G 104 22.80 -31.48 -0.09
N LEU G 105 22.10 -32.60 0.05
CA LEU G 105 22.36 -33.78 -0.76
C LEU G 105 21.33 -33.90 -1.87
N VAL G 106 21.79 -33.89 -3.10
CA VAL G 106 20.93 -33.97 -4.26
C VAL G 106 21.25 -35.24 -5.00
N PRO G 107 20.29 -36.17 -5.06
CA PRO G 107 20.49 -37.41 -5.81
C PRO G 107 20.35 -37.20 -7.31
N LYS G 108 21.37 -37.57 -8.08
CA LYS G 108 21.26 -37.61 -9.53
C LYS G 108 20.50 -38.89 -9.87
N LYS G 109 20.24 -39.11 -11.16
CA LYS G 109 19.48 -40.30 -11.57
C LYS G 109 20.40 -41.51 -11.75
N ASP G 110 21.71 -41.28 -11.72
CA ASP G 110 22.70 -42.35 -11.89
C ASP G 110 22.64 -43.28 -10.69
N GLY G 111 22.04 -42.80 -9.61
CA GLY G 111 22.06 -43.51 -8.35
C GLY G 111 23.12 -42.89 -7.46
N THR G 112 23.82 -41.90 -8.02
CA THR G 112 24.86 -41.20 -7.29
C THR G 112 24.31 -39.92 -6.69
N PHE G 113 25.21 -39.06 -6.21
CA PHE G 113 24.84 -37.79 -5.59
C PHE G 113 25.89 -36.73 -5.90
N ARG G 114 25.67 -35.54 -5.35
CA ARG G 114 26.64 -34.47 -5.40
C ARG G 114 26.37 -33.57 -4.20
N LEU G 115 27.39 -32.86 -3.72
CA LEU G 115 27.20 -32.00 -2.55
C LEU G 115 26.93 -30.54 -2.90
N CYS G 116 25.66 -30.15 -2.82
CA CYS G 116 25.28 -28.76 -2.99
C CYS G 116 25.43 -28.01 -1.67
N VAL G 117 26.20 -26.92 -1.65
CA VAL G 117 26.26 -26.09 -0.45
C VAL G 117 25.26 -24.94 -0.49
N ASP G 118 24.48 -24.78 0.56
CA ASP G 118 23.50 -23.70 0.60
C ASP G 118 24.13 -22.35 0.95
N TYR G 119 24.60 -21.65 -0.08
CA TYR G 119 25.38 -20.43 0.10
C TYR G 119 24.51 -19.18 0.03
N ARG G 120 23.19 -19.37 0.09
CA ARG G 120 22.23 -18.27 -0.04
C ARG G 120 22.54 -17.12 0.91
N THR G 121 22.77 -17.42 2.19
CA THR G 121 23.08 -16.38 3.15
C THR G 121 24.42 -15.69 2.84
N LEU G 122 25.48 -16.45 2.54
CA LEU G 122 26.75 -15.85 2.15
C LEU G 122 26.49 -14.93 0.96
N ASN G 123 25.63 -15.39 0.06
CA ASN G 123 25.32 -14.69 -1.18
C ASN G 123 24.73 -13.29 -0.96
N LYS G 124 23.66 -13.21 -0.17
CA LYS G 124 23.12 -11.89 0.18
C LYS G 124 24.16 -11.00 0.89
N ALA G 125 25.13 -11.63 1.55
CA ALA G 125 26.20 -10.90 2.22
C ALA G 125 27.31 -10.54 1.25
N THR G 126 27.24 -11.11 0.05
CA THR G 126 28.26 -10.90 -0.98
C THR G 126 27.86 -9.82 -1.99
N ILE G 127 28.76 -8.85 -2.19
CA ILE G 127 28.59 -7.83 -3.20
C ILE G 127 28.57 -8.44 -4.58
N SER G 128 27.44 -8.27 -5.27
CA SER G 128 27.28 -8.73 -6.64
C SER G 128 28.05 -7.83 -7.58
N ASP G 129 29.00 -8.42 -8.29
CA ASP G 129 30.00 -7.70 -9.07
C ASP G 129 30.13 -8.41 -10.40
N PRO G 130 29.24 -8.11 -11.34
CA PRO G 130 29.26 -8.83 -12.61
C PRO G 130 30.41 -8.36 -13.49
N PHE G 131 30.76 -9.17 -14.50
CA PHE G 131 31.78 -8.80 -15.46
C PHE G 131 31.07 -8.33 -16.72
N PRO G 132 31.33 -7.07 -17.13
CA PRO G 132 30.68 -6.51 -18.33
C PRO G 132 30.98 -7.30 -19.60
N LEU G 133 29.94 -7.55 -20.39
CA LEU G 133 30.05 -8.36 -21.59
C LEU G 133 29.59 -7.57 -22.81
N PRO G 134 30.07 -7.96 -24.01
CA PRO G 134 29.55 -7.38 -25.24
C PRO G 134 28.13 -7.84 -25.44
N ARG G 135 27.31 -7.05 -26.16
CA ARG G 135 25.93 -7.44 -26.39
C ARG G 135 25.85 -8.71 -27.23
N ILE G 136 24.80 -9.50 -26.96
CA ILE G 136 24.67 -10.84 -27.52
C ILE G 136 24.73 -10.90 -29.06
N ASP G 137 24.38 -9.80 -29.72
CA ASP G 137 24.22 -9.80 -31.18
C ASP G 137 25.48 -9.45 -31.99
N ASN G 138 26.17 -8.37 -31.61
CA ASN G 138 27.34 -7.93 -32.36
C ASN G 138 28.56 -8.82 -32.19
N LEU G 139 28.61 -9.56 -31.09
CA LEU G 139 29.78 -10.37 -30.76
C LEU G 139 30.04 -11.49 -31.77
N LEU G 140 28.96 -12.15 -32.20
CA LEU G 140 29.09 -13.32 -33.07
C LEU G 140 29.09 -13.00 -34.57
N SER G 141 29.26 -11.73 -34.91
CA SER G 141 29.32 -11.31 -36.31
C SER G 141 30.74 -11.43 -36.85
N ARG G 142 31.69 -11.68 -35.95
CA ARG G 142 33.09 -11.81 -36.32
C ARG G 142 33.35 -13.12 -37.06
N ILE G 143 32.42 -14.06 -36.92
CA ILE G 143 32.58 -15.40 -37.52
C ILE G 143 32.78 -15.33 -39.03
N GLY G 144 32.15 -14.34 -39.66
CA GLY G 144 32.26 -14.15 -41.09
C GLY G 144 31.74 -15.33 -41.88
N ASN G 145 32.63 -15.98 -42.61
CA ASN G 145 32.24 -17.06 -43.50
C ASN G 145 32.95 -18.36 -43.14
N ALA G 146 32.85 -18.77 -41.89
CA ALA G 146 33.49 -20.01 -41.45
C ALA G 146 32.62 -21.21 -41.78
N GLN G 147 33.27 -22.34 -42.08
CA GLN G 147 32.57 -23.56 -42.46
C GLN G 147 32.68 -24.63 -41.38
N ILE G 148 33.74 -24.55 -40.58
CA ILE G 148 34.02 -25.53 -39.54
C ILE G 148 33.91 -24.88 -38.15
N PHE G 149 33.47 -25.64 -37.17
CA PHE G 149 33.22 -25.10 -35.83
C PHE G 149 33.54 -26.06 -34.69
N THR G 150 34.17 -25.53 -33.65
CA THR G 150 34.41 -26.29 -32.43
C THR G 150 33.98 -25.49 -31.21
N THR G 151 33.23 -26.13 -30.31
CA THR G 151 32.85 -25.49 -29.05
C THR G 151 33.31 -26.29 -27.85
N LEU G 152 34.42 -25.87 -27.23
CA LEU G 152 34.94 -26.47 -26.00
C LEU G 152 34.06 -26.17 -24.79
N ASP G 153 34.39 -26.74 -23.63
CA ASP G 153 33.57 -26.55 -22.43
C ASP G 153 34.31 -26.83 -21.11
N LEU G 154 34.57 -25.79 -20.33
CA LEU G 154 35.34 -25.94 -19.10
C LEU G 154 34.43 -26.00 -17.88
N HIS G 155 33.13 -26.09 -18.12
CA HIS G 155 32.15 -25.94 -17.06
C HIS G 155 32.39 -24.67 -16.26
N SER G 156 32.64 -23.58 -16.99
CA SER G 156 32.86 -22.27 -16.40
C SER G 156 33.92 -22.30 -15.31
N GLY G 157 34.85 -23.24 -15.41
CA GLY G 157 35.94 -23.35 -14.47
C GLY G 157 35.53 -23.74 -13.06
N TYR G 158 34.30 -24.21 -12.89
CA TYR G 158 33.87 -24.71 -11.59
C TYR G 158 34.79 -25.84 -11.17
N HIS G 159 35.25 -25.79 -9.92
CA HIS G 159 36.18 -26.76 -9.36
C HIS G 159 37.58 -26.67 -9.98
N GLN G 160 37.72 -25.86 -11.02
CA GLN G 160 39.03 -25.72 -11.65
C GLN G 160 39.75 -24.46 -11.17
N ILE G 161 39.18 -23.30 -11.46
CA ILE G 161 39.66 -22.01 -10.97
C ILE G 161 39.72 -21.99 -9.45
N PRO G 162 40.89 -21.65 -8.88
CA PRO G 162 41.09 -21.78 -7.44
C PRO G 162 40.44 -20.64 -6.66
N MSE G 163 40.06 -20.92 -5.42
CA MSE G 163 39.61 -19.88 -4.52
C MSE G 163 40.78 -19.01 -4.16
O MSE G 163 41.87 -19.52 -3.89
CB MSE G 163 39.05 -20.51 -3.24
CG MSE G 163 37.69 -21.14 -3.39
SE MSE G 163 36.34 -19.83 -3.93
CE MSE G 163 36.72 -18.42 -2.63
N GLU G 164 40.57 -17.69 -4.18
CA GLU G 164 41.48 -16.75 -3.55
C GLU G 164 41.67 -17.22 -2.10
N PRO G 165 42.93 -17.47 -1.70
CA PRO G 165 43.31 -18.00 -0.38
C PRO G 165 42.77 -17.17 0.78
N LYS G 166 42.82 -15.85 0.64
CA LYS G 166 42.19 -14.93 1.59
C LYS G 166 40.73 -15.30 1.92
N ASP G 167 40.03 -15.92 0.97
CA ASP G 167 38.60 -16.10 1.09
C ASP G 167 38.13 -17.56 1.18
N ARG G 168 39.07 -18.48 1.25
CA ARG G 168 38.71 -19.89 1.36
C ARG G 168 37.80 -20.15 2.55
N TYR G 169 38.02 -19.44 3.66
CA TYR G 169 37.24 -19.67 4.86
C TYR G 169 35.78 -19.25 4.70
N LYS G 170 35.54 -18.28 3.83
CA LYS G 170 34.18 -17.79 3.62
C LYS G 170 33.30 -18.87 3.01
N THR G 171 33.93 -19.79 2.27
CA THR G 171 33.20 -20.85 1.55
C THR G 171 32.89 -22.06 2.43
N ALA G 172 33.29 -22.01 3.69
CA ALA G 172 33.20 -23.17 4.55
C ALA G 172 31.81 -23.77 4.64
N PHE G 173 31.73 -25.07 4.42
CA PHE G 173 30.49 -25.79 4.68
C PHE G 173 30.59 -26.67 5.93
N VAL G 174 29.44 -26.93 6.57
CA VAL G 174 29.37 -27.94 7.63
C VAL G 174 28.46 -29.10 7.27
N THR G 175 28.99 -30.30 7.39
CA THR G 175 28.22 -31.53 7.24
C THR G 175 27.90 -31.94 8.66
N PRO G 176 26.97 -32.91 8.85
CA PRO G 176 26.60 -33.38 10.19
C PRO G 176 27.76 -33.75 11.11
N SER G 177 28.96 -33.91 10.54
CA SER G 177 30.09 -34.40 11.31
C SER G 177 31.44 -33.75 11.00
N GLY G 178 31.42 -32.53 10.47
CA GLY G 178 32.68 -31.86 10.15
C GLY G 178 32.53 -30.59 9.33
N LYS G 179 33.64 -29.86 9.19
CA LYS G 179 33.62 -28.55 8.55
C LYS G 179 34.77 -28.45 7.55
N TYR G 180 34.49 -27.93 6.35
CA TYR G 180 35.47 -27.90 5.26
C TYR G 180 35.40 -26.60 4.42
N GLU G 181 36.51 -26.24 3.77
CA GLU G 181 36.55 -25.08 2.87
C GLU G 181 36.86 -25.58 1.49
N TYR G 182 36.29 -24.96 0.46
CA TYR G 182 36.69 -25.31 -0.88
C TYR G 182 38.04 -24.70 -1.10
N THR G 183 38.85 -25.30 -1.97
CA THR G 183 40.13 -24.72 -2.35
C THR G 183 40.00 -24.17 -3.75
N VAL G 184 38.91 -24.57 -4.39
CA VAL G 184 38.61 -24.19 -5.76
C VAL G 184 37.17 -23.73 -5.82
N MSE G 185 36.81 -23.00 -6.86
CA MSE G 185 35.49 -22.37 -6.95
C MSE G 185 34.34 -23.37 -7.08
O MSE G 185 34.25 -24.08 -8.07
CB MSE G 185 35.47 -21.39 -8.11
CG MSE G 185 34.15 -20.68 -8.26
SE MSE G 185 34.22 -19.46 -9.76
CE MSE G 185 34.75 -20.72 -11.14
N PRO G 186 33.45 -23.41 -6.08
CA PRO G 186 32.30 -24.32 -6.09
C PRO G 186 31.09 -23.70 -6.79
N PHE G 187 29.99 -24.45 -6.84
CA PHE G 187 28.73 -23.94 -7.38
C PHE G 187 27.98 -23.25 -6.27
N GLY G 188 27.12 -22.31 -6.63
CA GLY G 188 26.23 -21.70 -5.67
C GLY G 188 26.67 -20.32 -5.25
N LEU G 189 27.92 -19.99 -5.53
CA LEU G 189 28.42 -18.66 -5.24
C LEU G 189 27.94 -17.71 -6.30
N VAL G 190 27.34 -16.60 -5.88
CA VAL G 190 27.08 -15.52 -6.82
C VAL G 190 28.45 -15.02 -7.34
N ASN G 191 28.46 -14.46 -8.55
CA ASN G 191 29.66 -13.95 -9.24
C ASN G 191 30.51 -15.03 -9.92
N ALA G 192 30.30 -16.27 -9.52
CA ALA G 192 31.03 -17.40 -10.10
C ALA G 192 31.16 -17.37 -11.62
N PRO G 193 30.05 -17.18 -12.35
CA PRO G 193 30.22 -17.13 -13.81
C PRO G 193 31.02 -15.93 -14.26
N SER G 194 30.92 -14.82 -13.53
CA SER G 194 31.65 -13.62 -13.89
C SER G 194 33.13 -13.79 -13.62
N THR G 195 33.48 -14.55 -12.59
CA THR G 195 34.88 -14.86 -12.33
C THR G 195 35.44 -15.52 -13.58
N PHE G 196 34.68 -16.50 -14.08
CA PHE G 196 35.06 -17.28 -15.25
C PHE G 196 35.11 -16.44 -16.52
N ALA G 197 34.04 -15.70 -16.81
CA ALA G 197 33.99 -14.82 -17.98
C ALA G 197 35.22 -13.93 -18.05
N ARG G 198 35.72 -13.52 -16.89
CA ARG G 198 36.95 -12.73 -16.83
C ARG G 198 38.15 -13.59 -17.23
N TYR G 199 38.15 -14.84 -16.77
CA TYR G 199 39.26 -15.74 -17.05
C TYR G 199 39.39 -15.92 -18.55
N MSE G 200 38.28 -16.23 -19.20
CA MSE G 200 38.29 -16.51 -20.63
C MSE G 200 38.41 -15.24 -21.45
O MSE G 200 38.80 -15.28 -22.62
CB MSE G 200 37.07 -17.34 -21.04
CG MSE G 200 37.43 -18.70 -21.61
SE MSE G 200 38.00 -20.07 -20.30
CE MSE G 200 39.85 -19.56 -19.97
N ALA G 201 38.08 -14.11 -20.84
CA ALA G 201 38.29 -12.83 -21.50
C ALA G 201 39.76 -12.50 -21.56
N ASP G 202 40.44 -12.64 -20.42
CA ASP G 202 41.82 -12.20 -20.28
C ASP G 202 42.84 -13.21 -20.78
N THR G 203 42.41 -14.18 -21.56
CA THR G 203 43.36 -15.14 -22.14
C THR G 203 43.10 -15.43 -23.62
N PHE G 204 41.88 -15.22 -24.07
CA PHE G 204 41.48 -15.64 -25.41
C PHE G 204 41.01 -14.51 -26.31
N ARG G 205 41.14 -13.27 -25.86
CA ARG G 205 40.72 -12.13 -26.66
C ARG G 205 41.74 -11.85 -27.75
N ASP G 206 42.91 -12.45 -27.65
CA ASP G 206 43.99 -12.19 -28.59
C ASP G 206 43.82 -12.95 -29.90
N LEU G 207 42.72 -13.70 -30.00
CA LEU G 207 42.51 -14.58 -31.15
C LEU G 207 41.23 -14.21 -31.90
N ARG G 208 41.37 -13.92 -33.19
CA ARG G 208 40.23 -13.48 -34.01
C ARG G 208 39.31 -14.64 -34.35
N PHE G 209 39.80 -15.86 -34.15
CA PHE G 209 39.05 -17.07 -34.49
C PHE G 209 38.34 -17.69 -33.30
N VAL G 210 38.18 -16.92 -32.23
CA VAL G 210 37.59 -17.43 -30.99
C VAL G 210 36.59 -16.43 -30.40
N ASN G 211 35.48 -16.95 -29.89
CA ASN G 211 34.54 -16.15 -29.11
C ASN G 211 34.54 -16.57 -27.65
N VAL G 212 34.16 -15.66 -26.77
CA VAL G 212 34.16 -15.93 -25.34
C VAL G 212 32.92 -15.35 -24.66
N TYR G 213 32.51 -15.96 -23.54
CA TYR G 213 31.29 -15.55 -22.87
C TYR G 213 31.21 -16.14 -21.46
N LEU G 214 30.01 -16.50 -21.04
CA LEU G 214 29.82 -17.16 -19.74
C LEU G 214 30.03 -18.65 -19.88
N ASP G 215 29.92 -19.14 -21.11
CA ASP G 215 29.83 -20.57 -21.37
C ASP G 215 31.03 -21.11 -22.12
N ASP G 216 30.73 -21.68 -23.29
CA ASP G 216 31.69 -22.37 -24.12
C ASP G 216 32.69 -21.43 -24.76
N ILE G 217 33.52 -21.99 -25.62
CA ILE G 217 34.45 -21.22 -26.41
C ILE G 217 34.24 -21.65 -27.85
N LEU G 218 33.58 -20.79 -28.64
CA LEU G 218 33.36 -21.10 -30.05
C LEU G 218 34.61 -20.82 -30.89
N ILE G 219 35.10 -21.84 -31.58
CA ILE G 219 36.25 -21.67 -32.46
C ILE G 219 35.85 -21.95 -33.91
N PHE G 220 35.94 -20.94 -34.76
CA PHE G 220 35.47 -21.02 -36.13
C PHE G 220 36.61 -20.82 -37.12
N SER G 221 36.56 -21.54 -38.24
CA SER G 221 37.58 -21.43 -39.27
C SER G 221 37.00 -21.60 -40.68
N GLU G 222 37.69 -21.02 -41.66
CA GLU G 222 37.23 -21.06 -43.05
C GLU G 222 37.37 -22.44 -43.67
N SER G 223 38.57 -23.02 -43.58
CA SER G 223 38.83 -24.38 -44.05
C SER G 223 39.34 -25.25 -42.90
N PRO G 224 39.01 -26.55 -42.92
CA PRO G 224 39.39 -27.47 -41.83
C PRO G 224 40.89 -27.56 -41.57
N GLU G 225 41.73 -27.25 -42.56
CA GLU G 225 43.17 -27.29 -42.37
C GLU G 225 43.63 -26.22 -41.38
N GLU G 226 43.05 -25.04 -41.49
CA GLU G 226 43.39 -23.92 -40.62
C GLU G 226 42.64 -24.02 -39.30
N HIS G 227 41.66 -24.92 -39.25
CA HIS G 227 40.90 -25.12 -38.02
C HIS G 227 41.71 -25.89 -37.00
N TRP G 228 42.55 -26.80 -37.49
CA TRP G 228 43.47 -27.53 -36.61
C TRP G 228 44.55 -26.57 -36.12
N LYS G 229 44.92 -25.62 -36.98
CA LYS G 229 45.92 -24.62 -36.64
C LYS G 229 45.42 -23.71 -35.52
N HIS G 230 44.11 -23.48 -35.52
CA HIS G 230 43.48 -22.66 -34.49
C HIS G 230 43.19 -23.48 -33.23
N LEU G 231 42.81 -24.74 -33.43
CA LEU G 231 42.46 -25.62 -32.32
C LEU G 231 43.66 -25.90 -31.44
N ASP G 232 44.83 -26.00 -32.07
CA ASP G 232 46.06 -26.32 -31.36
C ASP G 232 46.47 -25.21 -30.38
N THR G 233 46.65 -23.99 -30.91
CA THR G 233 47.07 -22.86 -30.09
C THR G 233 46.12 -22.55 -28.94
N VAL G 234 44.82 -22.72 -29.19
CA VAL G 234 43.82 -22.49 -28.15
C VAL G 234 43.93 -23.57 -27.07
N LEU G 235 43.95 -24.82 -27.50
CA LEU G 235 44.05 -25.93 -26.56
C LEU G 235 45.41 -25.97 -25.89
N GLU G 236 46.37 -25.26 -26.46
CA GLU G 236 47.69 -25.13 -25.85
C GLU G 236 47.61 -24.17 -24.67
N ARG G 237 46.93 -23.05 -24.88
CA ARG G 237 46.74 -22.06 -23.82
C ARG G 237 45.92 -22.64 -22.67
N LEU G 238 45.04 -23.59 -23.00
CA LEU G 238 44.28 -24.33 -22.00
C LEU G 238 45.13 -25.40 -21.32
N LYS G 239 46.26 -25.75 -21.93
CA LYS G 239 47.20 -26.68 -21.29
C LYS G 239 48.07 -25.93 -20.29
N ASN G 240 48.53 -24.74 -20.68
CA ASN G 240 49.29 -23.87 -19.78
C ASN G 240 48.51 -23.56 -18.52
N GLU G 241 47.26 -23.14 -18.68
CA GLU G 241 46.44 -22.71 -17.56
C GLU G 241 45.85 -23.88 -16.77
N ASN G 242 46.33 -25.09 -17.03
CA ASN G 242 45.89 -26.28 -16.32
C ASN G 242 44.39 -26.53 -16.37
N LEU G 243 43.68 -25.72 -17.15
CA LEU G 243 42.24 -25.83 -17.26
C LEU G 243 41.92 -27.00 -18.17
N ILE G 244 41.15 -27.96 -17.67
CA ILE G 244 40.81 -29.12 -18.49
C ILE G 244 39.41 -29.00 -19.12
N VAL G 245 39.24 -29.63 -20.27
CA VAL G 245 37.96 -29.59 -20.96
C VAL G 245 37.11 -30.80 -20.54
N LYS G 246 35.79 -30.66 -20.59
CA LYS G 246 34.91 -31.77 -20.27
C LYS G 246 34.29 -32.33 -21.55
N LYS G 247 34.77 -33.49 -21.98
CA LYS G 247 34.45 -34.00 -23.32
C LYS G 247 32.97 -34.21 -23.60
N LYS G 248 32.23 -34.70 -22.61
CA LYS G 248 30.86 -35.17 -22.84
C LYS G 248 29.86 -34.10 -23.28
N LYS G 249 30.29 -32.84 -23.35
CA LYS G 249 29.38 -31.73 -23.65
C LYS G 249 29.90 -30.76 -24.72
N CYS G 250 31.09 -31.03 -25.24
CA CYS G 250 31.64 -30.22 -26.33
C CYS G 250 31.54 -30.94 -27.67
N LYS G 251 31.26 -30.17 -28.73
CA LYS G 251 31.17 -30.71 -30.09
C LYS G 251 32.29 -30.17 -30.99
N PHE G 252 33.00 -31.07 -31.67
CA PHE G 252 34.18 -30.69 -32.42
C PHE G 252 33.95 -30.65 -33.94
N ALA G 253 34.72 -29.79 -34.61
CA ALA G 253 34.80 -29.72 -36.07
C ALA G 253 33.52 -30.03 -36.85
N SER G 254 32.38 -29.55 -36.36
CA SER G 254 31.13 -29.81 -37.02
C SER G 254 30.81 -28.77 -38.07
N GLU G 255 29.90 -29.12 -38.98
CA GLU G 255 29.42 -28.20 -39.99
C GLU G 255 28.65 -27.05 -39.35
N GLU G 256 27.91 -27.35 -38.28
CA GLU G 256 27.15 -26.33 -37.56
C GLU G 256 27.17 -26.60 -36.06
N THR G 257 26.83 -25.59 -35.27
CA THR G 257 26.85 -25.72 -33.82
C THR G 257 25.92 -24.73 -33.12
N GLU G 258 25.72 -24.93 -31.82
CA GLU G 258 24.88 -24.04 -31.02
C GLU G 258 25.69 -23.27 -30.00
N PHE G 259 25.56 -21.94 -30.04
CA PHE G 259 26.40 -21.06 -29.24
C PHE G 259 25.64 -19.80 -28.90
N LEU G 260 25.59 -19.48 -27.60
CA LEU G 260 24.98 -18.24 -27.11
C LEU G 260 23.51 -18.06 -27.51
N GLY G 261 22.77 -19.16 -27.52
CA GLY G 261 21.34 -19.12 -27.82
C GLY G 261 21.05 -19.09 -29.31
N TYR G 262 22.11 -19.23 -30.10
CA TYR G 262 21.98 -19.16 -31.54
C TYR G 262 22.42 -20.48 -32.17
N SER G 263 21.95 -20.72 -33.39
CA SER G 263 22.42 -21.84 -34.19
C SER G 263 23.25 -21.31 -35.35
N ILE G 264 24.54 -21.57 -35.31
CA ILE G 264 25.45 -21.13 -36.35
C ILE G 264 25.77 -22.24 -37.34
N GLY G 265 25.18 -22.16 -38.53
CA GLY G 265 25.59 -22.99 -39.64
C GLY G 265 26.53 -22.13 -40.46
N ILE G 266 27.26 -22.74 -41.40
CA ILE G 266 28.14 -21.97 -42.26
C ILE G 266 27.33 -20.98 -43.10
N GLN G 267 27.67 -19.70 -42.96
CA GLN G 267 26.90 -18.61 -43.57
C GLN G 267 25.41 -18.67 -43.27
N LYS G 268 25.06 -19.01 -42.03
CA LYS G 268 23.68 -18.97 -41.59
C LYS G 268 23.54 -18.94 -40.07
N ILE G 269 23.32 -17.73 -39.55
CA ILE G 269 23.16 -17.52 -38.10
C ILE G 269 21.69 -17.28 -37.76
N ALA G 270 21.12 -18.19 -36.98
CA ALA G 270 19.73 -18.08 -36.59
C ALA G 270 19.51 -18.64 -35.18
N PRO G 271 18.86 -17.86 -34.32
CA PRO G 271 18.56 -18.24 -32.93
C PRO G 271 17.53 -19.35 -32.85
N LEU G 272 17.73 -20.26 -31.90
CA LEU G 272 16.79 -21.35 -31.68
C LEU G 272 15.41 -20.82 -31.34
N GLN G 273 15.36 -19.88 -30.40
CA GLN G 273 14.11 -19.21 -30.05
C GLN G 273 14.24 -17.72 -30.26
N HIS G 274 13.61 -17.21 -31.32
CA HIS G 274 13.71 -15.80 -31.69
C HIS G 274 13.20 -14.88 -30.59
N LYS G 275 13.46 -13.58 -30.76
CA LYS G 275 13.10 -12.58 -29.76
C LYS G 275 11.60 -12.60 -29.46
N CYS G 276 10.79 -12.48 -30.50
CA CYS G 276 9.34 -12.54 -30.36
C CYS G 276 8.78 -13.76 -31.09
N ALA G 277 9.41 -14.91 -30.86
CA ALA G 277 9.04 -16.14 -31.56
C ALA G 277 7.72 -16.73 -31.05
N ALA G 278 7.68 -17.05 -29.76
CA ALA G 278 6.56 -17.79 -29.17
C ALA G 278 5.19 -17.13 -29.37
N ILE G 279 5.19 -15.85 -29.72
CA ILE G 279 3.93 -15.14 -29.89
C ILE G 279 3.32 -15.33 -31.28
N ARG G 280 4.15 -15.32 -32.32
CA ARG G 280 3.65 -15.40 -33.69
C ARG G 280 2.93 -16.72 -34.02
N ASP G 281 3.32 -17.79 -33.33
CA ASP G 281 2.83 -19.13 -33.69
C ASP G 281 1.63 -19.61 -32.87
N PHE G 282 0.93 -18.69 -32.21
CA PHE G 282 -0.15 -19.09 -31.31
C PHE G 282 -1.24 -19.90 -32.03
N PRO G 283 -1.55 -21.09 -31.49
CA PRO G 283 -2.51 -22.07 -32.04
C PRO G 283 -3.95 -21.55 -32.11
N THR G 284 -4.24 -20.65 -33.05
CA THR G 284 -5.57 -20.07 -33.13
C THR G 284 -6.59 -21.03 -33.72
N LYS G 289 -14.18 -20.20 -25.28
CA LYS G 289 -13.72 -20.76 -24.02
C LYS G 289 -12.21 -20.55 -23.87
N GLN G 290 -11.48 -21.00 -24.90
CA GLN G 290 -10.03 -20.86 -24.92
C GLN G 290 -9.65 -19.78 -25.95
N ALA G 291 -10.67 -19.02 -26.37
CA ALA G 291 -10.50 -17.92 -27.30
C ALA G 291 -10.26 -16.62 -26.54
N GLN G 292 -10.63 -16.64 -25.26
CA GLN G 292 -10.47 -15.48 -24.39
C GLN G 292 -9.03 -15.34 -23.91
N ARG G 293 -8.25 -16.41 -24.01
CA ARG G 293 -6.85 -16.37 -23.61
C ARG G 293 -6.07 -15.38 -24.46
N PHE G 294 -6.25 -15.46 -25.78
CA PHE G 294 -5.58 -14.57 -26.72
C PHE G 294 -5.93 -13.10 -26.45
N LEU G 295 -7.19 -12.85 -26.10
CA LEU G 295 -7.65 -11.50 -25.79
C LEU G 295 -7.16 -11.06 -24.41
N GLY G 296 -6.93 -12.02 -23.52
CA GLY G 296 -6.39 -11.73 -22.21
C GLY G 296 -5.02 -11.10 -22.33
N MSE G 297 -4.32 -11.45 -23.39
CA MSE G 297 -3.04 -10.84 -23.72
C MSE G 297 -3.21 -9.40 -24.16
O MSE G 297 -2.65 -8.48 -23.56
CB MSE G 297 -2.32 -11.63 -24.81
CG MSE G 297 -1.66 -12.92 -24.36
SE MSE G 297 -0.47 -13.66 -25.72
CE MSE G 297 0.67 -12.10 -25.97
N ILE G 298 -4.00 -9.20 -25.22
CA ILE G 298 -4.15 -7.88 -25.82
C ILE G 298 -4.78 -6.83 -24.91
N ASN G 299 -5.54 -7.28 -23.91
CA ASN G 299 -6.13 -6.38 -22.95
C ASN G 299 -5.07 -5.83 -21.99
N TYR G 300 -3.98 -6.56 -21.86
CA TYR G 300 -2.87 -6.14 -21.03
C TYR G 300 -2.02 -5.10 -21.75
N TYR G 301 -1.65 -5.42 -22.99
CA TYR G 301 -0.87 -4.51 -23.82
C TYR G 301 -1.78 -3.52 -24.54
N ARG G 302 -3.02 -3.41 -24.04
CA ARG G 302 -4.03 -2.49 -24.59
C ARG G 302 -3.56 -1.04 -24.57
N ARG G 303 -2.74 -0.71 -23.58
CA ARG G 303 -2.27 0.66 -23.40
C ARG G 303 -1.31 1.11 -24.50
N PHE G 304 -0.85 0.17 -25.32
CA PHE G 304 0.13 0.48 -26.35
C PHE G 304 -0.38 0.26 -27.77
N ILE G 305 -1.58 -0.30 -27.90
CA ILE G 305 -2.15 -0.59 -29.21
C ILE G 305 -3.45 0.18 -29.49
N PRO G 306 -3.42 1.06 -30.50
CA PRO G 306 -4.52 1.98 -30.82
C PRO G 306 -5.81 1.29 -31.28
N ASN G 307 -6.92 1.61 -30.63
CA ASN G 307 -8.24 1.09 -30.98
C ASN G 307 -8.31 -0.44 -31.04
N CYS G 308 -7.66 -1.09 -30.09
CA CYS G 308 -7.61 -2.55 -30.04
C CYS G 308 -8.96 -3.15 -29.68
N SER G 309 -9.77 -2.36 -28.97
CA SER G 309 -11.04 -2.84 -28.46
C SER G 309 -12.00 -3.29 -29.57
N LYS G 310 -11.86 -2.68 -30.75
CA LYS G 310 -12.74 -2.97 -31.88
C LYS G 310 -12.34 -4.23 -32.66
N ILE G 311 -11.03 -4.49 -32.72
CA ILE G 311 -10.53 -5.69 -33.37
C ILE G 311 -10.62 -6.86 -32.40
N ALA G 312 -10.87 -6.53 -31.13
CA ALA G 312 -11.11 -7.54 -30.11
C ALA G 312 -12.60 -7.84 -29.98
N GLN G 313 -13.31 -7.72 -31.11
CA GLN G 313 -14.75 -7.95 -31.15
C GLN G 313 -15.17 -9.31 -31.75
N PRO G 314 -14.60 -9.71 -32.91
CA PRO G 314 -15.03 -10.99 -33.47
C PRO G 314 -14.65 -12.19 -32.60
N THR G 326 -14.25 -19.09 -37.22
CA THR G 326 -14.81 -18.07 -38.08
C THR G 326 -13.71 -17.24 -38.73
N GLU G 327 -13.87 -16.93 -40.02
CA GLU G 327 -12.82 -16.29 -40.82
C GLU G 327 -12.54 -14.82 -40.49
N LYS G 328 -13.46 -14.18 -39.77
CA LYS G 328 -13.27 -12.81 -39.35
C LYS G 328 -12.27 -12.74 -38.19
N GLN G 329 -12.08 -13.89 -37.53
CA GLN G 329 -11.21 -13.97 -36.37
C GLN G 329 -9.79 -14.42 -36.73
N ASP G 330 -9.70 -15.43 -37.60
CA ASP G 330 -8.41 -16.02 -37.97
C ASP G 330 -7.61 -15.15 -38.93
N LYS G 331 -8.21 -14.07 -39.40
CA LYS G 331 -7.52 -13.09 -40.24
C LYS G 331 -7.38 -11.77 -39.50
N ALA G 332 -7.80 -11.77 -38.23
CA ALA G 332 -7.71 -10.60 -37.37
C ALA G 332 -6.64 -10.80 -36.30
N ILE G 333 -6.44 -12.05 -35.88
CA ILE G 333 -5.39 -12.39 -34.93
C ILE G 333 -4.00 -12.22 -35.58
N ASP G 334 -3.98 -12.24 -36.91
CA ASP G 334 -2.75 -12.03 -37.67
C ASP G 334 -2.28 -10.60 -37.48
N LYS G 335 -3.23 -9.66 -37.52
CA LYS G 335 -2.93 -8.25 -37.33
C LYS G 335 -2.48 -8.00 -35.89
N LEU G 336 -3.13 -8.70 -34.95
CA LEU G 336 -2.80 -8.60 -33.53
C LEU G 336 -1.44 -9.19 -33.22
N LYS G 337 -0.99 -10.12 -34.06
CA LYS G 337 0.30 -10.74 -33.89
C LYS G 337 1.42 -9.69 -33.97
N ASP G 338 1.52 -9.03 -35.12
CA ASP G 338 2.60 -8.09 -35.41
C ASP G 338 2.65 -6.89 -34.46
N ALA G 339 1.46 -6.41 -34.05
CA ALA G 339 1.36 -5.22 -33.20
C ALA G 339 1.93 -5.49 -31.81
N LEU G 340 2.08 -6.76 -31.47
CA LEU G 340 2.71 -7.17 -30.23
C LEU G 340 4.19 -7.45 -30.45
N CYS G 341 4.66 -7.19 -31.66
CA CYS G 341 6.04 -7.55 -32.02
C CYS G 341 6.93 -6.35 -32.33
N ASN G 342 6.33 -5.18 -32.53
CA ASN G 342 7.10 -3.98 -32.84
C ASN G 342 6.90 -2.88 -31.80
N SER G 343 7.39 -1.68 -32.09
CA SER G 343 7.17 -0.54 -31.20
C SER G 343 5.72 -0.05 -31.33
N PRO G 344 5.17 0.51 -30.25
CA PRO G 344 5.81 0.78 -28.94
C PRO G 344 5.75 -0.38 -27.95
N VAL G 345 5.35 -1.57 -28.40
CA VAL G 345 5.21 -2.72 -27.52
C VAL G 345 6.56 -3.39 -27.27
N LEU G 346 7.42 -3.41 -28.29
CA LEU G 346 8.78 -3.91 -28.13
C LEU G 346 9.70 -2.78 -27.73
N VAL G 347 10.64 -3.06 -26.84
CA VAL G 347 11.62 -2.06 -26.44
C VAL G 347 13.04 -2.60 -26.64
N PRO G 348 13.97 -1.71 -27.01
CA PRO G 348 15.37 -2.13 -27.15
C PRO G 348 15.91 -2.65 -25.83
N PHE G 349 16.59 -3.81 -25.88
CA PHE G 349 17.19 -4.38 -24.68
C PHE G 349 18.19 -3.41 -24.09
N ASN G 350 17.79 -2.72 -23.03
CA ASN G 350 18.67 -1.77 -22.36
C ASN G 350 19.46 -2.42 -21.22
N ASN G 351 20.78 -2.45 -21.37
CA ASN G 351 21.66 -3.13 -20.42
C ASN G 351 21.63 -2.56 -19.00
N LYS G 352 20.86 -1.50 -18.82
CA LYS G 352 20.71 -0.86 -17.52
C LYS G 352 19.23 -0.75 -17.13
N ALA G 353 18.36 -1.42 -17.88
CA ALA G 353 16.92 -1.33 -17.66
C ALA G 353 16.44 -2.00 -16.38
N ASN G 354 15.12 -2.14 -16.23
CA ASN G 354 14.55 -2.80 -15.07
C ASN G 354 13.58 -3.87 -15.54
N TYR G 355 13.87 -5.13 -15.21
CA TYR G 355 13.17 -6.25 -15.83
C TYR G 355 12.26 -7.05 -14.90
N ARG G 356 11.10 -7.42 -15.44
CA ARG G 356 10.14 -8.26 -14.74
C ARG G 356 9.92 -9.51 -15.55
N LEU G 357 10.48 -10.62 -15.07
CA LEU G 357 10.35 -11.91 -15.74
C LEU G 357 9.28 -12.74 -15.03
N THR G 358 8.26 -13.16 -15.78
CA THR G 358 7.10 -13.85 -15.19
C THR G 358 6.84 -15.19 -15.86
N THR G 359 6.87 -16.27 -15.07
CA THR G 359 6.70 -17.61 -15.62
C THR G 359 5.56 -18.39 -15.00
N ASP G 360 4.92 -19.22 -15.82
CA ASP G 360 3.84 -20.10 -15.36
C ASP G 360 4.03 -21.48 -15.97
N ALA G 361 3.71 -22.51 -15.19
CA ALA G 361 3.89 -23.88 -15.65
C ALA G 361 2.59 -24.68 -15.56
N SER G 362 1.75 -24.57 -16.58
CA SER G 362 0.63 -25.48 -16.74
C SER G 362 1.19 -26.85 -17.11
N LYS G 363 0.39 -27.90 -16.91
CA LYS G 363 0.83 -29.26 -17.22
C LYS G 363 1.29 -29.42 -18.67
N ASP G 364 2.55 -29.82 -18.85
CA ASP G 364 3.15 -30.00 -20.17
C ASP G 364 3.06 -28.73 -21.02
N GLY G 365 3.79 -27.69 -20.59
CA GLY G 365 3.77 -26.41 -21.27
C GLY G 365 4.24 -25.28 -20.37
N ILE G 366 5.19 -24.49 -20.86
CA ILE G 366 5.75 -23.41 -20.07
C ILE G 366 5.88 -22.11 -20.86
N GLY G 367 5.44 -21.01 -20.27
CA GLY G 367 5.50 -19.71 -20.92
C GLY G 367 6.03 -18.60 -20.02
N ALA G 368 6.56 -17.55 -20.63
CA ALA G 368 7.14 -16.44 -19.88
C ALA G 368 7.35 -15.20 -20.74
N VAL G 369 7.52 -14.05 -20.07
CA VAL G 369 7.74 -12.78 -20.75
C VAL G 369 8.74 -11.92 -20.00
N LEU G 370 9.74 -11.40 -20.72
CA LEU G 370 10.72 -10.48 -20.15
C LEU G 370 10.36 -9.04 -20.51
N GLU G 371 9.63 -8.37 -19.62
CA GLU G 371 9.12 -7.03 -19.89
C GLU G 371 9.74 -5.95 -19.03
N GLU G 372 10.29 -4.93 -19.68
CA GLU G 372 10.95 -3.82 -18.99
C GLU G 372 9.96 -2.97 -18.19
N VAL G 373 10.29 -2.72 -16.93
CA VAL G 373 9.51 -1.83 -16.11
C VAL G 373 10.29 -0.56 -15.83
N ASP G 374 9.59 0.52 -15.53
CA ASP G 374 10.22 1.82 -15.26
C ASP G 374 10.90 1.85 -13.90
N ASN G 375 10.93 3.02 -13.31
CA ASN G 375 11.51 3.16 -11.97
C ASN G 375 10.52 2.69 -10.90
N LYS G 376 9.24 2.69 -11.26
CA LYS G 376 8.23 1.96 -10.52
C LYS G 376 8.16 0.57 -11.16
N ASN G 377 7.03 -0.11 -11.02
CA ASN G 377 6.83 -1.34 -11.78
C ASN G 377 5.47 -1.43 -12.48
N LYS G 378 5.48 -1.08 -13.77
CA LYS G 378 4.34 -1.25 -14.64
C LYS G 378 4.87 -1.28 -16.08
N LEU G 379 4.29 -2.16 -16.91
CA LEU G 379 4.82 -2.48 -18.24
C LEU G 379 5.25 -1.27 -19.07
N VAL G 380 6.47 -1.32 -19.60
CA VAL G 380 6.94 -0.29 -20.50
C VAL G 380 7.03 -0.87 -21.91
N GLY G 381 7.18 -2.20 -21.97
CA GLY G 381 7.27 -2.88 -23.24
C GLY G 381 8.09 -4.14 -23.11
N VAL G 382 7.60 -5.21 -23.72
CA VAL G 382 8.27 -6.50 -23.66
C VAL G 382 9.54 -6.49 -24.50
N VAL G 383 10.58 -7.15 -24.01
CA VAL G 383 11.81 -7.30 -24.77
C VAL G 383 11.76 -8.60 -25.54
N GLY G 384 11.30 -9.66 -24.88
CA GLY G 384 11.26 -10.98 -25.48
C GLY G 384 10.20 -11.92 -24.94
N TYR G 385 9.93 -12.99 -25.67
CA TYR G 385 8.96 -13.99 -25.26
C TYR G 385 9.64 -15.35 -25.07
N PHE G 386 8.84 -16.37 -24.74
CA PHE G 386 9.35 -17.72 -24.54
C PHE G 386 8.23 -18.76 -24.46
N SER G 387 8.47 -19.92 -25.05
CA SER G 387 7.59 -21.06 -24.85
C SER G 387 8.45 -22.33 -24.88
N LYS G 388 7.95 -23.40 -24.27
CA LYS G 388 8.72 -24.65 -24.23
C LYS G 388 7.83 -25.88 -24.00
N SER G 389 7.73 -26.73 -25.02
CA SER G 389 6.93 -27.94 -24.94
C SER G 389 7.63 -29.01 -24.11
N TYR G 397 11.01 -36.73 -12.11
CA TYR G 397 9.98 -37.72 -12.42
C TYR G 397 8.54 -37.21 -12.26
N PRO G 398 8.16 -36.71 -11.07
CA PRO G 398 6.74 -36.36 -10.90
C PRO G 398 6.37 -35.05 -11.60
N ALA G 399 5.23 -34.47 -11.20
CA ALA G 399 4.72 -33.25 -11.82
C ALA G 399 5.26 -31.99 -11.12
N GLY G 400 5.42 -32.08 -9.81
CA GLY G 400 6.02 -30.99 -9.05
C GLY G 400 7.43 -30.74 -9.55
N GLU G 401 8.24 -31.80 -9.56
CA GLU G 401 9.62 -31.72 -10.04
C GLU G 401 9.69 -31.37 -11.53
N LEU G 402 8.55 -31.47 -12.21
CA LEU G 402 8.49 -31.22 -13.65
C LEU G 402 8.26 -29.75 -13.97
N GLU G 403 7.18 -29.20 -13.40
CA GLU G 403 6.82 -27.80 -13.63
C GLU G 403 7.98 -26.86 -13.30
N LEU G 404 8.75 -27.20 -12.27
CA LEU G 404 9.90 -26.43 -11.82
C LEU G 404 10.91 -26.20 -12.95
N LEU G 405 11.17 -27.26 -13.71
CA LEU G 405 12.15 -27.23 -14.80
C LEU G 405 11.84 -26.11 -15.81
N GLY G 406 10.55 -25.89 -16.05
CA GLY G 406 10.12 -24.87 -16.98
C GLY G 406 10.58 -23.49 -16.56
N ILE G 407 10.47 -23.21 -15.26
CA ILE G 407 10.98 -21.96 -14.72
C ILE G 407 12.46 -21.83 -15.06
N ILE G 408 13.25 -22.82 -14.66
CA ILE G 408 14.68 -22.81 -14.93
C ILE G 408 14.96 -22.65 -16.42
N LYS G 409 14.35 -23.50 -17.24
CA LYS G 409 14.53 -23.41 -18.69
C LYS G 409 14.17 -22.01 -19.20
N ALA G 410 13.15 -21.40 -18.60
CA ALA G 410 12.80 -20.02 -18.94
C ALA G 410 13.89 -19.05 -18.51
N LEU G 411 14.45 -19.26 -17.32
CA LEU G 411 15.50 -18.38 -16.81
C LEU G 411 16.73 -18.56 -17.67
N HIS G 412 16.90 -19.77 -18.20
CA HIS G 412 18.07 -20.10 -18.98
C HIS G 412 18.09 -19.30 -20.27
N HIS G 413 16.91 -18.99 -20.80
CA HIS G 413 16.80 -18.27 -22.07
C HIS G 413 17.43 -16.88 -21.99
N PHE G 414 16.82 -15.99 -21.21
CA PHE G 414 17.27 -14.60 -21.09
C PHE G 414 18.48 -14.47 -20.16
N ARG G 415 19.21 -15.56 -19.97
CA ARG G 415 20.33 -15.58 -19.04
C ARG G 415 21.41 -14.57 -19.40
N TYR G 416 21.63 -14.39 -20.70
CA TYR G 416 22.68 -13.49 -21.17
C TYR G 416 22.24 -12.03 -21.13
N MSE G 417 20.94 -11.82 -20.99
CA MSE G 417 20.39 -10.49 -20.72
C MSE G 417 20.32 -10.26 -19.20
O MSE G 417 20.77 -9.23 -18.69
CB MSE G 417 19.01 -10.32 -21.37
CG MSE G 417 19.05 -10.23 -22.88
SE MSE G 417 17.28 -10.18 -23.76
CE MSE G 417 17.86 -10.23 -25.63
N LEU G 418 19.78 -11.25 -18.48
CA LEU G 418 19.62 -11.17 -17.03
C LEU G 418 20.95 -11.09 -16.28
N HIS G 419 22.02 -11.50 -16.95
CA HIS G 419 23.36 -11.47 -16.35
C HIS G 419 23.68 -10.10 -15.79
N GLY G 420 24.02 -10.05 -14.50
CA GLY G 420 24.43 -8.81 -13.85
C GLY G 420 23.28 -7.92 -13.41
N LYS G 421 22.18 -7.96 -14.15
CA LYS G 421 20.99 -7.21 -13.79
C LYS G 421 20.32 -7.83 -12.57
N HIS G 422 19.55 -7.02 -11.86
CA HIS G 422 18.61 -7.54 -10.87
C HIS G 422 17.21 -7.52 -11.49
N PHE G 423 16.58 -8.68 -11.56
CA PHE G 423 15.23 -8.79 -12.09
C PHE G 423 14.29 -9.30 -11.02
N THR G 424 13.00 -9.21 -11.28
CA THR G 424 12.01 -9.70 -10.33
C THR G 424 11.36 -10.94 -10.91
N LEU G 425 11.27 -12.00 -10.11
CA LEU G 425 10.71 -13.25 -10.60
C LEU G 425 9.31 -13.51 -10.02
N ARG G 426 8.32 -13.55 -10.90
CA ARG G 426 6.97 -13.87 -10.49
C ARG G 426 6.70 -15.35 -10.72
N THR G 427 6.02 -15.99 -9.78
CA THR G 427 5.67 -17.40 -9.90
C THR G 427 4.65 -17.78 -8.85
N ASN G 428 4.26 -19.05 -8.85
CA ASN G 428 3.39 -19.57 -7.81
C ASN G 428 3.88 -20.95 -7.38
N HIS G 429 4.96 -21.40 -8.01
CA HIS G 429 5.54 -22.69 -7.68
C HIS G 429 6.06 -22.69 -6.26
N ILE G 430 5.21 -23.08 -5.31
CA ILE G 430 5.51 -22.93 -3.89
C ILE G 430 6.82 -23.58 -3.43
N SER G 431 7.34 -24.48 -4.24
CA SER G 431 8.66 -25.04 -3.97
C SER G 431 9.72 -24.00 -4.27
N LEU G 432 9.54 -23.30 -5.37
CA LEU G 432 10.45 -22.24 -5.77
C LEU G 432 10.26 -21.03 -4.84
N LEU G 433 9.04 -20.85 -4.34
CA LEU G 433 8.72 -19.73 -3.44
C LEU G 433 9.31 -19.89 -2.05
N SER G 434 9.81 -21.09 -1.73
CA SER G 434 10.38 -21.37 -0.41
C SER G 434 11.66 -20.58 -0.20
N LEU G 435 12.23 -20.14 -1.31
CA LEU G 435 13.45 -19.34 -1.31
C LEU G 435 13.19 -17.93 -0.82
N GLN G 436 11.97 -17.65 -0.41
CA GLN G 436 11.65 -16.37 0.21
C GLN G 436 12.09 -16.43 1.66
N ASN G 437 12.57 -17.60 2.07
CA ASN G 437 12.90 -17.88 3.45
C ASN G 437 14.35 -18.31 3.59
N LYS G 438 14.99 -17.90 4.68
CA LYS G 438 16.40 -18.19 4.91
C LYS G 438 16.64 -19.63 5.35
N ASN G 439 15.64 -20.24 5.97
CA ASN G 439 15.79 -21.60 6.50
C ASN G 439 15.95 -22.64 5.39
N GLU G 440 16.04 -23.91 5.79
CA GLU G 440 16.22 -25.01 4.85
C GLU G 440 15.13 -24.94 3.80
N PRO G 441 15.52 -24.96 2.52
CA PRO G 441 14.57 -24.86 1.41
C PRO G 441 13.78 -26.15 1.14
N ALA G 442 12.68 -26.00 0.42
CA ALA G 442 11.84 -27.12 0.03
C ALA G 442 12.69 -28.15 -0.69
N ARG G 443 12.58 -29.41 -0.28
CA ARG G 443 13.36 -30.50 -0.87
C ARG G 443 13.27 -30.52 -2.40
N ARG G 444 12.10 -30.21 -2.94
CA ARG G 444 11.93 -30.19 -4.39
C ARG G 444 12.78 -29.10 -5.07
N VAL G 445 13.10 -28.03 -4.36
CA VAL G 445 13.87 -26.94 -4.98
C VAL G 445 15.37 -27.13 -4.79
N GLN G 446 15.75 -27.90 -3.78
CA GLN G 446 17.15 -28.07 -3.39
C GLN G 446 18.09 -28.46 -4.54
N ARG G 447 17.49 -28.96 -5.61
CA ARG G 447 18.24 -29.44 -6.76
C ARG G 447 18.69 -28.27 -7.62
N TRP G 448 18.12 -27.09 -7.36
CA TRP G 448 18.35 -25.92 -8.20
C TRP G 448 19.14 -24.80 -7.53
N LEU G 449 19.31 -24.91 -6.21
CA LEU G 449 20.08 -23.95 -5.42
C LEU G 449 21.39 -23.57 -6.10
N ASP G 450 22.16 -24.57 -6.48
CA ASP G 450 23.40 -24.31 -7.18
C ASP G 450 23.10 -23.49 -8.43
N ASP G 451 22.03 -23.84 -9.12
CA ASP G 451 21.75 -23.24 -10.41
C ASP G 451 21.20 -21.83 -10.27
N LEU G 452 20.28 -21.66 -9.33
CA LEU G 452 19.60 -20.38 -9.12
C LEU G 452 20.52 -19.26 -8.65
N ALA G 453 21.69 -19.63 -8.12
CA ALA G 453 22.63 -18.65 -7.54
C ALA G 453 23.05 -17.58 -8.52
N THR G 454 23.23 -17.97 -9.77
CA THR G 454 23.74 -17.06 -10.78
C THR G 454 22.76 -15.95 -11.12
N TYR G 455 21.47 -16.23 -11.02
CA TYR G 455 20.44 -15.23 -11.24
C TYR G 455 20.22 -14.38 -9.99
N ASP G 456 19.90 -13.12 -10.19
CA ASP G 456 19.69 -12.20 -9.08
C ASP G 456 18.25 -11.71 -9.08
N PHE G 457 17.41 -12.32 -8.24
CA PHE G 457 15.98 -12.07 -8.35
C PHE G 457 15.24 -11.85 -7.03
N THR G 458 14.05 -11.28 -7.15
CA THR G 458 13.14 -11.11 -6.02
C THR G 458 11.84 -11.83 -6.35
N LEU G 459 11.50 -12.83 -5.54
CA LEU G 459 10.30 -13.63 -5.79
C LEU G 459 9.03 -12.86 -5.41
N GLU G 460 8.06 -12.83 -6.32
CA GLU G 460 6.79 -12.14 -6.07
C GLU G 460 5.57 -12.92 -6.56
N TYR G 461 4.71 -13.32 -5.61
CA TYR G 461 3.56 -14.18 -5.87
C TYR G 461 2.62 -13.64 -6.96
N LEU G 462 1.96 -14.55 -7.67
CA LEU G 462 1.09 -14.20 -8.79
C LEU G 462 -0.05 -13.24 -8.40
N VAL G 468 -0.71 -13.63 -15.45
CA VAL G 468 -1.66 -14.51 -16.11
C VAL G 468 -1.58 -14.43 -17.64
N VAL G 469 -0.47 -13.88 -18.13
CA VAL G 469 -0.18 -13.83 -19.57
C VAL G 469 0.67 -15.04 -19.96
N ALA G 470 1.58 -15.43 -19.07
CA ALA G 470 2.40 -16.61 -19.27
C ALA G 470 1.53 -17.87 -19.20
N ASP G 471 0.49 -17.81 -18.38
CA ASP G 471 -0.49 -18.89 -18.26
C ASP G 471 -1.05 -19.26 -19.65
N ALA G 472 -1.38 -18.24 -20.43
CA ALA G 472 -1.95 -18.43 -21.75
C ALA G 472 -0.94 -19.04 -22.73
N ILE G 473 0.29 -18.54 -22.70
CA ILE G 473 1.35 -19.04 -23.56
C ILE G 473 1.78 -20.44 -23.11
N SER G 474 1.42 -20.79 -21.88
CA SER G 474 1.68 -22.13 -21.37
C SER G 474 0.61 -23.10 -21.83
N ARG G 475 -0.64 -22.64 -21.83
CA ARG G 475 -1.77 -23.49 -22.18
C ARG G 475 -1.87 -23.72 -23.67
N PRO H 24 37.53 -60.72 27.41
CA PRO H 24 38.16 -59.49 27.88
C PRO H 24 39.56 -59.74 28.43
N VAL H 25 40.24 -60.76 27.91
CA VAL H 25 41.54 -61.14 28.41
C VAL H 25 42.68 -60.64 27.53
N TRP H 26 42.72 -61.12 26.28
CA TRP H 26 43.81 -60.77 25.37
C TRP H 26 43.84 -59.27 25.10
N LEU H 27 42.66 -58.67 25.00
CA LEU H 27 42.56 -57.24 24.76
C LEU H 27 43.05 -56.48 25.98
N GLN H 28 43.04 -57.13 27.13
CA GLN H 28 43.38 -56.48 28.39
C GLN H 28 44.87 -56.30 28.62
N GLN H 29 45.69 -57.15 28.00
CA GLN H 29 47.14 -57.10 28.21
C GLN H 29 47.85 -56.22 27.19
N LYS H 30 47.40 -56.27 25.93
CA LYS H 30 47.95 -55.42 24.89
C LYS H 30 47.76 -53.96 25.24
N TYR H 31 46.61 -53.64 25.82
CA TYR H 31 46.30 -52.28 26.20
C TYR H 31 46.56 -52.06 27.69
N ARG H 32 47.63 -52.66 28.20
CA ARG H 32 47.99 -52.51 29.61
C ARG H 32 48.57 -51.13 29.87
N GLU H 33 48.91 -50.44 28.79
CA GLU H 33 49.48 -49.10 28.88
C GLU H 33 48.41 -48.02 28.95
N ILE H 34 47.49 -48.02 27.98
CA ILE H 34 46.50 -46.95 27.89
C ILE H 34 45.31 -47.12 28.85
N ILE H 35 44.74 -48.31 28.94
CA ILE H 35 43.55 -48.49 29.75
C ILE H 35 43.91 -48.70 31.22
N ARG H 36 44.30 -47.62 31.89
CA ARG H 36 44.62 -47.66 33.30
C ARG H 36 44.16 -46.37 33.96
N ASN H 37 44.08 -46.39 35.28
CA ASN H 37 43.73 -45.18 36.04
C ASN H 37 44.98 -44.36 36.39
N ASP H 38 44.84 -43.05 36.24
CA ASP H 38 45.94 -42.09 36.25
C ASP H 38 46.85 -42.21 35.02
N LEU H 39 47.26 -41.05 34.51
CA LEU H 39 47.93 -40.96 33.22
C LEU H 39 49.44 -41.08 33.29
N PRO H 40 50.01 -41.89 32.39
CA PRO H 40 51.45 -41.88 32.12
C PRO H 40 51.80 -40.86 31.03
N PRO H 41 52.30 -39.67 31.41
CA PRO H 41 52.60 -38.62 30.44
C PRO H 41 53.96 -38.81 29.77
N ARG H 42 53.99 -38.77 28.44
CA ARG H 42 55.22 -38.92 27.69
C ARG H 42 56.09 -37.67 27.83
N PRO H 50 50.11 -36.18 17.43
CA PRO H 50 49.36 -35.82 18.64
C PRO H 50 48.51 -34.57 18.44
N VAL H 51 47.20 -34.72 18.57
CA VAL H 51 46.27 -33.62 18.38
C VAL H 51 46.42 -32.62 19.51
N LYS H 52 46.79 -31.38 19.17
CA LYS H 52 46.95 -30.34 20.17
C LYS H 52 45.88 -29.26 20.02
N HIS H 53 45.85 -28.30 20.94
CA HIS H 53 44.84 -27.25 20.91
C HIS H 53 45.41 -25.83 20.93
N ASP H 54 44.99 -25.02 19.96
CA ASP H 54 45.48 -23.66 19.84
C ASP H 54 44.41 -22.60 20.09
N ILE H 55 44.85 -21.36 20.22
CA ILE H 55 44.01 -20.23 20.53
C ILE H 55 44.52 -19.03 19.73
N GLU H 56 44.02 -18.91 18.51
CA GLU H 56 44.40 -17.82 17.61
C GLU H 56 43.46 -16.64 17.82
N ILE H 57 44.03 -15.44 17.76
CA ILE H 57 43.33 -14.25 18.23
C ILE H 57 42.93 -13.32 17.08
N LYS H 58 41.79 -12.64 17.24
CA LYS H 58 41.36 -11.62 16.30
C LYS H 58 42.41 -10.52 16.24
N PRO H 59 42.72 -10.03 15.03
CA PRO H 59 43.86 -9.13 14.78
C PRO H 59 43.88 -7.81 15.57
N GLY H 60 42.73 -7.20 15.81
CA GLY H 60 42.70 -5.96 16.58
C GLY H 60 42.22 -6.16 18.01
N ALA H 61 42.08 -7.43 18.38
CA ALA H 61 41.59 -7.80 19.70
C ALA H 61 42.70 -7.67 20.74
N ARG H 62 42.30 -7.65 22.00
CA ARG H 62 43.21 -7.42 23.10
C ARG H 62 43.10 -8.52 24.15
N LEU H 63 44.23 -9.11 24.51
CA LEU H 63 44.29 -10.14 25.53
C LEU H 63 43.84 -9.59 26.88
N PRO H 64 43.29 -10.45 27.75
CA PRO H 64 42.79 -9.98 29.05
C PRO H 64 43.90 -9.59 30.01
N ARG H 65 43.60 -8.64 30.90
CA ARG H 65 44.54 -8.22 31.94
C ARG H 65 43.75 -7.99 33.21
N LEU H 66 43.25 -9.08 33.78
CA LEU H 66 42.25 -9.00 34.86
C LEU H 66 42.82 -9.28 36.26
N GLN H 67 42.47 -8.41 37.22
CA GLN H 67 42.88 -8.63 38.59
C GLN H 67 42.09 -9.80 39.17
N PRO H 68 42.73 -10.60 40.04
CA PRO H 68 42.13 -11.83 40.56
C PRO H 68 40.85 -11.57 41.34
N TYR H 69 39.87 -12.46 41.23
CA TYR H 69 38.63 -12.33 41.98
C TYR H 69 38.81 -12.76 43.42
N HIS H 70 38.77 -11.80 44.34
CA HIS H 70 38.86 -12.08 45.77
C HIS H 70 37.73 -13.02 46.21
N VAL H 71 38.01 -13.87 47.18
CA VAL H 71 37.03 -14.79 47.74
C VAL H 71 37.25 -15.00 49.24
N THR H 72 36.34 -15.72 49.88
CA THR H 72 36.35 -15.85 51.34
C THR H 72 37.56 -16.62 51.87
N GLU H 73 37.48 -17.01 53.14
CA GLU H 73 38.60 -17.70 53.79
C GLU H 73 38.74 -19.14 53.32
N LYS H 74 37.65 -19.91 53.45
CA LYS H 74 37.65 -21.32 53.08
C LYS H 74 37.65 -21.55 51.56
N ASN H 75 36.90 -20.73 50.83
CA ASN H 75 36.82 -20.85 49.38
C ASN H 75 38.17 -20.63 48.71
N GLU H 76 38.90 -19.63 49.20
CA GLU H 76 40.23 -19.34 48.68
C GLU H 76 41.19 -20.44 49.13
N GLN H 77 40.96 -20.98 50.32
CA GLN H 77 41.77 -22.06 50.87
C GLN H 77 41.68 -23.30 49.99
N GLU H 78 40.50 -23.49 49.38
CA GLU H 78 40.26 -24.65 48.53
C GLU H 78 40.89 -24.45 47.14
N ILE H 79 41.03 -23.19 46.72
CA ILE H 79 41.58 -22.84 45.42
C ILE H 79 43.06 -23.20 45.30
N ASN H 80 43.88 -22.67 46.19
CA ASN H 80 45.32 -22.97 46.16
C ASN H 80 45.60 -24.45 46.41
N LYS H 81 44.57 -25.15 46.91
CA LYS H 81 44.63 -26.59 47.09
C LYS H 81 44.39 -27.29 45.77
N ILE H 82 43.35 -26.85 45.06
CA ILE H 82 43.00 -27.46 43.78
C ILE H 82 44.05 -27.12 42.72
N VAL H 83 44.70 -25.98 42.87
CA VAL H 83 45.77 -25.61 41.96
C VAL H 83 46.99 -26.47 42.22
N GLN H 84 47.29 -26.68 43.50
CA GLN H 84 48.45 -27.50 43.89
C GLN H 84 48.15 -28.99 43.81
N LYS H 85 47.02 -29.33 43.20
CA LYS H 85 46.73 -30.70 42.79
C LYS H 85 47.02 -30.77 41.30
N LEU H 86 46.56 -29.77 40.57
CA LEU H 86 46.77 -29.68 39.13
C LEU H 86 48.22 -29.28 38.80
N LEU H 87 49.01 -29.06 39.84
CA LEU H 87 50.45 -28.92 39.70
C LEU H 87 51.10 -30.30 39.66
N ASP H 88 50.62 -31.19 40.52
CA ASP H 88 51.15 -32.55 40.60
C ASP H 88 50.42 -33.45 39.60
N ASN H 89 49.26 -32.98 39.14
CA ASN H 89 48.54 -33.66 38.07
C ASN H 89 49.16 -33.32 36.72
N LYS H 90 50.14 -32.43 36.75
CA LYS H 90 50.91 -32.03 35.56
C LYS H 90 50.05 -31.41 34.45
N PHE H 91 49.31 -30.36 34.80
CA PHE H 91 48.51 -29.63 33.83
C PHE H 91 48.97 -28.17 33.73
N ILE H 92 49.12 -27.51 34.87
CA ILE H 92 49.48 -26.09 34.92
C ILE H 92 50.86 -25.86 35.54
N VAL H 93 51.47 -24.73 35.19
CA VAL H 93 52.80 -24.38 35.71
C VAL H 93 52.92 -22.91 36.07
N PRO H 94 53.68 -22.61 37.14
CA PRO H 94 53.91 -21.25 37.65
C PRO H 94 54.66 -20.34 36.66
N SER H 95 53.91 -19.57 35.89
CA SER H 95 54.50 -18.60 34.96
C SER H 95 53.51 -17.50 34.60
N LYS H 96 54.00 -16.26 34.55
CA LYS H 96 53.16 -15.12 34.21
C LYS H 96 53.37 -14.67 32.77
N SER H 97 52.43 -15.03 31.90
CA SER H 97 52.30 -14.36 30.63
C SER H 97 51.78 -12.99 30.99
N PRO H 98 51.97 -12.00 30.10
CA PRO H 98 51.40 -10.68 30.39
C PRO H 98 49.88 -10.68 30.59
N CYS H 99 49.22 -11.77 30.21
CA CYS H 99 47.76 -11.86 30.31
C CYS H 99 47.27 -12.31 31.69
N SER H 100 45.97 -12.20 31.93
CA SER H 100 45.39 -12.55 33.22
C SER H 100 43.88 -12.78 33.14
N SER H 101 43.46 -14.01 33.39
CA SER H 101 42.04 -14.34 33.44
C SER H 101 41.71 -14.92 34.81
N PRO H 102 40.61 -14.45 35.42
CA PRO H 102 40.24 -14.81 36.80
C PRO H 102 39.69 -16.23 36.93
N VAL H 103 39.65 -16.74 38.16
CA VAL H 103 39.19 -18.10 38.41
C VAL H 103 37.80 -18.10 39.04
N VAL H 104 37.10 -19.23 38.93
CA VAL H 104 35.76 -19.35 39.49
C VAL H 104 35.53 -20.71 40.12
N LEU H 105 35.17 -20.74 41.40
CA LEU H 105 34.96 -21.99 42.13
C LEU H 105 33.68 -22.70 41.68
N VAL H 106 33.37 -23.82 42.33
CA VAL H 106 32.21 -24.61 41.96
C VAL H 106 31.70 -25.43 43.15
N PRO H 107 30.37 -25.54 43.31
CA PRO H 107 29.76 -26.27 44.42
C PRO H 107 30.01 -27.79 44.39
N GLY H 111 29.68 -32.82 45.59
CA GLY H 111 29.94 -32.31 46.92
C GLY H 111 31.27 -31.58 47.03
N THR H 112 32.22 -31.95 46.17
CA THR H 112 33.56 -31.34 46.18
C THR H 112 33.58 -30.05 45.37
N PHE H 113 34.76 -29.72 44.85
CA PHE H 113 34.92 -28.48 44.08
C PHE H 113 36.03 -28.55 43.03
N ARG H 114 35.81 -27.85 41.93
CA ARG H 114 36.77 -27.76 40.84
C ARG H 114 36.73 -26.34 40.30
N LEU H 115 37.90 -25.78 40.00
CA LEU H 115 37.97 -24.39 39.57
C LEU H 115 37.68 -24.26 38.08
N CYS H 116 36.99 -23.18 37.72
CA CYS H 116 36.65 -22.92 36.33
C CYS H 116 37.13 -21.54 35.90
N VAL H 117 38.38 -21.46 35.44
CA VAL H 117 38.99 -20.20 35.03
C VAL H 117 38.08 -19.45 34.07
N ASP H 118 37.98 -18.14 34.26
CA ASP H 118 37.00 -17.32 33.54
C ASP H 118 37.61 -16.62 32.33
N TYR H 119 37.66 -17.34 31.20
CA TYR H 119 38.20 -16.80 29.97
C TYR H 119 37.12 -16.12 29.13
N ARG H 120 36.20 -15.42 29.79
CA ARG H 120 35.10 -14.77 29.09
C ARG H 120 35.62 -13.68 28.17
N THR H 121 36.66 -12.98 28.64
CA THR H 121 37.31 -11.95 27.84
C THR H 121 38.09 -12.56 26.69
N LEU H 122 38.88 -13.60 26.99
CA LEU H 122 39.68 -14.29 25.98
C LEU H 122 38.78 -14.72 24.83
N ASN H 123 37.63 -15.27 25.18
CA ASN H 123 36.64 -15.68 24.20
C ASN H 123 36.29 -14.58 23.20
N LYS H 124 35.78 -13.46 23.69
CA LYS H 124 35.36 -12.36 22.82
C LYS H 124 36.52 -11.71 22.06
N ALA H 125 37.65 -12.39 21.99
CA ALA H 125 38.83 -11.83 21.36
C ALA H 125 39.55 -12.89 20.56
N THR H 126 39.00 -14.10 20.57
CA THR H 126 39.59 -15.19 19.79
C THR H 126 38.68 -15.63 18.64
N ILE H 127 39.28 -15.87 17.48
CA ILE H 127 38.52 -16.28 16.31
C ILE H 127 37.78 -17.56 16.63
N SER H 128 36.48 -17.56 16.38
CA SER H 128 35.65 -18.71 16.71
C SER H 128 35.91 -19.84 15.73
N ASP H 129 35.82 -21.07 16.20
CA ASP H 129 35.97 -22.25 15.34
C ASP H 129 34.78 -23.18 15.52
N PRO H 130 33.59 -22.77 15.06
CA PRO H 130 32.40 -23.59 15.27
C PRO H 130 32.53 -24.98 14.64
N PHE H 131 32.33 -26.00 15.47
CA PHE H 131 32.25 -27.36 15.01
C PHE H 131 30.99 -28.01 15.59
N PRO H 132 30.24 -28.76 14.76
CA PRO H 132 28.98 -29.34 15.23
C PRO H 132 29.17 -30.51 16.20
N LEU H 133 28.16 -30.76 17.03
CA LEU H 133 28.18 -31.89 17.96
C LEU H 133 27.13 -32.89 17.51
N PRO H 134 27.29 -34.16 17.87
CA PRO H 134 26.33 -35.14 17.35
C PRO H 134 24.97 -34.93 18.00
N ARG H 135 23.91 -34.95 17.19
CA ARG H 135 22.56 -34.80 17.72
C ARG H 135 22.20 -36.05 18.51
N ILE H 136 21.67 -35.86 19.72
CA ILE H 136 21.28 -36.99 20.56
C ILE H 136 20.20 -37.82 19.88
N ASP H 137 19.21 -37.11 19.31
CA ASP H 137 18.18 -37.69 18.46
C ASP H 137 18.76 -38.68 17.43
N ASN H 138 19.70 -38.19 16.61
CA ASN H 138 20.40 -39.02 15.64
C ASN H 138 21.05 -40.23 16.31
N LEU H 139 21.69 -40.00 17.44
CA LEU H 139 22.43 -41.04 18.15
C LEU H 139 21.51 -42.10 18.77
N LEU H 140 20.21 -41.84 18.81
CA LEU H 140 19.26 -42.78 19.42
C LEU H 140 18.21 -43.34 18.45
N SER H 141 18.49 -43.23 17.16
CA SER H 141 17.72 -43.91 16.14
C SER H 141 18.75 -44.70 15.34
N ARG H 142 19.92 -44.82 15.97
CA ARG H 142 21.09 -45.46 15.39
C ARG H 142 21.27 -46.85 15.98
N ILE H 143 20.77 -47.04 17.21
CA ILE H 143 21.05 -48.24 18.00
C ILE H 143 20.49 -49.54 17.45
N GLY H 144 19.22 -49.53 17.07
CA GLY H 144 18.57 -50.73 16.55
C GLY H 144 18.68 -51.90 17.50
N ASN H 145 18.58 -53.12 16.97
CA ASN H 145 18.72 -54.32 17.79
C ASN H 145 20.18 -54.56 18.13
N ALA H 146 20.47 -54.67 19.43
CA ALA H 146 21.85 -54.77 19.89
C ALA H 146 21.88 -55.27 21.32
N GLN H 147 22.72 -56.26 21.61
CA GLN H 147 22.66 -56.95 22.89
C GLN H 147 23.82 -56.67 23.86
N ILE H 148 24.85 -55.97 23.39
CA ILE H 148 25.95 -55.58 24.28
C ILE H 148 26.21 -54.08 24.23
N PHE H 149 26.84 -53.56 25.27
CA PHE H 149 27.25 -52.17 25.32
C PHE H 149 28.52 -52.04 26.13
N THR H 150 29.48 -51.26 25.62
CA THR H 150 30.75 -51.05 26.32
C THR H 150 31.14 -49.57 26.37
N THR H 151 30.73 -48.89 27.44
CA THR H 151 30.93 -47.46 27.61
C THR H 151 32.30 -47.10 28.18
N LEU H 152 33.05 -46.33 27.41
CA LEU H 152 34.34 -45.83 27.84
C LEU H 152 34.17 -44.47 28.52
N ASP H 153 35.27 -43.92 29.03
CA ASP H 153 35.27 -42.59 29.65
C ASP H 153 36.71 -42.18 29.90
N LEU H 154 37.31 -41.48 28.95
CA LEU H 154 38.69 -41.03 29.11
C LEU H 154 38.82 -40.11 30.32
N HIS H 155 39.80 -40.37 31.18
CA HIS H 155 39.98 -39.54 32.37
C HIS H 155 40.56 -38.18 32.02
N SER H 156 40.13 -37.17 32.76
CA SER H 156 40.56 -35.77 32.55
C SER H 156 40.02 -35.14 31.27
N GLY H 157 39.31 -35.91 30.46
CA GLY H 157 38.70 -35.43 29.23
C GLY H 157 39.52 -34.47 28.39
N TYR H 158 39.09 -33.22 28.37
CA TYR H 158 39.79 -32.13 27.68
C TYR H 158 41.26 -32.06 28.12
N HIS H 159 41.56 -32.58 29.31
CA HIS H 159 42.91 -32.50 29.86
C HIS H 159 43.78 -33.62 29.31
N GLN H 160 43.34 -34.21 28.21
CA GLN H 160 44.18 -35.12 27.45
C GLN H 160 44.72 -34.35 26.25
N ILE H 161 43.91 -33.44 25.74
CA ILE H 161 44.34 -32.59 24.62
C ILE H 161 45.33 -31.56 25.13
N PRO H 162 46.56 -31.57 24.57
CA PRO H 162 47.57 -30.58 24.95
C PRO H 162 47.28 -29.23 24.31
N MSE H 163 47.72 -28.16 24.97
CA MSE H 163 47.67 -26.84 24.38
C MSE H 163 48.89 -26.70 23.51
O MSE H 163 49.87 -27.44 23.68
CB MSE H 163 47.70 -25.77 25.47
CG MSE H 163 46.47 -25.71 26.34
SE MSE H 163 45.01 -24.71 25.54
CE MSE H 163 46.00 -23.11 25.01
N GLU H 164 48.86 -25.76 22.57
CA GLU H 164 50.05 -25.47 21.77
C GLU H 164 51.01 -24.63 22.61
N PRO H 165 52.26 -25.09 22.75
CA PRO H 165 53.25 -24.47 23.64
C PRO H 165 53.40 -22.96 23.41
N LYS H 166 53.29 -22.52 22.17
CA LYS H 166 53.45 -21.10 21.84
C LYS H 166 52.23 -20.28 22.27
N ASP H 167 51.06 -20.92 22.29
CA ASP H 167 49.81 -20.27 22.70
C ASP H 167 49.39 -20.70 24.11
N ARG H 168 50.34 -21.25 24.86
CA ARG H 168 50.06 -21.70 26.22
C ARG H 168 49.87 -20.51 27.16
N TYR H 169 50.40 -19.37 26.75
CA TYR H 169 50.44 -18.20 27.63
C TYR H 169 49.11 -17.49 27.75
N LYS H 170 48.28 -17.57 26.71
CA LYS H 170 46.98 -16.91 26.73
C LYS H 170 46.06 -17.50 27.81
N THR H 171 46.43 -18.65 28.33
CA THR H 171 45.63 -19.32 29.36
C THR H 171 45.97 -18.83 30.76
N ALA H 172 46.59 -17.67 30.85
CA ALA H 172 47.10 -17.16 32.13
C ALA H 172 46.00 -16.90 33.15
N PHE H 173 45.90 -17.77 34.14
CA PHE H 173 44.89 -17.63 35.18
C PHE H 173 45.49 -17.07 36.45
N VAL H 174 44.73 -16.26 37.17
CA VAL H 174 45.20 -15.65 38.40
C VAL H 174 44.37 -16.06 39.61
N THR H 175 45.06 -16.49 40.66
CA THR H 175 44.41 -16.75 41.93
C THR H 175 44.76 -15.54 42.80
N PRO H 176 44.24 -15.48 44.05
CA PRO H 176 44.72 -14.45 44.96
C PRO H 176 46.25 -14.46 45.13
N SER H 177 46.85 -15.64 45.15
CA SER H 177 48.29 -15.76 45.39
C SER H 177 49.18 -15.50 44.16
N GLY H 178 48.94 -16.22 43.07
CA GLY H 178 49.83 -16.13 41.92
C GLY H 178 49.21 -16.43 40.57
N LYS H 179 49.92 -16.08 39.51
CA LYS H 179 49.44 -16.27 38.15
C LYS H 179 50.22 -17.36 37.42
N TYR H 180 49.51 -18.36 36.94
CA TYR H 180 50.15 -19.52 36.31
C TYR H 180 49.55 -19.76 34.92
N GLU H 181 50.14 -20.70 34.18
CA GLU H 181 49.70 -20.98 32.81
C GLU H 181 49.14 -22.40 32.67
N TYR H 182 48.54 -22.68 31.50
CA TYR H 182 48.06 -24.01 31.17
C TYR H 182 48.94 -24.66 30.09
N THR H 183 49.20 -25.96 30.23
CA THR H 183 49.85 -26.73 29.17
C THR H 183 48.83 -27.66 28.52
N VAL H 184 47.73 -27.89 29.22
CA VAL H 184 46.68 -28.78 28.76
C VAL H 184 45.37 -28.00 28.56
N MSE H 185 44.54 -28.44 27.61
CA MSE H 185 43.37 -27.68 27.18
C MSE H 185 42.33 -27.45 28.28
O MSE H 185 41.70 -28.39 28.73
CB MSE H 185 42.70 -28.36 25.99
CG MSE H 185 41.47 -27.63 25.48
SE MSE H 185 40.78 -28.41 23.83
CE MSE H 185 39.97 -30.01 24.55
N PRO H 186 42.15 -26.19 28.68
CA PRO H 186 41.32 -25.81 29.82
C PRO H 186 39.85 -25.62 29.46
N PHE H 187 38.98 -26.46 29.99
CA PHE H 187 37.56 -26.39 29.70
C PHE H 187 36.97 -25.03 29.97
N GLY H 188 36.49 -24.35 28.92
CA GLY H 188 35.90 -23.05 29.10
C GLY H 188 36.37 -22.03 28.09
N LEU H 189 36.88 -22.52 26.97
CA LEU H 189 37.24 -21.65 25.85
C LEU H 189 36.17 -21.80 24.77
N VAL H 190 36.02 -20.79 23.91
CA VAL H 190 35.04 -20.87 22.84
C VAL H 190 35.28 -22.07 21.95
N ASN H 191 36.54 -22.35 21.67
CA ASN H 191 36.89 -23.43 20.76
C ASN H 191 37.31 -24.68 21.51
N ALA H 192 36.93 -24.75 22.77
CA ALA H 192 37.32 -25.87 23.62
C ALA H 192 36.58 -27.18 23.34
N PRO H 193 35.23 -27.13 23.20
CA PRO H 193 34.60 -28.40 22.90
C PRO H 193 34.63 -28.66 21.41
N SER H 194 34.87 -27.62 20.63
CA SER H 194 34.98 -27.75 19.19
C SER H 194 36.12 -28.71 18.87
N THR H 195 37.30 -28.38 19.39
CA THR H 195 38.50 -29.15 19.13
C THR H 195 38.37 -30.61 19.54
N PHE H 196 37.70 -30.86 20.66
CA PHE H 196 37.45 -32.23 21.07
C PHE H 196 36.38 -32.88 20.18
N ALA H 197 35.42 -32.08 19.74
CA ALA H 197 34.36 -32.59 18.86
C ALA H 197 34.92 -33.03 17.51
N ARG H 198 35.84 -32.23 16.98
CA ARG H 198 36.47 -32.48 15.69
C ARG H 198 37.40 -33.68 15.77
N TYR H 199 38.09 -33.81 16.88
CA TYR H 199 38.97 -34.95 17.14
C TYR H 199 38.17 -36.24 17.09
N MSE H 200 37.00 -36.25 17.70
CA MSE H 200 36.20 -37.47 17.83
C MSE H 200 35.53 -37.86 16.52
O MSE H 200 35.41 -39.03 16.20
CB MSE H 200 35.17 -37.33 18.94
CG MSE H 200 35.76 -37.06 20.32
SE MSE H 200 36.97 -38.45 20.96
CE MSE H 200 38.68 -37.56 20.65
N ALA H 201 35.07 -36.87 15.77
CA ALA H 201 34.45 -37.12 14.47
C ALA H 201 35.47 -37.69 13.51
N ASP H 202 36.68 -37.13 13.52
CA ASP H 202 37.75 -37.57 12.64
C ASP H 202 38.13 -39.01 12.91
N THR H 203 37.98 -39.44 14.16
CA THR H 203 38.41 -40.78 14.56
C THR H 203 37.31 -41.84 14.43
N PHE H 204 36.07 -41.47 14.72
CA PHE H 204 34.98 -42.45 14.76
C PHE H 204 33.84 -42.24 13.76
N ARG H 205 34.06 -41.45 12.71
CA ARG H 205 32.97 -41.13 11.80
C ARG H 205 32.50 -42.38 11.05
N ASP H 206 33.43 -43.28 10.75
CA ASP H 206 33.08 -44.49 9.99
C ASP H 206 32.24 -45.47 10.79
N LEU H 207 32.69 -45.79 12.00
CA LEU H 207 32.08 -46.83 12.84
C LEU H 207 30.58 -46.66 13.02
N ARG H 208 29.82 -47.27 12.11
CA ARG H 208 28.37 -47.12 12.05
C ARG H 208 27.67 -47.59 13.34
N PHE H 209 28.34 -48.46 14.09
CA PHE H 209 27.76 -48.98 15.32
C PHE H 209 28.15 -48.15 16.56
N VAL H 210 29.08 -47.23 16.39
CA VAL H 210 29.53 -46.40 17.51
C VAL H 210 28.93 -44.99 17.50
N ASN H 211 28.34 -44.63 18.64
CA ASN H 211 27.94 -43.26 18.91
C ASN H 211 28.94 -42.61 19.86
N VAL H 212 29.40 -41.41 19.54
CA VAL H 212 30.37 -40.74 20.38
C VAL H 212 30.00 -39.27 20.65
N TYR H 213 29.98 -38.90 21.93
CA TYR H 213 29.60 -37.55 22.32
C TYR H 213 30.64 -36.97 23.25
N LEU H 214 31.63 -36.32 22.66
CA LEU H 214 32.73 -35.71 23.41
C LEU H 214 33.47 -36.72 24.29
N ASP H 215 33.30 -36.61 25.60
CA ASP H 215 34.00 -37.49 26.52
C ASP H 215 33.48 -38.91 26.45
N ASP H 216 32.16 -39.08 26.47
CA ASP H 216 31.58 -40.40 26.64
C ASP H 216 31.31 -41.16 25.33
N ILE H 217 31.83 -42.37 25.25
CA ILE H 217 31.71 -43.20 24.06
C ILE H 217 30.83 -44.43 24.31
N LEU H 218 29.85 -44.64 23.43
CA LEU H 218 29.04 -45.84 23.46
C LEU H 218 29.36 -46.66 22.22
N ILE H 219 29.08 -47.96 22.27
CA ILE H 219 29.33 -48.84 21.14
C ILE H 219 28.45 -50.10 21.19
N PHE H 220 27.51 -50.20 20.25
CA PHE H 220 26.51 -51.26 20.27
C PHE H 220 26.61 -52.27 19.12
N SER H 221 26.45 -53.55 19.46
CA SER H 221 26.50 -54.63 18.49
C SER H 221 25.32 -55.57 18.71
N GLU H 222 24.88 -56.23 17.64
CA GLU H 222 23.70 -57.10 17.70
C GLU H 222 23.94 -58.35 18.55
N SER H 223 24.71 -59.30 18.01
CA SER H 223 24.96 -60.53 18.73
C SER H 223 26.14 -60.34 19.69
N PRO H 224 26.19 -61.13 20.77
CA PRO H 224 27.28 -61.11 21.74
C PRO H 224 28.66 -61.39 21.11
N GLU H 225 28.72 -62.29 20.14
CA GLU H 225 30.00 -62.64 19.52
C GLU H 225 30.53 -61.52 18.62
N GLU H 226 29.63 -60.91 17.85
CA GLU H 226 29.96 -59.81 16.95
C GLU H 226 30.49 -58.61 17.73
N HIS H 227 30.19 -58.60 19.03
CA HIS H 227 30.52 -57.50 19.91
C HIS H 227 31.99 -57.33 20.21
N TRP H 228 32.66 -58.43 20.51
CA TRP H 228 34.04 -58.39 20.98
C TRP H 228 34.96 -57.82 19.91
N LYS H 229 34.57 -58.00 18.65
CA LYS H 229 35.32 -57.44 17.53
C LYS H 229 35.02 -55.95 17.38
N HIS H 230 33.81 -55.55 17.77
CA HIS H 230 33.44 -54.14 17.79
C HIS H 230 34.26 -53.40 18.85
N LEU H 231 34.37 -53.99 20.03
CA LEU H 231 35.17 -53.38 21.08
C LEU H 231 36.63 -53.34 20.67
N ASP H 232 37.10 -54.41 20.03
CA ASP H 232 38.47 -54.51 19.56
C ASP H 232 38.84 -53.36 18.62
N THR H 233 37.98 -53.14 17.62
CA THR H 233 38.19 -52.09 16.63
C THR H 233 38.41 -50.72 17.28
N VAL H 234 37.58 -50.36 18.26
CA VAL H 234 37.62 -49.00 18.80
C VAL H 234 38.83 -48.71 19.68
N LEU H 235 39.32 -49.73 20.40
CA LEU H 235 40.45 -49.53 21.29
C LEU H 235 41.75 -49.41 20.50
N GLU H 236 41.72 -49.86 19.25
CA GLU H 236 42.86 -49.72 18.34
C GLU H 236 43.25 -48.25 18.23
N ARG H 237 42.32 -47.46 17.71
CA ARG H 237 42.59 -46.06 17.39
C ARG H 237 42.88 -45.27 18.65
N LEU H 238 42.39 -45.75 19.78
CA LEU H 238 42.66 -45.14 21.09
C LEU H 238 44.14 -45.26 21.51
N LYS H 239 44.79 -46.38 21.18
CA LYS H 239 46.22 -46.51 21.46
C LYS H 239 47.05 -45.67 20.51
N ASN H 240 46.68 -45.66 19.23
CA ASN H 240 47.40 -44.91 18.21
C ASN H 240 47.54 -43.44 18.57
N GLU H 241 46.44 -42.86 19.04
CA GLU H 241 46.43 -41.46 19.48
C GLU H 241 47.01 -41.32 20.89
N ASN H 242 47.35 -42.46 21.49
CA ASN H 242 47.88 -42.51 22.86
C ASN H 242 46.99 -41.78 23.86
N LEU H 243 45.69 -42.00 23.75
CA LEU H 243 44.74 -41.44 24.69
C LEU H 243 44.47 -42.46 25.79
N ILE H 244 44.63 -42.02 27.04
CA ILE H 244 44.51 -42.90 28.20
C ILE H 244 43.07 -42.98 28.70
N VAL H 245 42.58 -44.20 28.90
CA VAL H 245 41.18 -44.39 29.28
C VAL H 245 41.03 -44.83 30.74
N LYS H 246 40.16 -44.13 31.47
CA LYS H 246 39.96 -44.40 32.90
C LYS H 246 39.25 -45.72 33.16
N LYS H 247 39.98 -46.68 33.71
CA LYS H 247 39.47 -48.04 33.86
C LYS H 247 38.32 -48.16 34.88
N LYS H 248 38.56 -47.75 36.12
CA LYS H 248 37.57 -47.93 37.18
C LYS H 248 36.33 -47.08 36.99
N LYS H 249 36.38 -46.13 36.07
CA LYS H 249 35.21 -45.34 35.72
C LYS H 249 34.54 -45.92 34.47
N CYS H 250 35.33 -46.62 33.65
CA CYS H 250 34.83 -47.27 32.45
C CYS H 250 33.79 -48.31 32.78
N LYS H 251 32.94 -48.64 31.81
CA LYS H 251 32.02 -49.75 31.96
C LYS H 251 32.17 -50.69 30.78
N PHE H 252 32.92 -51.76 30.98
CA PHE H 252 33.30 -52.69 29.92
C PHE H 252 32.22 -53.74 29.64
N ALA H 253 32.00 -54.00 28.34
CA ALA H 253 31.16 -55.10 27.83
C ALA H 253 29.99 -55.47 28.74
N SER H 254 28.85 -54.81 28.55
CA SER H 254 27.82 -54.87 29.57
C SER H 254 26.43 -55.33 29.14
N GLU H 255 25.66 -55.74 30.14
CA GLU H 255 24.25 -56.03 29.97
C GLU H 255 23.45 -54.74 30.16
N GLU H 256 23.91 -53.91 31.09
CA GLU H 256 23.30 -52.60 31.37
C GLU H 256 24.34 -51.52 31.69
N THR H 257 24.12 -50.30 31.18
CA THR H 257 25.09 -49.20 31.32
C THR H 257 24.51 -47.79 31.08
N GLU H 258 24.96 -46.85 31.91
CA GLU H 258 24.56 -45.43 31.83
C GLU H 258 25.35 -44.62 30.79
N PHE H 259 24.64 -43.84 29.99
CA PHE H 259 25.29 -43.03 28.95
C PHE H 259 24.40 -41.89 28.43
N LEU H 260 24.94 -40.68 28.46
CA LEU H 260 24.22 -39.47 28.05
C LEU H 260 22.97 -39.21 28.90
N GLY H 261 22.94 -39.78 30.09
CA GLY H 261 21.82 -39.59 31.00
C GLY H 261 20.88 -40.78 31.04
N TYR H 262 21.06 -41.71 30.11
CA TYR H 262 20.19 -42.88 29.98
C TYR H 262 20.91 -44.20 30.26
N SER H 263 20.45 -44.93 31.28
CA SER H 263 20.99 -46.25 31.56
C SER H 263 20.64 -47.20 30.42
N ILE H 264 21.35 -47.08 29.31
CA ILE H 264 21.09 -47.91 28.15
C ILE H 264 21.43 -49.37 28.43
N GLY H 265 20.43 -50.12 28.87
CA GLY H 265 20.57 -51.53 29.15
C GLY H 265 20.35 -52.38 27.91
N ILE H 266 19.98 -53.65 28.11
CA ILE H 266 19.94 -54.65 27.04
C ILE H 266 19.23 -54.23 25.74
N GLN H 267 17.94 -54.55 25.60
CA GLN H 267 17.20 -54.15 24.41
C GLN H 267 16.48 -52.85 24.70
N LYS H 268 17.05 -52.05 25.59
CA LYS H 268 16.37 -50.84 26.05
C LYS H 268 17.28 -49.66 26.31
N ILE H 269 16.66 -48.47 26.37
CA ILE H 269 17.31 -47.22 26.70
C ILE H 269 16.40 -46.51 27.70
N ALA H 270 16.67 -46.68 28.99
CA ALA H 270 15.79 -46.18 30.06
C ALA H 270 16.28 -44.81 30.56
N PRO H 271 15.50 -44.12 31.42
CA PRO H 271 16.02 -42.82 31.85
C PRO H 271 16.95 -42.94 33.07
N HIS H 274 20.10 -41.91 38.49
CA HIS H 274 19.73 -41.11 39.66
C HIS H 274 18.75 -40.01 39.29
N LYS H 275 18.84 -39.54 38.06
CA LYS H 275 18.05 -38.40 37.59
C LYS H 275 16.54 -38.65 37.72
N CYS H 276 16.16 -39.92 37.73
CA CYS H 276 14.76 -40.29 37.85
C CYS H 276 14.18 -39.85 39.19
N ALA H 277 15.00 -39.91 40.24
CA ALA H 277 14.53 -39.66 41.60
C ALA H 277 14.38 -38.18 41.95
N ALA H 278 15.20 -37.33 41.35
CA ALA H 278 15.10 -35.89 41.58
C ALA H 278 13.91 -35.33 40.81
N ILE H 279 13.42 -36.09 39.84
CA ILE H 279 12.25 -35.71 39.06
C ILE H 279 10.97 -36.24 39.70
N ARG H 280 11.08 -36.74 40.92
CA ARG H 280 9.93 -37.15 41.71
C ARG H 280 9.79 -36.23 42.92
N ASP H 281 10.92 -36.03 43.60
CA ASP H 281 10.97 -35.33 44.88
C ASP H 281 11.04 -33.81 44.73
N PHE H 282 11.11 -33.32 43.50
CA PHE H 282 11.09 -31.89 43.24
C PHE H 282 9.74 -31.35 43.66
N PRO H 283 9.73 -30.40 44.62
CA PRO H 283 8.53 -29.88 45.27
C PRO H 283 7.52 -29.26 44.32
N THR H 284 6.23 -29.41 44.62
CA THR H 284 5.14 -28.92 43.78
C THR H 284 5.25 -27.41 43.50
N PRO H 285 4.88 -26.98 42.28
CA PRO H 285 4.95 -25.56 41.88
C PRO H 285 4.36 -24.60 42.91
N LYS H 286 5.22 -23.80 43.54
CA LYS H 286 4.79 -22.80 44.53
C LYS H 286 4.55 -21.43 43.90
N THR H 287 5.52 -20.96 43.12
CA THR H 287 5.33 -19.80 42.26
C THR H 287 5.39 -20.27 40.80
N VAL H 288 5.74 -19.38 39.89
CA VAL H 288 5.74 -19.72 38.47
C VAL H 288 7.11 -20.21 37.97
N LYS H 289 8.18 -19.73 38.60
CA LYS H 289 9.53 -20.16 38.22
C LYS H 289 9.67 -21.67 38.31
N GLN H 290 9.17 -22.26 39.38
CA GLN H 290 9.21 -23.71 39.51
C GLN H 290 7.95 -24.36 38.91
N ALA H 291 7.10 -23.53 38.30
CA ALA H 291 5.97 -24.05 37.53
C ALA H 291 6.45 -24.32 36.11
N GLN H 292 7.43 -23.52 35.68
CA GLN H 292 8.10 -23.73 34.41
C GLN H 292 9.35 -24.60 34.61
N ARG H 293 10.03 -24.41 35.73
CA ARG H 293 11.24 -25.18 36.04
C ARG H 293 10.95 -26.65 36.23
N PHE H 294 9.68 -27.00 36.34
CA PHE H 294 9.30 -28.40 36.52
C PHE H 294 9.10 -29.06 35.15
N LEU H 295 8.59 -28.28 34.21
CA LEU H 295 8.31 -28.75 32.85
C LEU H 295 9.61 -28.99 32.07
N GLY H 296 10.63 -28.19 32.38
CA GLY H 296 11.94 -28.36 31.78
C GLY H 296 12.61 -29.62 32.27
N MSE H 297 12.12 -30.15 33.39
CA MSE H 297 12.62 -31.40 33.93
C MSE H 297 11.89 -32.54 33.27
O MSE H 297 12.40 -33.66 33.17
CB MSE H 297 12.42 -31.47 35.44
CG MSE H 297 13.04 -30.31 36.20
SE MSE H 297 13.40 -30.71 38.08
CE MSE H 297 14.92 -31.92 37.84
N ILE H 298 10.67 -32.25 32.84
CA ILE H 298 9.87 -33.22 32.10
C ILE H 298 10.17 -33.09 30.60
N ASN H 299 10.83 -32.00 30.24
CA ASN H 299 11.12 -31.71 28.83
C ASN H 299 12.15 -32.64 28.21
N TYR H 300 13.11 -33.10 29.01
CA TYR H 300 14.17 -33.95 28.46
C TYR H 300 13.62 -35.28 27.99
N TYR H 301 12.57 -35.75 28.67
CA TYR H 301 11.95 -37.05 28.36
C TYR H 301 10.52 -36.88 27.86
N ARG H 302 10.31 -35.89 26.99
CA ARG H 302 9.03 -35.74 26.32
C ARG H 302 8.75 -36.98 25.51
N ARG H 303 9.83 -37.71 25.22
CA ARG H 303 9.84 -38.87 24.32
C ARG H 303 9.18 -40.10 24.93
N PHE H 304 9.49 -40.39 26.19
CA PHE H 304 8.75 -41.40 26.93
C PHE H 304 7.27 -41.01 26.87
N ILE H 305 6.91 -40.02 27.68
CA ILE H 305 5.56 -39.44 27.75
C ILE H 305 4.82 -39.28 26.41
N PRO H 306 3.57 -39.77 26.34
CA PRO H 306 2.75 -39.63 25.15
C PRO H 306 1.80 -38.44 25.25
N ASN H 307 1.28 -37.99 24.12
CA ASN H 307 0.25 -36.93 24.03
C ASN H 307 0.16 -36.00 25.25
N CYS H 308 1.12 -35.10 25.39
CA CYS H 308 1.30 -34.34 26.63
C CYS H 308 0.92 -32.87 26.55
N SER H 309 0.69 -32.36 25.34
CA SER H 309 0.36 -30.95 25.21
C SER H 309 -0.98 -30.66 25.87
N LYS H 310 -1.94 -31.55 25.67
CA LYS H 310 -3.22 -31.42 26.36
C LYS H 310 -2.98 -31.65 27.84
N ILE H 311 -2.10 -32.60 28.16
CA ILE H 311 -1.81 -32.95 29.55
C ILE H 311 -1.14 -31.81 30.31
N ALA H 312 -0.53 -30.88 29.59
CA ALA H 312 0.19 -29.80 30.23
C ALA H 312 -0.46 -28.42 30.06
N GLN H 313 -1.23 -28.27 28.99
CA GLN H 313 -1.79 -26.97 28.57
C GLN H 313 -2.20 -25.96 29.67
N PRO H 314 -2.97 -26.40 30.69
CA PRO H 314 -3.35 -25.48 31.75
C PRO H 314 -2.17 -24.79 32.45
N ILE H 315 -1.01 -25.43 32.49
CA ILE H 315 0.17 -24.86 33.13
C ILE H 315 0.60 -23.56 32.45
N THR H 326 -6.97 -22.22 39.98
CA THR H 326 -5.97 -23.11 39.39
C THR H 326 -5.86 -24.43 40.16
N GLU H 327 -6.54 -25.45 39.68
CA GLU H 327 -6.51 -26.80 40.25
C GLU H 327 -6.25 -27.85 39.17
N LYS H 328 -6.82 -27.62 38.00
CA LYS H 328 -6.70 -28.54 36.87
C LYS H 328 -5.24 -28.69 36.47
N GLN H 329 -4.44 -27.67 36.76
CA GLN H 329 -3.02 -27.69 36.48
C GLN H 329 -2.26 -28.59 37.47
N ASP H 330 -2.71 -28.60 38.72
CA ASP H 330 -2.08 -29.40 39.76
C ASP H 330 -2.63 -30.82 39.70
N LYS H 331 -3.82 -30.96 39.13
CA LYS H 331 -4.43 -32.27 38.93
C LYS H 331 -3.92 -32.93 37.65
N ALA H 332 -2.98 -32.26 36.98
CA ALA H 332 -2.44 -32.76 35.71
C ALA H 332 -0.97 -33.17 35.82
N ILE H 333 -0.27 -32.67 36.83
CA ILE H 333 1.15 -32.96 36.99
C ILE H 333 1.41 -34.27 37.75
N ASP H 334 0.35 -34.90 38.25
CA ASP H 334 0.47 -36.18 38.92
C ASP H 334 0.47 -37.32 37.90
N LYS H 335 -0.09 -37.05 36.73
CA LYS H 335 -0.02 -37.96 35.60
C LYS H 335 1.37 -37.89 34.99
N LEU H 336 2.09 -36.82 35.35
CA LEU H 336 3.45 -36.57 34.87
C LEU H 336 4.51 -37.23 35.75
N LYS H 337 4.08 -38.02 36.73
CA LYS H 337 5.02 -38.71 37.60
C LYS H 337 5.09 -40.21 37.27
N SER H 343 6.22 -48.68 32.15
CA SER H 343 6.03 -47.24 31.96
C SER H 343 7.27 -46.54 31.38
N PRO H 344 8.45 -46.71 32.03
CA PRO H 344 9.63 -46.08 31.44
C PRO H 344 10.09 -46.84 30.19
N VAL H 345 9.40 -46.60 29.07
CA VAL H 345 9.64 -47.38 27.86
C VAL H 345 10.49 -46.66 26.79
N LEU H 346 11.54 -47.33 26.31
CA LEU H 346 12.25 -46.89 25.12
C LEU H 346 13.26 -47.89 24.57
N VAL H 347 12.85 -48.65 23.56
CA VAL H 347 13.75 -49.49 22.80
C VAL H 347 14.29 -48.65 21.64
N PRO H 348 15.34 -49.13 20.95
CA PRO H 348 15.91 -48.37 19.81
C PRO H 348 15.14 -48.48 18.48
N PHE H 349 15.82 -48.08 17.40
CA PHE H 349 15.26 -48.02 16.04
C PHE H 349 15.55 -49.30 15.26
N ASN H 354 10.17 -52.23 11.55
CA ASN H 354 8.96 -52.52 12.33
C ASN H 354 8.41 -51.33 13.14
N TYR H 355 7.75 -50.39 12.46
CA TYR H 355 7.34 -49.11 13.08
C TYR H 355 5.90 -48.69 12.82
N ARG H 356 4.94 -49.22 13.57
CA ARG H 356 3.59 -48.74 13.41
C ARG H 356 3.47 -47.34 14.02
N LEU H 357 3.99 -46.35 13.32
CA LEU H 357 4.00 -44.96 13.81
C LEU H 357 2.65 -44.26 13.68
N THR H 358 1.87 -44.22 14.74
CA THR H 358 0.57 -43.58 14.70
C THR H 358 0.66 -42.18 15.25
N THR H 359 -0.17 -41.27 14.74
CA THR H 359 -0.13 -39.87 15.14
C THR H 359 -1.52 -39.23 15.17
N ASP H 360 -2.31 -39.52 16.20
CA ASP H 360 -3.67 -38.97 16.32
C ASP H 360 -3.67 -37.45 16.36
N ALA H 361 -4.82 -36.85 16.08
CA ALA H 361 -4.94 -35.41 16.04
C ALA H 361 -6.23 -34.95 16.73
N SER H 362 -6.09 -34.09 17.72
CA SER H 362 -7.25 -33.60 18.46
C SER H 362 -7.46 -32.10 18.23
N LYS H 363 -8.59 -31.59 18.72
CA LYS H 363 -8.87 -30.16 18.67
C LYS H 363 -7.92 -29.42 19.59
N ASP H 364 -7.26 -28.40 19.06
CA ASP H 364 -6.29 -27.60 19.82
C ASP H 364 -5.06 -28.40 20.24
N GLY H 365 -4.77 -29.49 19.52
CA GLY H 365 -3.67 -30.38 19.88
C GLY H 365 -2.99 -31.11 18.74
N ILE H 366 -1.76 -31.58 18.99
CA ILE H 366 -0.92 -32.22 17.97
C ILE H 366 -0.02 -33.30 18.60
N GLY H 367 -0.26 -34.57 18.27
CA GLY H 367 0.44 -35.65 18.93
C GLY H 367 0.76 -36.86 18.08
N ALA H 368 1.78 -37.61 18.51
CA ALA H 368 2.31 -38.76 17.78
C ALA H 368 3.10 -39.70 18.68
N VAL H 369 3.28 -40.94 18.25
CA VAL H 369 4.15 -41.90 18.93
C VAL H 369 4.88 -42.76 17.88
N LEU H 370 5.89 -43.50 18.33
CA LEU H 370 6.61 -44.48 17.49
C LEU H 370 6.44 -45.90 18.06
N GLU H 371 6.43 -46.90 17.20
CA GLU H 371 6.34 -48.29 17.65
C GLU H 371 7.49 -49.16 17.11
N VAL H 383 9.67 -47.93 21.39
CA VAL H 383 8.68 -46.87 21.60
C VAL H 383 9.27 -45.47 21.33
N GLY H 384 8.62 -44.44 21.87
CA GLY H 384 9.04 -43.06 21.66
C GLY H 384 7.88 -42.18 21.23
N TYR H 385 7.58 -41.14 22.01
CA TYR H 385 6.36 -40.34 21.79
C TYR H 385 6.61 -38.84 21.63
N PHE H 386 5.59 -38.13 21.15
CA PHE H 386 5.69 -36.75 20.71
C PHE H 386 4.47 -35.93 21.14
N SER H 387 4.59 -34.60 21.18
CA SER H 387 3.47 -33.72 21.51
C SER H 387 3.79 -32.24 21.31
N LYS H 388 2.75 -31.44 21.05
CA LYS H 388 2.87 -29.98 20.87
C LYS H 388 1.48 -29.33 20.87
N SER H 389 1.40 -28.02 21.08
CA SER H 389 0.10 -27.33 21.11
C SER H 389 -0.36 -26.82 19.75
N LEU H 390 -1.57 -26.27 19.70
CA LEU H 390 -2.11 -25.75 18.45
C LEU H 390 -1.61 -24.35 18.15
N GLU H 391 -1.62 -23.98 16.87
CA GLU H 391 -1.05 -22.72 16.41
C GLU H 391 -1.89 -21.53 16.85
N SER H 392 -1.43 -20.33 16.52
CA SER H 392 -2.10 -19.10 16.92
C SER H 392 -3.40 -18.86 16.16
N ALA H 393 -3.44 -19.30 14.91
CA ALA H 393 -4.60 -19.09 14.05
C ALA H 393 -5.53 -20.31 14.01
N GLN H 394 -6.80 -20.08 14.34
CA GLN H 394 -7.83 -21.11 14.47
C GLN H 394 -7.48 -22.18 15.49
N GLY H 400 -10.91 -28.61 8.48
CA GLY H 400 -10.52 -29.76 7.71
C GLY H 400 -9.08 -29.66 7.23
N GLU H 401 -8.75 -28.53 6.61
CA GLU H 401 -7.40 -28.24 6.15
C GLU H 401 -6.44 -28.05 7.33
N LEU H 402 -7.00 -27.93 8.52
CA LEU H 402 -6.20 -27.92 9.74
C LEU H 402 -5.63 -29.33 9.97
N GLU H 403 -6.39 -30.35 9.57
CA GLU H 403 -5.99 -31.73 9.84
C GLU H 403 -4.82 -32.17 8.98
N LEU H 404 -4.62 -31.48 7.85
CA LEU H 404 -3.45 -31.70 7.01
C LEU H 404 -2.16 -31.33 7.78
N LEU H 405 -2.20 -30.18 8.44
CA LEU H 405 -1.11 -29.66 9.27
C LEU H 405 -0.50 -30.68 10.21
N GLY H 406 -1.31 -31.25 11.09
CA GLY H 406 -0.84 -32.23 12.06
C GLY H 406 -0.28 -33.48 11.41
N ILE H 407 -0.68 -33.72 10.16
CA ILE H 407 -0.18 -34.86 9.41
C ILE H 407 1.11 -34.48 8.70
N ILE H 408 1.47 -33.20 8.75
CA ILE H 408 2.68 -32.72 8.10
C ILE H 408 3.76 -32.40 9.12
N LYS H 409 3.35 -31.95 10.30
CA LYS H 409 4.28 -31.64 11.37
C LYS H 409 4.70 -32.95 12.01
N ALA H 410 3.98 -34.01 11.67
CA ALA H 410 4.25 -35.32 12.25
C ALA H 410 5.50 -35.93 11.64
N LEU H 411 5.58 -35.95 10.32
CA LEU H 411 6.70 -36.57 9.65
C LEU H 411 7.95 -35.69 9.78
N HIS H 412 7.74 -34.39 9.87
CA HIS H 412 8.85 -33.44 9.97
C HIS H 412 9.56 -33.64 11.29
N HIS H 413 8.80 -33.96 12.34
CA HIS H 413 9.39 -34.22 13.65
C HIS H 413 10.20 -35.49 13.60
N PHE H 414 9.88 -36.35 12.64
CA PHE H 414 10.59 -37.61 12.46
C PHE H 414 11.37 -37.63 11.14
N ARG H 415 11.65 -36.44 10.60
CA ARG H 415 12.31 -36.31 9.29
C ARG H 415 13.55 -37.18 9.19
N TYR H 416 14.24 -37.36 10.31
CA TYR H 416 15.48 -38.13 10.32
C TYR H 416 15.21 -39.62 10.43
N MSE H 417 14.04 -40.03 9.96
CA MSE H 417 13.62 -41.42 9.98
C MSE H 417 12.81 -41.73 8.74
O MSE H 417 13.26 -42.42 7.84
CB MSE H 417 12.75 -41.70 11.21
CG MSE H 417 13.47 -41.62 12.54
SE MSE H 417 12.27 -41.63 14.07
CE MSE H 417 13.51 -42.35 15.41
N LEU H 418 11.61 -41.17 8.70
CA LEU H 418 10.63 -41.46 7.66
C LEU H 418 11.07 -41.08 6.26
N HIS H 419 12.17 -40.34 6.15
CA HIS H 419 12.67 -39.91 4.86
C HIS H 419 14.05 -40.50 4.59
N GLY H 420 14.09 -41.72 4.03
CA GLY H 420 12.90 -42.44 3.63
C GLY H 420 13.00 -43.93 3.83
N LYS H 421 12.29 -44.43 4.85
CA LYS H 421 12.15 -45.87 5.12
C LYS H 421 10.67 -46.25 5.19
N HIS H 422 10.35 -47.51 4.93
CA HIS H 422 8.95 -47.91 4.79
C HIS H 422 8.27 -48.32 6.10
N PHE H 423 8.10 -47.35 7.00
CA PHE H 423 7.32 -47.56 8.23
C PHE H 423 5.87 -47.17 7.97
N THR H 424 4.94 -47.97 8.47
CA THR H 424 3.53 -47.70 8.22
C THR H 424 2.98 -46.60 9.14
N LEU H 425 2.31 -45.64 8.54
CA LEU H 425 1.71 -44.52 9.27
C LEU H 425 0.29 -44.91 9.69
N ARG H 426 -0.19 -44.33 10.79
CA ARG H 426 -1.61 -44.37 11.17
C ARG H 426 -2.02 -43.03 11.78
N THR H 427 -3.30 -42.70 11.67
CA THR H 427 -3.83 -41.42 12.14
C THR H 427 -5.32 -41.59 12.44
N ASN H 428 -5.84 -40.81 13.39
CA ASN H 428 -7.21 -41.03 13.87
C ASN H 428 -8.31 -40.85 12.81
N HIS H 429 -8.60 -39.61 12.45
CA HIS H 429 -9.67 -39.33 11.50
C HIS H 429 -9.20 -38.51 10.29
N ILE H 430 -8.02 -38.84 9.76
CA ILE H 430 -7.51 -38.16 8.58
C ILE H 430 -7.35 -39.13 7.42
N GLU H 440 -10.06 -24.95 -3.12
CA GLU H 440 -9.52 -23.65 -2.74
C GLU H 440 -7.99 -23.69 -2.55
N PRO H 441 -7.23 -23.32 -3.60
CA PRO H 441 -5.77 -23.46 -3.57
C PRO H 441 -5.10 -22.26 -2.94
N ALA H 442 -5.03 -22.24 -1.60
CA ALA H 442 -4.38 -21.13 -0.90
C ALA H 442 -2.87 -21.23 -0.97
N ARG H 443 -2.18 -20.17 -0.53
CA ARG H 443 -0.72 -20.11 -0.56
C ARG H 443 -0.07 -21.06 0.46
N ARG H 444 -0.64 -21.14 1.65
CA ARG H 444 -0.14 -22.04 2.67
C ARG H 444 -0.56 -23.46 2.29
N VAL H 445 -1.72 -23.55 1.65
CA VAL H 445 -2.30 -24.85 1.25
C VAL H 445 -1.40 -25.59 0.26
N GLN H 446 -1.03 -24.93 -0.84
CA GLN H 446 -0.11 -25.52 -1.80
C GLN H 446 1.18 -25.93 -1.08
N ARG H 447 1.69 -25.02 -0.25
CA ARG H 447 2.93 -25.22 0.50
C ARG H 447 2.87 -26.46 1.42
N TRP H 448 1.66 -26.87 1.81
CA TRP H 448 1.54 -28.11 2.55
C TRP H 448 1.78 -29.28 1.61
N LEU H 449 1.34 -29.13 0.38
CA LEU H 449 1.34 -30.27 -0.53
C LEU H 449 2.76 -30.69 -0.98
N ASP H 450 3.66 -29.72 -1.10
CA ASP H 450 5.03 -30.00 -1.52
C ASP H 450 5.69 -31.04 -0.63
N ASP H 451 5.79 -30.73 0.65
CA ASP H 451 6.52 -31.56 1.60
C ASP H 451 5.99 -32.99 1.64
N LEU H 452 4.69 -33.12 1.45
CA LEU H 452 4.02 -34.41 1.52
C LEU H 452 4.54 -35.32 0.42
N ALA H 453 4.55 -34.82 -0.81
CA ALA H 453 4.94 -35.59 -1.98
C ALA H 453 6.33 -36.21 -1.91
N THR H 454 7.12 -35.81 -0.91
CA THR H 454 8.51 -36.18 -0.88
C THR H 454 8.88 -37.23 0.19
N TYR H 455 7.89 -37.91 0.75
CA TYR H 455 8.17 -38.89 1.80
C TYR H 455 7.98 -40.34 1.37
N ASP H 456 8.17 -41.26 2.33
CA ASP H 456 8.01 -42.71 2.09
C ASP H 456 7.37 -43.38 3.31
N PHE H 457 6.23 -44.03 3.08
CA PHE H 457 5.40 -44.61 4.13
C PHE H 457 4.14 -45.23 3.52
N THR H 458 3.11 -45.41 4.34
CA THR H 458 1.84 -45.98 3.93
C THR H 458 0.77 -45.35 4.82
N LEU H 459 -0.44 -45.17 4.31
CA LEU H 459 -1.56 -44.75 5.16
C LEU H 459 -2.75 -45.73 5.16
N GLU H 460 -3.33 -45.98 6.33
CA GLU H 460 -4.49 -46.81 6.44
C GLU H 460 -5.74 -45.97 6.69
S SO4 I . -24.15 5.19 30.78
O1 SO4 I . -24.90 4.98 32.01
O2 SO4 I . -22.82 4.63 30.97
O3 SO4 I . -24.06 6.63 30.52
O4 SO4 I . -24.81 4.53 29.66
S SO4 J . -24.55 1.73 25.54
O1 SO4 J . -23.74 0.60 26.01
O2 SO4 J . -24.93 2.57 26.67
O3 SO4 J . -23.76 2.51 24.59
O4 SO4 J . -25.75 1.23 24.88
#